data_6QBI
#
_entry.id   6QBI
#
_cell.length_a   1.000
_cell.length_b   1.000
_cell.length_c   1.000
_cell.angle_alpha   90.00
_cell.angle_beta   90.00
_cell.angle_gamma   90.00
#
_symmetry.space_group_name_H-M   'P 1'
#
_entity_poly.entity_id   1
_entity_poly.type   'polypeptide(L)'
_entity_poly.pdbx_seq_one_letter_code
;GAMGPKSKEELLREKLSEDQKTHLDWLKEALGNDGEFDKFLGYDESKIKTALDHIKSELDKCNGNDADQQKTTFKQTVQG
ALSGGIDGFGSNNAVTTCGNGS
;
_entity_poly.pdbx_strand_id   A
#
# COMPACT_ATOMS: atom_id res chain seq x y z
N GLY A 1 10.50 6.20 -11.70
CA GLY A 1 9.71 7.40 -11.33
C GLY A 1 9.02 8.01 -12.54
N ALA A 2 7.91 8.68 -12.31
CA ALA A 2 7.16 9.30 -13.39
C ALA A 2 7.72 10.67 -13.73
N MET A 3 7.56 11.07 -14.99
CA MET A 3 8.02 12.38 -15.44
C MET A 3 6.85 13.19 -15.96
N GLY A 4 6.98 14.51 -15.91
CA GLY A 4 5.90 15.39 -16.32
C GLY A 4 5.31 16.12 -15.13
N PRO A 5 4.00 16.41 -15.17
CA PRO A 5 3.31 17.07 -14.06
C PRO A 5 2.81 16.07 -13.02
N LYS A 6 2.01 16.56 -12.07
CA LYS A 6 1.39 15.71 -11.07
C LYS A 6 0.45 14.71 -11.73
N SER A 7 0.49 13.47 -11.28
CA SER A 7 -0.25 12.39 -11.91
C SER A 7 -1.43 11.96 -11.03
N LYS A 8 -2.04 10.82 -11.38
CA LYS A 8 -3.18 10.29 -10.62
C LYS A 8 -2.83 10.18 -9.13
N GLU A 9 -1.59 9.80 -8.84
CA GLU A 9 -1.13 9.64 -7.46
C GLU A 9 -1.23 10.95 -6.69
N GLU A 10 -1.08 12.06 -7.42
CA GLU A 10 -1.13 13.38 -6.82
C GLU A 10 -2.56 13.90 -6.74
N LEU A 11 -3.37 13.51 -7.71
CA LEU A 11 -4.75 13.97 -7.78
C LEU A 11 -5.63 13.21 -6.79
N LEU A 12 -5.26 11.97 -6.54
CA LEU A 12 -5.96 11.14 -5.57
C LEU A 12 -5.44 11.48 -4.18
N ARG A 13 -4.21 11.96 -4.16
CA ARG A 13 -3.51 12.32 -2.94
C ARG A 13 -4.33 13.30 -2.12
N GLU A 14 -4.83 14.35 -2.78
CA GLU A 14 -5.60 15.39 -2.13
C GLU A 14 -6.84 14.85 -1.41
N LYS A 15 -7.51 13.91 -2.04
CA LYS A 15 -8.76 13.37 -1.52
C LYS A 15 -8.51 12.34 -0.43
N LEU A 16 -7.30 11.81 -0.39
CA LEU A 16 -6.93 10.83 0.61
C LEU A 16 -6.46 11.51 1.88
N SER A 17 -6.37 10.74 2.95
CA SER A 17 -5.87 11.23 4.22
C SER A 17 -4.36 11.29 4.19
N GLU A 18 -3.77 11.97 5.17
CA GLU A 18 -2.32 12.12 5.24
C GLU A 18 -1.68 10.75 5.44
N ASP A 19 -2.40 9.89 6.14
CA ASP A 19 -2.00 8.50 6.33
C ASP A 19 -1.86 7.83 4.97
N GLN A 20 -2.94 7.90 4.20
CA GLN A 20 -3.06 7.20 2.93
C GLN A 20 -2.04 7.72 1.91
N LYS A 21 -1.71 9.01 1.98
CA LYS A 21 -0.67 9.58 1.13
C LYS A 21 0.65 8.88 1.37
N THR A 22 0.95 8.64 2.64
CA THR A 22 2.21 8.00 3.03
C THR A 22 2.28 6.57 2.49
N HIS A 23 1.16 5.86 2.56
CA HIS A 23 1.12 4.47 2.13
C HIS A 23 1.07 4.36 0.62
N LEU A 24 0.68 5.45 -0.05
CA LEU A 24 0.78 5.50 -1.51
C LEU A 24 2.23 5.41 -1.94
N ASP A 25 3.07 6.21 -1.29
CA ASP A 25 4.51 6.20 -1.56
C ASP A 25 5.10 4.85 -1.20
N TRP A 26 4.68 4.32 -0.06
CA TRP A 26 5.10 3.01 0.42
C TRP A 26 4.77 1.93 -0.62
N LEU A 27 3.52 1.96 -1.10
CA LEU A 27 3.06 0.99 -2.08
C LEU A 27 3.82 1.16 -3.39
N LYS A 28 4.06 2.40 -3.76
CA LYS A 28 4.80 2.71 -4.97
C LYS A 28 6.21 2.14 -4.90
N GLU A 29 6.86 2.36 -3.78
CA GLU A 29 8.18 1.77 -3.53
C GLU A 29 8.13 0.25 -3.70
N ALA A 30 7.10 -0.36 -3.14
CA ALA A 30 6.90 -1.79 -3.26
C ALA A 30 6.87 -2.21 -4.73
N LEU A 31 5.91 -1.65 -5.46
CA LEU A 31 5.70 -1.98 -6.85
C LEU A 31 6.88 -1.56 -7.72
N GLY A 32 7.49 -0.43 -7.39
CA GLY A 32 8.66 0.04 -8.12
C GLY A 32 8.30 0.73 -9.43
N ASN A 33 7.49 0.05 -10.23
CA ASN A 33 7.09 0.56 -11.52
C ASN A 33 5.86 1.44 -11.42
N ASP A 34 5.89 2.55 -12.15
CA ASP A 34 4.80 3.52 -12.15
C ASP A 34 3.56 2.92 -12.78
N GLY A 35 3.76 2.11 -13.81
CA GLY A 35 2.65 1.48 -14.51
C GLY A 35 1.82 0.58 -13.61
N GLU A 36 2.48 -0.09 -12.67
CA GLU A 36 1.80 -0.99 -11.75
C GLU A 36 1.02 -0.19 -10.71
N PHE A 37 1.66 0.86 -10.19
CA PHE A 37 1.03 1.71 -9.19
C PHE A 37 -0.15 2.47 -9.79
N ASP A 38 -0.04 2.77 -11.08
CA ASP A 38 -1.11 3.42 -11.84
C ASP A 38 -2.37 2.58 -11.79
N LYS A 39 -2.20 1.27 -11.96
CA LYS A 39 -3.30 0.33 -11.92
C LYS A 39 -4.08 0.44 -10.61
N PHE A 40 -3.37 0.61 -9.51
CA PHE A 40 -3.98 0.76 -8.20
C PHE A 40 -4.76 2.08 -8.12
N LEU A 41 -4.18 3.12 -8.71
CA LEU A 41 -4.78 4.44 -8.71
C LEU A 41 -6.08 4.48 -9.51
N GLY A 42 -6.23 3.52 -10.42
CA GLY A 42 -7.40 3.48 -11.28
C GLY A 42 -8.55 2.70 -10.68
N TYR A 43 -8.44 2.34 -9.41
CA TYR A 43 -9.49 1.59 -8.74
C TYR A 43 -10.50 2.50 -8.07
N ASP A 44 -11.55 1.89 -7.51
CA ASP A 44 -12.55 2.62 -6.75
C ASP A 44 -11.90 3.22 -5.51
N GLU A 45 -12.21 4.48 -5.23
CA GLU A 45 -11.71 5.12 -4.03
C GLU A 45 -12.13 4.36 -2.79
N SER A 46 -13.34 3.82 -2.83
CA SER A 46 -13.89 3.05 -1.72
C SER A 46 -13.06 1.79 -1.48
N LYS A 47 -12.38 1.32 -2.52
CA LYS A 47 -11.51 0.16 -2.39
C LYS A 47 -10.09 0.62 -2.09
N ILE A 48 -9.65 1.68 -2.76
CA ILE A 48 -8.31 2.23 -2.56
C ILE A 48 -8.07 2.63 -1.12
N LYS A 49 -8.98 3.42 -0.56
CA LYS A 49 -8.85 3.91 0.80
C LYS A 49 -8.80 2.75 1.79
N THR A 50 -9.64 1.75 1.57
CA THR A 50 -9.69 0.58 2.45
C THR A 50 -8.41 -0.25 2.30
N ALA A 51 -7.91 -0.36 1.07
CA ALA A 51 -6.66 -1.07 0.83
C ALA A 51 -5.51 -0.40 1.57
N LEU A 52 -5.42 0.92 1.43
CA LEU A 52 -4.37 1.70 2.09
C LEU A 52 -4.51 1.62 3.61
N ASP A 53 -5.75 1.69 4.09
CA ASP A 53 -6.01 1.64 5.53
C ASP A 53 -5.65 0.27 6.09
N HIS A 54 -5.91 -0.78 5.31
CA HIS A 54 -5.55 -2.14 5.72
C HIS A 54 -4.04 -2.29 5.81
N ILE A 55 -3.35 -1.80 4.78
CA ILE A 55 -1.88 -1.80 4.77
C ILE A 55 -1.36 -1.08 6.01
N LYS A 56 -1.97 0.07 6.31
CA LYS A 56 -1.63 0.85 7.50
C LYS A 56 -1.83 0.01 8.76
N SER A 57 -2.91 -0.75 8.79
CA SER A 57 -3.23 -1.57 9.95
C SER A 57 -2.14 -2.62 10.22
N GLU A 58 -1.79 -3.36 9.18
CA GLU A 58 -0.74 -4.37 9.28
C GLU A 58 0.61 -3.74 9.61
N LEU A 59 0.91 -2.61 8.97
CA LEU A 59 2.17 -1.92 9.23
C LEU A 59 2.22 -1.38 10.66
N ASP A 60 1.08 -1.00 11.19
CA ASP A 60 0.96 -0.56 12.58
C ASP A 60 1.12 -1.74 13.52
N LYS A 61 0.82 -2.92 13.02
CA LYS A 61 0.96 -4.16 13.78
C LYS A 61 2.42 -4.60 13.84
N CYS A 62 3.31 -3.81 13.24
CA CYS A 62 4.72 -4.14 13.27
C CYS A 62 5.55 -2.94 13.73
N ASN A 63 5.83 -2.89 15.02
CA ASN A 63 6.70 -1.88 15.60
C ASN A 63 7.57 -2.51 16.66
N GLY A 64 8.80 -2.79 16.29
CA GLY A 64 9.72 -3.49 17.16
C GLY A 64 11.11 -3.51 16.57
N ASN A 65 11.82 -4.62 16.76
CA ASN A 65 13.21 -4.72 16.32
C ASN A 65 13.31 -4.97 14.82
N ASP A 66 12.54 -5.93 14.33
CA ASP A 66 12.60 -6.31 12.92
C ASP A 66 11.43 -5.70 12.14
N ALA A 67 10.78 -4.71 12.73
CA ALA A 67 9.66 -4.02 12.09
C ALA A 67 10.07 -3.46 10.74
N ASP A 68 11.23 -2.81 10.70
CA ASP A 68 11.76 -2.23 9.47
C ASP A 68 11.84 -3.28 8.36
N GLN A 69 12.25 -4.49 8.73
CA GLN A 69 12.42 -5.56 7.78
C GLN A 69 11.06 -6.05 7.30
N GLN A 70 10.17 -6.30 8.24
CA GLN A 70 8.84 -6.82 7.92
C GLN A 70 8.02 -5.80 7.14
N LYS A 71 8.22 -4.51 7.43
CA LYS A 71 7.59 -3.43 6.67
C LYS A 71 8.06 -3.49 5.22
N THR A 72 9.30 -3.88 5.03
CA THR A 72 9.88 -3.99 3.70
C THR A 72 9.41 -5.28 3.01
N THR A 73 9.36 -6.38 3.76
CA THR A 73 8.89 -7.65 3.23
C THR A 73 7.41 -7.57 2.84
N PHE A 74 6.65 -6.80 3.62
CA PHE A 74 5.21 -6.64 3.40
C PHE A 74 4.95 -6.06 2.01
N LYS A 75 5.89 -5.25 1.52
CA LYS A 75 5.82 -4.68 0.19
C LYS A 75 5.66 -5.77 -0.87
N GLN A 76 6.42 -6.84 -0.71
CA GLN A 76 6.43 -7.94 -1.63
C GLN A 76 5.10 -8.70 -1.56
N THR A 77 4.57 -8.81 -0.34
CA THR A 77 3.30 -9.49 -0.13
C THR A 77 2.15 -8.72 -0.79
N VAL A 78 2.15 -7.40 -0.63
CA VAL A 78 1.10 -6.57 -1.17
C VAL A 78 1.09 -6.58 -2.70
N GLN A 79 2.29 -6.61 -3.30
CA GLN A 79 2.42 -6.69 -4.75
C GLN A 79 1.68 -7.89 -5.30
N GLY A 80 1.87 -9.04 -4.65
CA GLY A 80 1.23 -10.26 -5.09
C GLY A 80 -0.19 -10.39 -4.57
N ALA A 81 -0.66 -9.35 -3.89
CA ALA A 81 -2.00 -9.34 -3.36
C ALA A 81 -2.91 -8.50 -4.26
N LEU A 82 -2.36 -7.42 -4.80
CA LEU A 82 -3.11 -6.55 -5.70
C LEU A 82 -2.92 -6.98 -7.14
N SER A 83 -2.24 -8.09 -7.33
CA SER A 83 -1.90 -8.58 -8.65
C SER A 83 -3.13 -9.08 -9.39
N GLY A 84 -4.13 -9.52 -8.64
CA GLY A 84 -5.34 -10.04 -9.25
C GLY A 84 -6.55 -9.16 -8.97
N GLY A 85 -6.31 -8.01 -8.35
CA GLY A 85 -7.39 -7.11 -8.05
C GLY A 85 -7.28 -6.55 -6.65
N ILE A 86 -8.05 -5.52 -6.39
CA ILE A 86 -8.09 -4.88 -5.08
C ILE A 86 -9.37 -5.30 -4.36
N ASP A 87 -10.18 -6.09 -5.04
CA ASP A 87 -11.50 -6.46 -4.55
C ASP A 87 -11.38 -7.44 -3.39
N GLY A 88 -10.49 -8.41 -3.55
CA GLY A 88 -10.27 -9.39 -2.50
C GLY A 88 -9.03 -9.11 -1.70
N PHE A 89 -8.66 -7.83 -1.60
CA PHE A 89 -7.49 -7.43 -0.84
C PHE A 89 -7.89 -7.18 0.61
N GLY A 90 -7.28 -7.93 1.51
CA GLY A 90 -7.57 -7.77 2.92
C GLY A 90 -6.80 -8.76 3.77
N SER A 91 -7.34 -9.06 4.93
CA SER A 91 -6.68 -9.95 5.89
C SER A 91 -6.69 -11.41 5.42
N ASN A 92 -7.18 -11.63 4.21
CA ASN A 92 -7.29 -12.98 3.67
C ASN A 92 -6.15 -13.27 2.70
N ASN A 93 -5.34 -12.25 2.41
CA ASN A 93 -4.21 -12.42 1.50
C ASN A 93 -3.04 -11.53 1.88
N ALA A 94 -3.32 -10.34 2.41
CA ALA A 94 -2.28 -9.42 2.81
C ALA A 94 -2.25 -9.25 4.33
N VAL A 95 -1.23 -9.82 4.97
CA VAL A 95 -1.09 -9.76 6.41
C VAL A 95 0.36 -9.63 6.81
N THR A 96 0.60 -8.95 7.92
CA THR A 96 1.93 -8.91 8.51
C THR A 96 2.08 -9.97 9.58
N THR A 97 2.96 -10.92 9.34
CA THR A 97 3.30 -11.95 10.31
C THR A 97 4.15 -11.38 11.46
N CYS A 98 4.01 -10.08 11.73
CA CYS A 98 4.80 -9.41 12.74
C CYS A 98 4.18 -9.64 14.12
N GLY A 99 2.87 -9.45 14.22
CA GLY A 99 2.18 -9.64 15.47
C GLY A 99 1.34 -10.88 15.45
N ASN A 100 1.39 -11.57 14.31
CA ASN A 100 0.64 -12.79 14.13
C ASN A 100 1.58 -13.92 13.74
N GLY A 101 2.84 -13.76 14.12
CA GLY A 101 3.85 -14.73 13.74
C GLY A 101 3.62 -16.09 14.35
N SER A 102 3.78 -17.12 13.56
CA SER A 102 3.64 -18.47 14.02
C SER A 102 4.83 -19.30 13.54
N GLY A 1 14.48 15.40 -4.27
CA GLY A 1 13.21 16.08 -4.64
C GLY A 1 12.77 15.71 -6.04
N ALA A 2 11.51 15.36 -6.17
CA ALA A 2 10.95 14.98 -7.47
C ALA A 2 10.12 16.11 -8.05
N MET A 3 10.64 16.73 -9.10
CA MET A 3 9.92 17.81 -9.77
C MET A 3 9.27 17.28 -11.05
N GLY A 4 8.59 18.16 -11.76
CA GLY A 4 7.92 17.76 -12.98
C GLY A 4 6.43 17.94 -12.89
N PRO A 5 5.66 17.35 -13.81
CA PRO A 5 4.21 17.46 -13.82
C PRO A 5 3.55 16.57 -12.77
N LYS A 6 2.31 16.90 -12.44
CA LYS A 6 1.55 16.09 -11.49
C LYS A 6 1.18 14.73 -12.09
N SER A 7 0.94 13.77 -11.22
CA SER A 7 0.57 12.44 -11.64
C SER A 7 -0.72 12.01 -10.94
N LYS A 8 -1.22 10.81 -11.24
CA LYS A 8 -2.45 10.32 -10.65
C LYS A 8 -2.33 10.27 -9.14
N GLU A 9 -1.20 9.73 -8.69
CA GLU A 9 -0.91 9.64 -7.28
C GLU A 9 -0.90 11.01 -6.63
N GLU A 10 -0.36 11.99 -7.33
CA GLU A 10 -0.22 13.34 -6.78
C GLU A 10 -1.57 14.00 -6.60
N LEU A 11 -2.54 13.59 -7.40
CA LEU A 11 -3.88 14.14 -7.30
C LEU A 11 -4.70 13.35 -6.28
N LEU A 12 -4.69 12.04 -6.43
CA LEU A 12 -5.53 11.17 -5.63
C LEU A 12 -5.01 11.05 -4.20
N ARG A 13 -3.71 11.28 -3.99
CA ARG A 13 -3.15 11.27 -2.65
C ARG A 13 -3.85 12.31 -1.79
N GLU A 14 -4.14 13.45 -2.39
CA GLU A 14 -4.84 14.52 -1.71
C GLU A 14 -6.32 14.16 -1.51
N LYS A 15 -6.79 13.22 -2.31
CA LYS A 15 -8.17 12.74 -2.21
C LYS A 15 -8.27 11.63 -1.15
N LEU A 16 -7.15 11.37 -0.47
CA LEU A 16 -7.10 10.36 0.56
C LEU A 16 -6.99 11.03 1.94
N SER A 17 -6.84 10.24 2.98
CA SER A 17 -6.57 10.80 4.30
C SER A 17 -5.08 11.14 4.40
N GLU A 18 -4.71 11.89 5.42
CA GLU A 18 -3.33 12.37 5.54
C GLU A 18 -2.37 11.20 5.77
N ASP A 19 -2.81 10.19 6.51
CA ASP A 19 -1.97 9.03 6.78
C ASP A 19 -1.91 8.11 5.57
N GLN A 20 -3.04 8.01 4.84
CA GLN A 20 -3.09 7.22 3.61
C GLN A 20 -2.04 7.70 2.60
N LYS A 21 -1.69 8.97 2.69
CA LYS A 21 -0.68 9.57 1.82
C LYS A 21 0.69 8.94 2.06
N THR A 22 0.90 8.44 3.28
CA THR A 22 2.14 7.79 3.64
C THR A 22 2.23 6.41 3.00
N HIS A 23 1.11 5.69 3.01
CA HIS A 23 1.05 4.36 2.43
C HIS A 23 0.99 4.44 0.91
N LEU A 24 0.62 5.61 0.40
CA LEU A 24 0.67 5.87 -1.03
C LEU A 24 2.12 5.76 -1.50
N ASP A 25 2.99 6.53 -0.86
CA ASP A 25 4.44 6.46 -1.12
C ASP A 25 4.98 5.06 -0.83
N TRP A 26 4.48 4.46 0.24
CA TRP A 26 4.90 3.11 0.63
C TRP A 26 4.60 2.11 -0.49
N LEU A 27 3.38 2.18 -1.03
CA LEU A 27 2.96 1.28 -2.08
C LEU A 27 3.71 1.55 -3.37
N LYS A 28 4.10 2.80 -3.57
CA LYS A 28 4.92 3.16 -4.73
C LYS A 28 6.24 2.41 -4.68
N GLU A 29 6.82 2.34 -3.49
CA GLU A 29 8.04 1.55 -3.29
C GLU A 29 7.72 0.06 -3.40
N ALA A 30 6.56 -0.33 -2.88
CA ALA A 30 6.14 -1.72 -2.87
C ALA A 30 6.05 -2.27 -4.29
N LEU A 31 5.30 -1.60 -5.15
CA LEU A 31 5.13 -2.03 -6.53
C LEU A 31 6.38 -1.73 -7.34
N GLY A 32 7.05 -0.64 -7.01
CA GLY A 32 8.26 -0.25 -7.70
C GLY A 32 7.99 0.36 -9.05
N ASN A 33 7.35 -0.41 -9.92
CA ASN A 33 6.99 0.07 -11.24
C ASN A 33 5.84 1.05 -11.15
N ASP A 34 6.08 2.29 -11.56
CA ASP A 34 5.04 3.31 -11.58
C ASP A 34 3.92 2.89 -12.50
N GLY A 35 4.25 2.10 -13.52
CA GLY A 35 3.26 1.61 -14.45
C GLY A 35 2.24 0.70 -13.78
N GLU A 36 2.69 -0.09 -12.82
CA GLU A 36 1.80 -0.99 -12.10
C GLU A 36 1.18 -0.27 -10.90
N PHE A 37 1.89 0.73 -10.40
CA PHE A 37 1.35 1.59 -9.34
C PHE A 37 0.16 2.37 -9.89
N ASP A 38 0.29 2.81 -11.13
CA ASP A 38 -0.80 3.46 -11.88
C ASP A 38 -2.10 2.67 -11.75
N LYS A 39 -1.97 1.36 -11.90
CA LYS A 39 -3.11 0.46 -11.87
C LYS A 39 -3.89 0.55 -10.56
N PHE A 40 -3.21 0.92 -9.48
CA PHE A 40 -3.85 1.05 -8.17
C PHE A 40 -4.69 2.32 -8.13
N LEU A 41 -4.10 3.40 -8.61
CA LEU A 41 -4.76 4.69 -8.64
C LEU A 41 -6.00 4.64 -9.54
N GLY A 42 -6.00 3.69 -10.46
CA GLY A 42 -7.13 3.52 -11.35
C GLY A 42 -8.15 2.52 -10.82
N TYR A 43 -8.23 2.38 -9.51
CA TYR A 43 -9.25 1.52 -8.91
C TYR A 43 -10.41 2.35 -8.40
N ASP A 44 -11.34 1.69 -7.72
CA ASP A 44 -12.46 2.37 -7.08
C ASP A 44 -11.96 3.12 -5.87
N GLU A 45 -12.39 4.36 -5.71
CA GLU A 45 -11.96 5.15 -4.58
C GLU A 45 -12.34 4.51 -3.26
N SER A 46 -13.48 3.83 -3.25
CA SER A 46 -13.94 3.16 -2.05
C SER A 46 -13.03 1.97 -1.73
N LYS A 47 -12.44 1.40 -2.78
CA LYS A 47 -11.59 0.23 -2.61
C LYS A 47 -10.15 0.66 -2.38
N ILE A 48 -9.76 1.79 -2.95
CA ILE A 48 -8.42 2.34 -2.76
C ILE A 48 -8.16 2.68 -1.30
N LYS A 49 -9.05 3.49 -0.71
CA LYS A 49 -8.92 3.85 0.70
C LYS A 49 -8.98 2.60 1.59
N THR A 50 -9.86 1.66 1.25
CA THR A 50 -9.96 0.41 2.00
C THR A 50 -8.64 -0.38 1.93
N ALA A 51 -8.06 -0.46 0.74
CA ALA A 51 -6.79 -1.15 0.56
C ALA A 51 -5.72 -0.51 1.44
N LEU A 52 -5.59 0.81 1.34
CA LEU A 52 -4.61 1.54 2.12
C LEU A 52 -4.89 1.43 3.61
N ASP A 53 -6.15 1.50 3.99
CA ASP A 53 -6.55 1.40 5.40
C ASP A 53 -6.20 0.03 5.96
N HIS A 54 -6.35 -1.00 5.13
CA HIS A 54 -5.98 -2.36 5.53
C HIS A 54 -4.46 -2.45 5.68
N ILE A 55 -3.73 -1.92 4.70
CA ILE A 55 -2.28 -1.85 4.78
C ILE A 55 -1.87 -1.13 6.07
N LYS A 56 -2.51 -0.01 6.33
CA LYS A 56 -2.29 0.76 7.55
C LYS A 56 -2.53 -0.10 8.79
N SER A 57 -3.62 -0.87 8.77
CA SER A 57 -3.98 -1.72 9.88
C SER A 57 -2.91 -2.78 10.17
N GLU A 58 -2.45 -3.46 9.13
CA GLU A 58 -1.44 -4.49 9.29
C GLU A 58 -0.07 -3.89 9.58
N LEU A 59 0.30 -2.89 8.81
CA LEU A 59 1.65 -2.32 8.87
C LEU A 59 1.90 -1.62 10.20
N ASP A 60 0.82 -1.27 10.89
CA ASP A 60 0.93 -0.58 12.18
C ASP A 60 1.28 -1.56 13.30
N LYS A 61 1.00 -2.85 13.09
CA LYS A 61 1.31 -3.87 14.07
C LYS A 61 2.81 -4.05 14.27
N CYS A 62 3.57 -3.90 13.20
CA CYS A 62 5.01 -4.14 13.26
C CYS A 62 5.74 -2.94 13.85
N ASN A 63 6.27 -3.10 15.06
CA ASN A 63 7.00 -2.04 15.73
C ASN A 63 8.24 -2.60 16.41
N GLY A 64 9.37 -2.42 15.77
CA GLY A 64 10.63 -2.90 16.31
C GLY A 64 11.78 -2.63 15.38
N ASN A 65 12.93 -3.24 15.64
CA ASN A 65 14.10 -3.04 14.81
C ASN A 65 13.98 -3.83 13.52
N ASP A 66 13.51 -5.06 13.64
CA ASP A 66 13.34 -5.96 12.49
C ASP A 66 12.15 -5.51 11.65
N ALA A 67 11.28 -4.70 12.26
CA ALA A 67 10.07 -4.23 11.61
C ALA A 67 10.37 -3.44 10.35
N ASP A 68 11.56 -2.84 10.28
CA ASP A 68 11.96 -2.09 9.10
C ASP A 68 12.00 -3.02 7.88
N GLN A 69 12.46 -4.25 8.10
CA GLN A 69 12.52 -5.25 7.04
C GLN A 69 11.17 -5.94 6.88
N GLN A 70 10.42 -6.03 7.98
CA GLN A 70 9.06 -6.57 7.93
C GLN A 70 8.18 -5.68 7.06
N LYS A 71 8.29 -4.37 7.24
CA LYS A 71 7.52 -3.40 6.46
C LYS A 71 7.97 -3.40 5.00
N THR A 72 9.17 -3.89 4.76
CA THR A 72 9.69 -4.02 3.41
C THR A 72 9.25 -5.34 2.79
N THR A 73 9.13 -6.37 3.61
CA THR A 73 8.65 -7.66 3.15
C THR A 73 7.15 -7.62 2.86
N PHE A 74 6.43 -6.83 3.66
CA PHE A 74 5.00 -6.66 3.48
C PHE A 74 4.71 -6.04 2.12
N LYS A 75 5.68 -5.26 1.62
CA LYS A 75 5.58 -4.68 0.29
C LYS A 75 5.42 -5.76 -0.77
N GLN A 76 6.12 -6.88 -0.57
CA GLN A 76 6.12 -7.98 -1.51
C GLN A 76 4.79 -8.72 -1.47
N THR A 77 4.18 -8.75 -0.30
CA THR A 77 2.87 -9.36 -0.14
C THR A 77 1.82 -8.61 -0.94
N VAL A 78 1.87 -7.28 -0.86
CA VAL A 78 0.89 -6.43 -1.52
C VAL A 78 1.04 -6.47 -3.04
N GLN A 79 2.26 -6.72 -3.51
CA GLN A 79 2.52 -6.86 -4.94
C GLN A 79 1.60 -7.92 -5.54
N GLY A 80 1.59 -9.09 -4.93
CA GLY A 80 0.77 -10.18 -5.43
C GLY A 80 -0.68 -10.02 -5.04
N ALA A 81 -0.92 -9.30 -3.95
CA ALA A 81 -2.27 -9.11 -3.44
C ALA A 81 -3.10 -8.24 -4.37
N LEU A 82 -2.55 -7.09 -4.77
CA LEU A 82 -3.28 -6.17 -5.64
C LEU A 82 -3.21 -6.60 -7.10
N SER A 83 -2.52 -7.69 -7.33
CA SER A 83 -2.39 -8.24 -8.67
C SER A 83 -3.53 -9.22 -8.94
N GLY A 84 -4.20 -9.62 -7.88
CA GLY A 84 -5.35 -10.49 -8.03
C GLY A 84 -6.65 -9.74 -7.88
N GLY A 85 -6.56 -8.42 -7.89
CA GLY A 85 -7.72 -7.59 -7.71
C GLY A 85 -7.73 -6.93 -6.35
N ILE A 86 -8.22 -5.70 -6.32
CA ILE A 86 -8.29 -4.94 -5.07
C ILE A 86 -9.54 -5.30 -4.29
N ASP A 87 -10.43 -6.05 -4.94
CA ASP A 87 -11.71 -6.40 -4.34
C ASP A 87 -11.53 -7.46 -3.27
N GLY A 88 -10.68 -8.44 -3.55
CA GLY A 88 -10.41 -9.49 -2.59
C GLY A 88 -9.23 -9.18 -1.70
N PHE A 89 -8.82 -7.92 -1.69
CA PHE A 89 -7.70 -7.49 -0.87
C PHE A 89 -8.14 -7.38 0.59
N GLY A 90 -7.52 -8.19 1.43
CA GLY A 90 -7.85 -8.20 2.84
C GLY A 90 -6.88 -9.06 3.62
N SER A 91 -7.26 -9.45 4.83
CA SER A 91 -6.40 -10.24 5.70
C SER A 91 -6.26 -11.68 5.18
N ASN A 92 -7.01 -12.00 4.14
CA ASN A 92 -6.87 -13.28 3.47
C ASN A 92 -5.61 -13.27 2.62
N ASN A 93 -5.28 -12.08 2.13
CA ASN A 93 -4.17 -11.92 1.20
C ASN A 93 -2.97 -11.27 1.89
N ALA A 94 -3.20 -10.11 2.48
CA ALA A 94 -2.13 -9.31 3.04
C ALA A 94 -2.22 -9.22 4.54
N VAL A 95 -1.24 -9.75 5.22
CA VAL A 95 -1.15 -9.67 6.68
C VAL A 95 0.29 -9.45 7.09
N THR A 96 0.49 -8.75 8.20
CA THR A 96 1.82 -8.59 8.75
C THR A 96 2.12 -9.68 9.78
N THR A 97 3.00 -10.60 9.42
CA THR A 97 3.44 -11.63 10.34
C THR A 97 4.53 -11.11 11.27
N CYS A 98 4.17 -10.11 12.05
CA CYS A 98 5.08 -9.53 13.04
C CYS A 98 4.59 -9.86 14.44
N GLY A 99 3.43 -10.50 14.51
CA GLY A 99 2.79 -10.72 15.78
C GLY A 99 1.69 -9.71 16.01
N ASN A 100 0.49 -10.18 16.30
CA ASN A 100 -0.64 -9.28 16.43
C ASN A 100 -0.58 -8.50 17.74
N GLY A 101 -0.56 -7.18 17.64
CA GLY A 101 -0.65 -6.34 18.81
C GLY A 101 -2.10 -6.00 19.10
N SER A 102 -2.75 -5.45 18.11
CA SER A 102 -4.17 -5.14 18.20
C SER A 102 -4.85 -5.54 16.89
N GLY A 1 13.70 12.35 -7.14
CA GLY A 1 12.41 12.31 -6.40
C GLY A 1 11.23 12.25 -7.34
N ALA A 2 10.42 13.30 -7.34
CA ALA A 2 9.23 13.36 -8.18
C ALA A 2 9.58 13.79 -9.60
N MET A 3 9.20 12.97 -10.56
CA MET A 3 9.48 13.25 -11.96
C MET A 3 8.28 13.92 -12.62
N GLY A 4 8.26 15.25 -12.58
CA GLY A 4 7.20 15.99 -13.25
C GLY A 4 6.30 16.73 -12.28
N PRO A 5 5.12 17.17 -12.77
CA PRO A 5 4.13 17.87 -11.95
C PRO A 5 3.20 16.90 -11.22
N LYS A 6 2.10 17.43 -10.70
CA LYS A 6 1.14 16.60 -10.00
C LYS A 6 0.53 15.57 -10.95
N SER A 7 0.65 14.31 -10.58
CA SER A 7 0.24 13.22 -11.43
C SER A 7 -0.92 12.45 -10.80
N LYS A 8 -1.15 11.24 -11.32
CA LYS A 8 -2.20 10.34 -10.84
C LYS A 8 -2.27 10.31 -9.31
N GLU A 9 -1.13 10.09 -8.67
CA GLU A 9 -1.10 9.91 -7.23
C GLU A 9 -1.36 11.22 -6.49
N GLU A 10 -1.04 12.36 -7.12
CA GLU A 10 -1.34 13.64 -6.52
C GLU A 10 -2.83 13.88 -6.51
N LEU A 11 -3.47 13.60 -7.63
CA LEU A 11 -4.91 13.80 -7.76
C LEU A 11 -5.66 12.87 -6.83
N LEU A 12 -5.14 11.66 -6.67
CA LEU A 12 -5.78 10.66 -5.82
C LEU A 12 -5.54 10.95 -4.33
N ARG A 13 -4.35 11.44 -3.98
CA ARG A 13 -4.00 11.62 -2.58
C ARG A 13 -4.83 12.74 -1.95
N GLU A 14 -5.41 13.60 -2.78
CA GLU A 14 -6.31 14.65 -2.31
C GLU A 14 -7.59 14.04 -1.74
N LYS A 15 -7.94 12.86 -2.25
CA LYS A 15 -9.11 12.13 -1.77
C LYS A 15 -8.74 11.25 -0.59
N LEU A 16 -7.47 11.34 -0.19
CA LEU A 16 -6.94 10.51 0.87
C LEU A 16 -6.51 11.36 2.05
N SER A 17 -6.43 10.76 3.23
CA SER A 17 -5.98 11.45 4.43
C SER A 17 -4.46 11.60 4.42
N GLU A 18 -3.91 12.32 5.40
CA GLU A 18 -2.47 12.58 5.46
C GLU A 18 -1.72 11.26 5.54
N ASP A 19 -2.30 10.31 6.26
CA ASP A 19 -1.69 9.00 6.42
C ASP A 19 -1.68 8.28 5.08
N GLN A 20 -2.84 8.23 4.46
CA GLN A 20 -3.03 7.49 3.21
C GLN A 20 -2.24 8.14 2.06
N LYS A 21 -2.00 9.45 2.15
CA LYS A 21 -1.15 10.14 1.18
C LYS A 21 0.25 9.55 1.20
N THR A 22 0.72 9.22 2.40
CA THR A 22 2.06 8.69 2.59
C THR A 22 2.09 7.19 2.27
N HIS A 23 1.06 6.47 2.67
CA HIS A 23 0.96 5.04 2.36
C HIS A 23 0.80 4.81 0.87
N LEU A 24 0.25 5.79 0.18
CA LEU A 24 0.13 5.74 -1.27
C LEU A 24 1.53 5.75 -1.90
N ASP A 25 2.39 6.61 -1.38
CA ASP A 25 3.77 6.70 -1.85
C ASP A 25 4.52 5.44 -1.46
N TRP A 26 4.26 4.95 -0.25
CA TRP A 26 4.84 3.68 0.23
C TRP A 26 4.48 2.55 -0.72
N LEU A 27 3.23 2.51 -1.14
CA LEU A 27 2.74 1.47 -2.04
C LEU A 27 3.51 1.50 -3.36
N LYS A 28 3.76 2.70 -3.86
CA LYS A 28 4.55 2.89 -5.07
C LYS A 28 5.94 2.30 -4.88
N GLU A 29 6.55 2.66 -3.77
CA GLU A 29 7.88 2.15 -3.41
C GLU A 29 7.85 0.63 -3.20
N ALA A 30 6.74 0.14 -2.67
CA ALA A 30 6.57 -1.29 -2.43
C ALA A 30 6.40 -2.05 -3.75
N LEU A 31 5.56 -1.52 -4.62
CA LEU A 31 5.31 -2.12 -5.93
C LEU A 31 6.55 -2.01 -6.81
N GLY A 32 7.11 -0.80 -6.88
CA GLY A 32 8.30 -0.58 -7.68
C GLY A 32 8.03 -0.76 -9.17
N ASN A 33 6.86 -0.34 -9.60
CA ASN A 33 6.49 -0.44 -11.01
C ASN A 33 5.52 0.68 -11.37
N ASP A 34 5.83 1.38 -12.46
CA ASP A 34 4.99 2.47 -12.96
C ASP A 34 3.57 1.95 -13.24
N GLY A 35 3.50 0.90 -14.05
CA GLY A 35 2.22 0.38 -14.49
C GLY A 35 1.39 -0.23 -13.37
N GLU A 36 2.04 -0.97 -12.47
CA GLU A 36 1.31 -1.67 -11.41
C GLU A 36 0.77 -0.68 -10.38
N PHE A 37 1.54 0.35 -10.06
CA PHE A 37 1.09 1.36 -9.12
C PHE A 37 0.01 2.22 -9.77
N ASP A 38 0.18 2.49 -11.06
CA ASP A 38 -0.81 3.22 -11.85
C ASP A 38 -2.16 2.53 -11.81
N LYS A 39 -2.12 1.21 -11.94
CA LYS A 39 -3.33 0.40 -11.93
C LYS A 39 -4.11 0.56 -10.62
N PHE A 40 -3.38 0.76 -9.52
CA PHE A 40 -4.00 0.97 -8.22
C PHE A 40 -4.65 2.35 -8.16
N LEU A 41 -3.97 3.32 -8.76
CA LEU A 41 -4.45 4.69 -8.79
C LEU A 41 -5.75 4.80 -9.61
N GLY A 42 -6.01 3.78 -10.40
CA GLY A 42 -7.22 3.74 -11.21
C GLY A 42 -8.22 2.72 -10.70
N TYR A 43 -8.14 2.39 -9.42
CA TYR A 43 -9.10 1.47 -8.80
C TYR A 43 -10.30 2.21 -8.26
N ASP A 44 -11.21 1.47 -7.62
CA ASP A 44 -12.36 2.06 -6.95
C ASP A 44 -11.92 2.87 -5.75
N GLU A 45 -12.40 4.11 -5.66
CA GLU A 45 -12.04 4.98 -4.55
C GLU A 45 -12.31 4.33 -3.20
N SER A 46 -13.39 3.55 -3.14
CA SER A 46 -13.75 2.86 -1.91
C SER A 46 -12.72 1.77 -1.61
N LYS A 47 -12.28 1.08 -2.65
CA LYS A 47 -11.31 0.01 -2.50
C LYS A 47 -9.93 0.57 -2.20
N ILE A 48 -9.63 1.69 -2.84
CA ILE A 48 -8.35 2.37 -2.65
C ILE A 48 -8.12 2.71 -1.17
N LYS A 49 -9.05 3.45 -0.57
CA LYS A 49 -8.93 3.80 0.84
C LYS A 49 -8.89 2.57 1.72
N THR A 50 -9.73 1.57 1.42
CA THR A 50 -9.77 0.35 2.18
C THR A 50 -8.42 -0.37 2.15
N ALA A 51 -7.84 -0.47 0.96
CA ALA A 51 -6.54 -1.10 0.78
C ALA A 51 -5.46 -0.36 1.56
N LEU A 52 -5.42 0.96 1.38
CA LEU A 52 -4.40 1.78 2.02
C LEU A 52 -4.53 1.76 3.54
N ASP A 53 -5.76 1.82 4.04
CA ASP A 53 -5.99 1.81 5.48
C ASP A 53 -5.69 0.43 6.06
N HIS A 54 -5.97 -0.61 5.29
CA HIS A 54 -5.62 -1.97 5.70
C HIS A 54 -4.11 -2.09 5.80
N ILE A 55 -3.42 -1.65 4.75
CA ILE A 55 -1.97 -1.58 4.75
C ILE A 55 -1.47 -0.79 5.96
N LYS A 56 -2.06 0.38 6.14
CA LYS A 56 -1.76 1.26 7.27
C LYS A 56 -1.91 0.53 8.60
N SER A 57 -2.96 -0.25 8.72
CA SER A 57 -3.23 -0.99 9.95
C SER A 57 -2.20 -2.09 10.17
N GLU A 58 -2.00 -2.92 9.15
CA GLU A 58 -1.04 -4.02 9.22
C GLU A 58 0.38 -3.50 9.43
N LEU A 59 0.79 -2.56 8.60
CA LEU A 59 2.15 -2.03 8.60
C LEU A 59 2.50 -1.41 9.96
N ASP A 60 1.49 -0.88 10.64
CA ASP A 60 1.68 -0.26 11.94
C ASP A 60 1.91 -1.32 13.02
N LYS A 61 1.31 -2.50 12.84
CA LYS A 61 1.43 -3.59 13.81
C LYS A 61 2.88 -3.99 14.01
N CYS A 62 3.65 -3.96 12.94
CA CYS A 62 5.05 -4.34 13.00
C CYS A 62 5.91 -3.16 13.43
N ASN A 63 6.30 -3.14 14.70
CA ASN A 63 7.13 -2.08 15.23
C ASN A 63 8.05 -2.66 16.30
N GLY A 64 9.33 -2.67 15.97
CA GLY A 64 10.33 -3.25 16.83
C GLY A 64 11.66 -3.35 16.12
N ASN A 65 12.57 -4.16 16.64
CA ASN A 65 13.92 -4.25 16.07
C ASN A 65 13.91 -5.06 14.78
N ASP A 66 12.85 -5.84 14.56
CA ASP A 66 12.73 -6.65 13.35
C ASP A 66 11.72 -6.04 12.38
N ALA A 67 11.30 -4.82 12.67
CA ALA A 67 10.26 -4.16 11.90
C ALA A 67 10.70 -3.90 10.47
N ASP A 68 11.95 -3.48 10.31
CA ASP A 68 12.50 -3.14 8.99
C ASP A 68 12.29 -4.27 7.99
N GLN A 69 12.57 -5.48 8.45
CA GLN A 69 12.48 -6.66 7.61
C GLN A 69 11.04 -6.94 7.25
N GLN A 70 10.19 -7.05 8.27
CA GLN A 70 8.79 -7.39 8.08
C GLN A 70 8.08 -6.34 7.23
N LYS A 71 8.43 -5.07 7.43
CA LYS A 71 7.87 -3.99 6.62
C LYS A 71 8.26 -4.17 5.16
N THR A 72 9.48 -4.61 4.93
CA THR A 72 9.96 -4.82 3.58
C THR A 72 9.32 -6.07 2.95
N THR A 73 9.14 -7.10 3.75
CA THR A 73 8.45 -8.29 3.29
C THR A 73 6.99 -7.99 2.99
N PHE A 74 6.43 -7.04 3.74
CA PHE A 74 5.06 -6.60 3.53
C PHE A 74 4.92 -5.91 2.18
N LYS A 75 5.97 -5.20 1.77
CA LYS A 75 6.01 -4.60 0.44
C LYS A 75 5.80 -5.67 -0.62
N GLN A 76 6.51 -6.78 -0.43
CA GLN A 76 6.43 -7.92 -1.32
C GLN A 76 5.05 -8.56 -1.25
N THR A 77 4.49 -8.55 -0.05
CA THR A 77 3.16 -9.08 0.18
C THR A 77 2.11 -8.30 -0.61
N VAL A 78 2.13 -6.98 -0.45
CA VAL A 78 1.17 -6.11 -1.13
C VAL A 78 1.34 -6.19 -2.64
N GLN A 79 2.59 -6.34 -3.08
CA GLN A 79 2.92 -6.50 -4.48
C GLN A 79 2.09 -7.62 -5.10
N GLY A 80 2.15 -8.79 -4.50
CA GLY A 80 1.43 -9.93 -5.03
C GLY A 80 -0.06 -9.82 -4.81
N ALA A 81 -0.43 -9.10 -3.76
CA ALA A 81 -1.83 -8.91 -3.40
C ALA A 81 -2.57 -8.12 -4.47
N LEU A 82 -2.01 -6.99 -4.86
CA LEU A 82 -2.64 -6.12 -5.86
C LEU A 82 -2.43 -6.66 -7.26
N SER A 83 -1.66 -7.72 -7.36
CA SER A 83 -1.44 -8.38 -8.63
C SER A 83 -2.60 -9.33 -8.92
N GLY A 84 -3.37 -9.63 -7.89
CA GLY A 84 -4.57 -10.42 -8.07
C GLY A 84 -5.79 -9.55 -8.26
N GLY A 85 -5.87 -8.48 -7.48
CA GLY A 85 -7.00 -7.58 -7.56
C GLY A 85 -7.33 -6.99 -6.21
N ILE A 86 -7.60 -5.69 -6.19
CA ILE A 86 -7.91 -4.98 -4.97
C ILE A 86 -9.29 -5.38 -4.43
N ASP A 87 -10.08 -6.01 -5.29
CA ASP A 87 -11.44 -6.41 -4.95
C ASP A 87 -11.43 -7.40 -3.79
N GLY A 88 -10.41 -8.25 -3.75
CA GLY A 88 -10.29 -9.21 -2.68
C GLY A 88 -9.15 -8.88 -1.74
N PHE A 89 -8.66 -7.65 -1.82
CA PHE A 89 -7.55 -7.22 -0.99
C PHE A 89 -8.03 -7.00 0.45
N GLY A 90 -7.36 -7.67 1.36
CA GLY A 90 -7.69 -7.56 2.76
C GLY A 90 -6.95 -8.61 3.57
N SER A 91 -7.46 -8.95 4.74
CA SER A 91 -6.81 -9.96 5.58
C SER A 91 -6.96 -11.36 4.96
N ASN A 92 -7.53 -11.42 3.77
CA ASN A 92 -7.67 -12.66 3.03
C ASN A 92 -6.36 -13.01 2.36
N ASN A 93 -5.68 -11.99 1.85
CA ASN A 93 -4.46 -12.21 1.07
C ASN A 93 -3.28 -11.41 1.60
N ALA A 94 -3.54 -10.26 2.21
CA ALA A 94 -2.47 -9.39 2.70
C ALA A 94 -2.58 -9.17 4.20
N VAL A 95 -1.61 -9.70 4.93
CA VAL A 95 -1.54 -9.54 6.38
C VAL A 95 -0.10 -9.40 6.82
N THR A 96 0.14 -8.62 7.86
CA THR A 96 1.47 -8.53 8.42
C THR A 96 1.74 -9.69 9.38
N THR A 97 2.50 -10.66 8.90
CA THR A 97 2.94 -11.76 9.74
C THR A 97 4.02 -11.28 10.70
N CYS A 98 3.59 -10.53 11.70
CA CYS A 98 4.48 -10.03 12.73
C CYS A 98 4.01 -10.48 14.10
N GLY A 99 4.48 -11.64 14.52
CA GLY A 99 4.15 -12.14 15.84
C GLY A 99 5.33 -12.82 16.51
N ASN A 100 5.75 -13.94 15.94
CA ASN A 100 6.83 -14.73 16.51
C ASN A 100 7.81 -15.14 15.41
N GLY A 101 8.82 -14.30 15.21
CA GLY A 101 9.75 -14.51 14.10
C GLY A 101 9.12 -14.12 12.78
N SER A 102 7.92 -14.62 12.56
CA SER A 102 7.10 -14.24 11.42
C SER A 102 5.63 -14.41 11.82
N GLY A 1 13.10 24.13 -14.70
CA GLY A 1 12.97 22.70 -14.31
C GLY A 1 11.57 22.39 -13.83
N ALA A 2 11.11 21.17 -14.13
CA ALA A 2 9.78 20.74 -13.75
C ALA A 2 9.60 19.26 -13.99
N MET A 3 8.83 18.61 -13.13
CA MET A 3 8.51 17.19 -13.29
C MET A 3 7.32 17.03 -14.22
N GLY A 4 6.63 18.14 -14.47
CA GLY A 4 5.47 18.13 -15.32
C GLY A 4 4.20 18.34 -14.51
N PRO A 5 3.03 17.99 -15.07
CA PRO A 5 1.76 18.08 -14.35
C PRO A 5 1.70 17.04 -13.24
N LYS A 6 0.81 17.26 -12.28
CA LYS A 6 0.67 16.34 -11.17
C LYS A 6 0.06 15.03 -11.64
N SER A 7 0.54 13.95 -11.06
CA SER A 7 0.22 12.62 -11.55
C SER A 7 -0.99 12.05 -10.82
N LYS A 8 -1.37 10.82 -11.18
CA LYS A 8 -2.52 10.15 -10.58
C LYS A 8 -2.37 10.05 -9.07
N GLU A 9 -1.14 9.77 -8.63
CA GLU A 9 -0.84 9.65 -7.20
C GLU A 9 -1.05 10.99 -6.50
N GLU A 10 -0.76 12.06 -7.23
CA GLU A 10 -0.85 13.41 -6.69
C GLU A 10 -2.30 13.88 -6.66
N LEU A 11 -3.03 13.48 -7.68
CA LEU A 11 -4.45 13.79 -7.78
C LEU A 11 -5.25 13.03 -6.72
N LEU A 12 -4.97 11.74 -6.61
CA LEU A 12 -5.71 10.87 -5.72
C LEU A 12 -5.37 11.11 -4.25
N ARG A 13 -4.13 11.50 -3.98
CA ARG A 13 -3.72 11.75 -2.59
C ARG A 13 -4.51 12.91 -1.99
N GLU A 14 -5.04 13.76 -2.87
CA GLU A 14 -5.93 14.83 -2.44
C GLU A 14 -7.22 14.26 -1.88
N LYS A 15 -7.58 13.08 -2.35
CA LYS A 15 -8.82 12.43 -1.94
C LYS A 15 -8.60 11.62 -0.67
N LEU A 16 -7.33 11.38 -0.34
CA LEU A 16 -6.96 10.48 0.73
C LEU A 16 -6.79 11.23 2.05
N SER A 17 -6.66 10.47 3.13
CA SER A 17 -6.40 11.04 4.44
C SER A 17 -4.90 11.32 4.58
N GLU A 18 -4.50 11.93 5.69
CA GLU A 18 -3.12 12.37 5.86
C GLU A 18 -2.21 11.16 6.06
N ASP A 19 -2.77 10.15 6.68
CA ASP A 19 -2.10 8.89 6.91
C ASP A 19 -2.03 8.07 5.62
N GLN A 20 -3.15 8.05 4.89
CA GLN A 20 -3.25 7.32 3.64
C GLN A 20 -2.19 7.77 2.62
N LYS A 21 -1.87 9.06 2.64
CA LYS A 21 -0.91 9.62 1.69
C LYS A 21 0.47 8.99 1.87
N THR A 22 0.81 8.65 3.11
CA THR A 22 2.10 8.04 3.41
C THR A 22 2.20 6.66 2.78
N HIS A 23 1.11 5.90 2.90
CA HIS A 23 1.07 4.53 2.40
C HIS A 23 0.87 4.51 0.89
N LEU A 24 0.33 5.61 0.37
CA LEU A 24 0.21 5.80 -1.06
C LEU A 24 1.60 5.75 -1.69
N ASP A 25 2.51 6.57 -1.18
CA ASP A 25 3.88 6.60 -1.66
C ASP A 25 4.59 5.29 -1.33
N TRP A 26 4.32 4.77 -0.12
CA TRP A 26 4.88 3.50 0.32
C TRP A 26 4.58 2.40 -0.68
N LEU A 27 3.32 2.30 -1.10
CA LEU A 27 2.88 1.25 -2.00
C LEU A 27 3.59 1.36 -3.34
N LYS A 28 3.84 2.59 -3.77
CA LYS A 28 4.58 2.85 -5.00
C LYS A 28 5.99 2.30 -4.89
N GLU A 29 6.67 2.68 -3.82
CA GLU A 29 8.03 2.22 -3.57
C GLU A 29 8.06 0.71 -3.33
N ALA A 30 6.96 0.19 -2.81
CA ALA A 30 6.82 -1.24 -2.56
C ALA A 30 6.70 -2.03 -3.85
N LEU A 31 5.88 -1.53 -4.76
CA LEU A 31 5.69 -2.16 -6.06
C LEU A 31 6.93 -2.00 -6.91
N GLY A 32 7.63 -0.88 -6.72
CA GLY A 32 8.85 -0.62 -7.47
C GLY A 32 8.62 -0.59 -8.96
N ASN A 33 7.52 0.02 -9.38
CA ASN A 33 7.18 0.07 -10.79
C ASN A 33 6.25 1.23 -11.08
N ASP A 34 5.90 1.38 -12.34
CA ASP A 34 4.98 2.41 -12.78
C ASP A 34 3.62 1.80 -13.08
N GLY A 35 3.65 0.65 -13.78
CA GLY A 35 2.44 0.00 -14.23
C GLY A 35 1.53 -0.48 -13.11
N GLU A 36 2.05 -1.32 -12.21
CA GLU A 36 1.23 -1.90 -11.16
C GLU A 36 0.63 -0.82 -10.26
N PHE A 37 1.43 0.18 -9.92
CA PHE A 37 0.96 1.24 -9.04
C PHE A 37 -0.02 2.15 -9.78
N ASP A 38 0.15 2.23 -11.10
CA ASP A 38 -0.83 2.92 -11.95
C ASP A 38 -2.20 2.33 -11.75
N LYS A 39 -2.26 1.01 -11.82
CA LYS A 39 -3.52 0.30 -11.66
C LYS A 39 -4.14 0.59 -10.30
N PHE A 40 -3.32 0.63 -9.26
CA PHE A 40 -3.81 0.95 -7.91
C PHE A 40 -4.44 2.34 -7.89
N LEU A 41 -3.83 3.27 -8.62
CA LEU A 41 -4.33 4.64 -8.69
C LEU A 41 -5.58 4.72 -9.57
N GLY A 42 -5.83 3.66 -10.32
CA GLY A 42 -6.99 3.62 -11.19
C GLY A 42 -8.04 2.65 -10.71
N TYR A 43 -8.37 2.72 -9.43
CA TYR A 43 -9.42 1.89 -8.86
C TYR A 43 -10.51 2.73 -8.20
N ASP A 44 -11.40 2.08 -7.49
CA ASP A 44 -12.47 2.76 -6.76
C ASP A 44 -11.90 3.41 -5.49
N GLU A 45 -12.27 4.65 -5.23
CA GLU A 45 -11.81 5.35 -4.05
C GLU A 45 -12.14 4.57 -2.77
N SER A 46 -13.29 3.91 -2.77
CA SER A 46 -13.71 3.16 -1.59
C SER A 46 -12.82 1.93 -1.40
N LYS A 47 -12.29 1.41 -2.49
CA LYS A 47 -11.43 0.24 -2.40
C LYS A 47 -9.99 0.65 -2.14
N ILE A 48 -9.59 1.79 -2.70
CA ILE A 48 -8.24 2.31 -2.54
C ILE A 48 -7.96 2.71 -1.09
N LYS A 49 -8.85 3.50 -0.50
CA LYS A 49 -8.66 3.99 0.86
C LYS A 49 -8.69 2.83 1.86
N THR A 50 -9.54 1.85 1.58
CA THR A 50 -9.62 0.66 2.41
C THR A 50 -8.29 -0.13 2.35
N ALA A 51 -7.77 -0.27 1.14
CA ALA A 51 -6.49 -0.96 0.95
C ALA A 51 -5.38 -0.27 1.72
N LEU A 52 -5.34 1.07 1.62
CA LEU A 52 -4.31 1.85 2.30
C LEU A 52 -4.43 1.73 3.81
N ASP A 53 -5.63 1.91 4.35
CA ASP A 53 -5.83 1.85 5.81
C ASP A 53 -5.56 0.44 6.34
N HIS A 54 -5.85 -0.56 5.51
CA HIS A 54 -5.55 -1.93 5.87
C HIS A 54 -4.04 -2.16 5.90
N ILE A 55 -3.36 -1.75 4.84
CA ILE A 55 -1.90 -1.80 4.77
C ILE A 55 -1.31 -1.07 5.97
N LYS A 56 -1.85 0.11 6.22
CA LYS A 56 -1.51 0.94 7.37
C LYS A 56 -1.66 0.16 8.67
N SER A 57 -2.80 -0.51 8.83
CA SER A 57 -3.08 -1.31 10.01
C SER A 57 -2.03 -2.40 10.19
N GLU A 58 -1.73 -3.11 9.11
CA GLU A 58 -0.72 -4.16 9.12
C GLU A 58 0.66 -3.60 9.43
N LEU A 59 1.01 -2.52 8.74
CA LEU A 59 2.31 -1.87 8.93
C LEU A 59 2.50 -1.42 10.38
N ASP A 60 1.39 -1.02 11.00
CA ASP A 60 1.41 -0.55 12.38
C ASP A 60 1.56 -1.71 13.37
N LYS A 61 1.26 -2.91 12.92
CA LYS A 61 1.45 -4.09 13.75
C LYS A 61 2.93 -4.39 13.91
N CYS A 62 3.68 -4.24 12.83
CA CYS A 62 5.09 -4.54 12.83
C CYS A 62 5.91 -3.29 13.14
N ASN A 63 5.90 -2.90 14.40
CA ASN A 63 6.68 -1.76 14.87
C ASN A 63 7.62 -2.21 15.98
N GLY A 64 8.80 -2.68 15.58
CA GLY A 64 9.79 -3.15 16.52
C GLY A 64 11.19 -2.96 15.99
N ASN A 65 12.10 -3.85 16.39
CA ASN A 65 13.49 -3.74 15.99
C ASN A 65 13.65 -4.00 14.50
N ASP A 66 13.16 -5.14 14.04
CA ASP A 66 13.21 -5.49 12.63
C ASP A 66 11.93 -5.06 11.93
N ALA A 67 11.45 -3.87 12.27
CA ALA A 67 10.22 -3.34 11.70
C ALA A 67 10.33 -3.23 10.19
N ASP A 68 11.46 -2.72 9.71
CA ASP A 68 11.68 -2.54 8.28
C ASP A 68 11.59 -3.86 7.55
N GLN A 69 12.19 -4.89 8.14
CA GLN A 69 12.25 -6.19 7.51
C GLN A 69 10.85 -6.72 7.24
N GLN A 70 9.98 -6.60 8.22
CA GLN A 70 8.61 -7.04 8.08
C GLN A 70 7.85 -6.14 7.12
N LYS A 71 8.03 -4.83 7.26
CA LYS A 71 7.39 -3.86 6.37
C LYS A 71 7.82 -4.09 4.93
N THR A 72 9.09 -4.43 4.75
CA THR A 72 9.64 -4.70 3.43
C THR A 72 9.10 -6.01 2.86
N THR A 73 8.91 -7.00 3.71
CA THR A 73 8.30 -8.25 3.28
C THR A 73 6.85 -8.00 2.88
N PHE A 74 6.23 -7.04 3.57
CA PHE A 74 4.85 -6.65 3.28
C PHE A 74 4.78 -5.95 1.92
N LYS A 75 5.86 -5.28 1.52
CA LYS A 75 5.96 -4.67 0.20
C LYS A 75 5.79 -5.75 -0.87
N GLN A 76 6.44 -6.88 -0.66
CA GLN A 76 6.38 -8.01 -1.58
C GLN A 76 5.01 -8.67 -1.50
N THR A 77 4.35 -8.50 -0.36
CA THR A 77 3.02 -9.03 -0.15
C THR A 77 1.99 -8.27 -0.99
N VAL A 78 2.02 -6.94 -0.90
CA VAL A 78 1.09 -6.11 -1.64
C VAL A 78 1.28 -6.27 -3.14
N GLN A 79 2.53 -6.49 -3.55
CA GLN A 79 2.86 -6.74 -4.95
C GLN A 79 1.98 -7.87 -5.52
N GLY A 80 1.96 -9.00 -4.83
CA GLY A 80 1.20 -10.14 -5.29
C GLY A 80 -0.27 -10.00 -4.96
N ALA A 81 -0.56 -9.17 -3.96
CA ALA A 81 -1.93 -8.94 -3.53
C ALA A 81 -2.73 -8.18 -4.58
N LEU A 82 -2.17 -7.08 -5.06
CA LEU A 82 -2.85 -6.25 -6.05
C LEU A 82 -2.75 -6.83 -7.44
N SER A 83 -1.99 -7.90 -7.55
CA SER A 83 -1.81 -8.59 -8.82
C SER A 83 -3.07 -9.36 -9.18
N GLY A 84 -3.83 -9.72 -8.16
CA GLY A 84 -5.07 -10.44 -8.37
C GLY A 84 -6.28 -9.53 -8.26
N GLY A 85 -6.04 -8.24 -8.10
CA GLY A 85 -7.13 -7.30 -7.96
C GLY A 85 -7.24 -6.77 -6.55
N ILE A 86 -7.67 -5.53 -6.43
CA ILE A 86 -7.81 -4.88 -5.13
C ILE A 86 -9.14 -5.29 -4.47
N ASP A 87 -9.96 -6.02 -5.22
CA ASP A 87 -11.27 -6.43 -4.74
C ASP A 87 -11.16 -7.55 -3.71
N GLY A 88 -10.20 -8.44 -3.93
CA GLY A 88 -9.96 -9.51 -3.00
C GLY A 88 -8.84 -9.18 -2.04
N PHE A 89 -8.48 -7.90 -1.99
CA PHE A 89 -7.41 -7.43 -1.14
C PHE A 89 -7.92 -7.27 0.28
N GLY A 90 -7.05 -7.56 1.23
CA GLY A 90 -7.38 -7.41 2.62
C GLY A 90 -6.73 -8.46 3.48
N SER A 91 -7.36 -8.79 4.59
CA SER A 91 -6.81 -9.77 5.53
C SER A 91 -6.82 -11.18 4.95
N ASN A 92 -7.28 -11.32 3.72
CA ASN A 92 -7.29 -12.60 3.04
C ASN A 92 -5.95 -12.88 2.40
N ASN A 93 -5.40 -11.88 1.73
CA ASN A 93 -4.19 -12.09 0.93
C ASN A 93 -3.04 -11.17 1.36
N ALA A 94 -3.34 -10.17 2.17
CA ALA A 94 -2.33 -9.24 2.64
C ALA A 94 -2.40 -9.04 4.14
N VAL A 95 -1.49 -9.68 4.86
CA VAL A 95 -1.46 -9.59 6.31
C VAL A 95 -0.02 -9.51 6.81
N THR A 96 0.16 -8.81 7.91
CA THR A 96 1.46 -8.81 8.57
C THR A 96 1.50 -9.86 9.66
N THR A 97 2.32 -10.89 9.44
CA THR A 97 2.52 -11.93 10.42
C THR A 97 3.52 -11.47 11.49
N CYS A 98 3.27 -10.29 12.05
CA CYS A 98 4.12 -9.74 13.10
C CYS A 98 4.10 -10.68 14.31
N GLY A 99 2.92 -11.22 14.59
CA GLY A 99 2.77 -12.19 15.65
C GLY A 99 1.85 -13.31 15.23
N ASN A 100 0.58 -12.97 15.05
CA ASN A 100 -0.42 -13.93 14.61
C ASN A 100 -0.94 -13.58 13.22
N GLY A 101 -0.93 -14.56 12.32
CA GLY A 101 -1.45 -14.34 10.99
C GLY A 101 -1.89 -15.63 10.34
N SER A 102 -1.08 -16.66 10.50
CA SER A 102 -1.39 -17.98 9.96
C SER A 102 -1.17 -19.04 11.04
N GLY A 1 3.54 8.45 -11.11
CA GLY A 1 4.56 9.42 -11.58
C GLY A 1 5.70 9.56 -10.59
N ALA A 2 6.92 9.34 -11.05
CA ALA A 2 8.10 9.54 -10.21
C ALA A 2 8.64 10.95 -10.45
N MET A 3 8.83 11.28 -11.72
CA MET A 3 9.20 12.63 -12.10
C MET A 3 8.48 13.01 -13.40
N GLY A 4 7.56 13.95 -13.28
CA GLY A 4 6.83 14.44 -14.43
C GLY A 4 5.68 15.33 -14.03
N PRO A 5 4.54 15.25 -14.71
CA PRO A 5 3.36 16.02 -14.37
C PRO A 5 2.53 15.33 -13.29
N LYS A 6 1.47 15.99 -12.83
CA LYS A 6 0.58 15.39 -11.85
C LYS A 6 -0.19 14.23 -12.47
N SER A 7 -0.08 13.07 -11.86
CA SER A 7 -0.66 11.87 -12.40
C SER A 7 -1.85 11.39 -11.57
N LYS A 8 -2.32 10.18 -11.83
CA LYS A 8 -3.45 9.61 -11.10
C LYS A 8 -3.25 9.70 -9.60
N GLU A 9 -2.01 9.43 -9.17
CA GLU A 9 -1.66 9.48 -7.76
C GLU A 9 -1.97 10.84 -7.17
N GLU A 10 -1.62 11.89 -7.90
CA GLU A 10 -1.78 13.25 -7.43
C GLU A 10 -3.24 13.63 -7.32
N LEU A 11 -3.97 13.39 -8.40
CA LEU A 11 -5.38 13.77 -8.48
C LEU A 11 -6.20 13.07 -7.41
N LEU A 12 -5.81 11.85 -7.08
CA LEU A 12 -6.50 11.10 -6.05
C LEU A 12 -6.03 11.49 -4.66
N ARG A 13 -4.71 11.71 -4.49
CA ARG A 13 -4.17 11.95 -3.16
C ARG A 13 -4.55 13.32 -2.64
N GLU A 14 -5.17 14.13 -3.49
CA GLU A 14 -5.80 15.36 -3.04
C GLU A 14 -6.92 15.03 -2.05
N LYS A 15 -7.64 13.94 -2.34
CA LYS A 15 -8.78 13.53 -1.53
C LYS A 15 -8.37 12.62 -0.37
N LEU A 16 -7.15 12.10 -0.44
CA LEU A 16 -6.67 11.15 0.56
C LEU A 16 -6.12 11.88 1.77
N SER A 17 -6.10 11.21 2.91
CA SER A 17 -5.54 11.76 4.13
C SER A 17 -4.02 11.67 4.09
N GLU A 18 -3.36 12.34 5.02
CA GLU A 18 -1.91 12.38 5.07
C GLU A 18 -1.37 11.00 5.42
N ASP A 19 -2.10 10.30 6.26
CA ASP A 19 -1.73 8.94 6.65
C ASP A 19 -1.83 8.01 5.45
N GLN A 20 -2.84 8.24 4.62
CA GLN A 20 -3.02 7.48 3.40
C GLN A 20 -1.95 7.86 2.37
N LYS A 21 -1.61 9.15 2.32
CA LYS A 21 -0.54 9.64 1.46
C LYS A 21 0.78 8.97 1.80
N THR A 22 0.97 8.71 3.08
CA THR A 22 2.19 8.06 3.56
C THR A 22 2.32 6.66 2.98
N HIS A 23 1.23 5.91 3.01
CA HIS A 23 1.24 4.52 2.55
C HIS A 23 1.07 4.45 1.04
N LEU A 24 0.60 5.52 0.43
CA LEU A 24 0.52 5.62 -1.02
C LEU A 24 1.95 5.66 -1.59
N ASP A 25 2.77 6.52 -1.01
CA ASP A 25 4.19 6.61 -1.39
C ASP A 25 4.89 5.28 -1.09
N TRP A 26 4.54 4.68 0.04
CA TRP A 26 5.06 3.36 0.41
C TRP A 26 4.71 2.34 -0.66
N LEU A 27 3.47 2.40 -1.14
CA LEU A 27 2.99 1.50 -2.18
C LEU A 27 3.74 1.73 -3.48
N LYS A 28 4.13 2.98 -3.74
CA LYS A 28 4.93 3.30 -4.90
C LYS A 28 6.24 2.52 -4.87
N GLU A 29 6.85 2.50 -3.70
CA GLU A 29 8.09 1.77 -3.49
C GLU A 29 7.83 0.26 -3.49
N ALA A 30 6.70 -0.13 -2.90
CA ALA A 30 6.31 -1.53 -2.78
C ALA A 30 6.15 -2.18 -4.15
N LEU A 31 5.43 -1.52 -5.03
CA LEU A 31 5.19 -2.03 -6.37
C LEU A 31 6.43 -1.80 -7.24
N GLY A 32 7.19 -0.76 -6.91
CA GLY A 32 8.42 -0.47 -7.62
C GLY A 32 8.16 0.21 -8.93
N ASN A 33 7.50 -0.50 -9.84
CA ASN A 33 7.17 0.04 -11.14
C ASN A 33 6.07 1.07 -11.01
N ASP A 34 6.41 2.31 -11.33
CA ASP A 34 5.45 3.41 -11.26
C ASP A 34 4.26 3.12 -12.16
N GLY A 35 4.52 2.39 -13.24
CA GLY A 35 3.48 2.03 -14.18
C GLY A 35 2.42 1.15 -13.56
N GLU A 36 2.82 0.14 -12.80
CA GLU A 36 1.84 -0.74 -12.18
C GLU A 36 1.31 -0.13 -10.88
N PHE A 37 2.03 0.84 -10.36
CA PHE A 37 1.54 1.62 -9.24
C PHE A 37 0.38 2.49 -9.69
N ASP A 38 0.52 3.07 -10.88
CA ASP A 38 -0.52 3.89 -11.51
C ASP A 38 -1.87 3.17 -11.50
N LYS A 39 -1.80 1.88 -11.80
CA LYS A 39 -2.97 1.00 -11.83
C LYS A 39 -3.83 1.14 -10.57
N PHE A 40 -3.19 1.19 -9.42
CA PHE A 40 -3.88 1.28 -8.13
C PHE A 40 -4.83 2.47 -8.07
N LEU A 41 -4.34 3.61 -8.54
CA LEU A 41 -5.08 4.85 -8.48
C LEU A 41 -6.33 4.82 -9.35
N GLY A 42 -6.31 3.96 -10.35
CA GLY A 42 -7.43 3.84 -11.25
C GLY A 42 -8.50 2.88 -10.76
N TYR A 43 -8.78 2.93 -9.46
CA TYR A 43 -9.80 2.09 -8.87
C TYR A 43 -10.81 2.93 -8.10
N ASP A 44 -11.73 2.26 -7.43
CA ASP A 44 -12.73 2.94 -6.61
C ASP A 44 -12.10 3.45 -5.33
N GLU A 45 -12.49 4.65 -4.92
CA GLU A 45 -12.00 5.23 -3.69
C GLU A 45 -12.25 4.30 -2.50
N SER A 46 -13.38 3.62 -2.53
CA SER A 46 -13.73 2.70 -1.46
C SER A 46 -12.73 1.56 -1.36
N LYS A 47 -12.28 1.07 -2.51
CA LYS A 47 -11.32 -0.04 -2.54
C LYS A 47 -9.93 0.48 -2.23
N ILE A 48 -9.63 1.64 -2.79
CA ILE A 48 -8.32 2.27 -2.63
C ILE A 48 -8.03 2.62 -1.17
N LYS A 49 -8.95 3.33 -0.54
CA LYS A 49 -8.77 3.77 0.84
C LYS A 49 -8.74 2.59 1.79
N THR A 50 -9.52 1.55 1.48
CA THR A 50 -9.51 0.35 2.28
C THR A 50 -8.17 -0.38 2.16
N ALA A 51 -7.65 -0.43 0.93
CA ALA A 51 -6.36 -1.06 0.68
C ALA A 51 -5.24 -0.36 1.45
N LEU A 52 -5.19 0.96 1.33
CA LEU A 52 -4.16 1.75 2.01
C LEU A 52 -4.28 1.63 3.53
N ASP A 53 -5.50 1.73 4.03
CA ASP A 53 -5.74 1.66 5.47
C ASP A 53 -5.43 0.27 6.01
N HIS A 54 -5.65 -0.76 5.19
CA HIS A 54 -5.30 -2.12 5.57
C HIS A 54 -3.79 -2.25 5.73
N ILE A 55 -3.05 -1.76 4.74
CA ILE A 55 -1.59 -1.73 4.80
C ILE A 55 -1.14 -1.04 6.08
N LYS A 56 -1.79 0.07 6.38
CA LYS A 56 -1.52 0.81 7.60
C LYS A 56 -1.83 -0.04 8.84
N SER A 57 -2.97 -0.72 8.82
CA SER A 57 -3.39 -1.54 9.96
C SER A 57 -2.42 -2.69 10.21
N GLU A 58 -1.85 -3.23 9.13
CA GLU A 58 -0.82 -4.25 9.23
C GLU A 58 0.46 -3.64 9.82
N LEU A 59 0.93 -2.57 9.21
CA LEU A 59 2.14 -1.89 9.68
C LEU A 59 1.96 -1.36 11.10
N ASP A 60 0.72 -1.25 11.53
CA ASP A 60 0.37 -0.82 12.87
C ASP A 60 0.75 -1.88 13.91
N LYS A 61 0.86 -3.13 13.45
CA LYS A 61 1.27 -4.24 14.30
C LYS A 61 2.78 -4.24 14.48
N CYS A 62 3.47 -3.75 13.48
CA CYS A 62 4.92 -3.86 13.42
C CYS A 62 5.58 -2.69 14.14
N ASN A 63 5.90 -2.91 15.41
CA ASN A 63 6.55 -1.90 16.25
C ASN A 63 7.71 -2.52 17.00
N GLY A 64 8.92 -2.38 16.49
CA GLY A 64 10.07 -2.83 17.22
C GLY A 64 11.21 -3.34 16.36
N ASN A 65 11.82 -4.44 16.79
CA ASN A 65 13.05 -4.97 16.22
C ASN A 65 12.91 -5.37 14.76
N ASP A 66 12.44 -6.58 14.50
CA ASP A 66 12.38 -7.11 13.13
C ASP A 66 11.13 -6.62 12.41
N ALA A 67 10.50 -5.60 12.98
CA ALA A 67 9.26 -5.07 12.45
C ALA A 67 9.48 -4.43 11.09
N ASP A 68 10.49 -3.58 11.02
CA ASP A 68 10.76 -2.83 9.81
C ASP A 68 11.21 -3.72 8.67
N GLN A 69 11.75 -4.88 9.01
CA GLN A 69 12.19 -5.83 8.01
C GLN A 69 10.97 -6.49 7.37
N GLN A 70 10.00 -6.84 8.21
CA GLN A 70 8.75 -7.43 7.73
C GLN A 70 7.96 -6.39 6.93
N LYS A 71 8.06 -5.13 7.33
CA LYS A 71 7.44 -4.04 6.57
C LYS A 71 7.98 -4.04 5.14
N THR A 72 9.26 -4.32 5.02
CA THR A 72 9.94 -4.36 3.73
C THR A 72 9.48 -5.57 2.91
N THR A 73 9.37 -6.72 3.57
CA THR A 73 8.90 -7.93 2.91
C THR A 73 7.42 -7.82 2.53
N PHE A 74 6.68 -7.03 3.30
CA PHE A 74 5.26 -6.83 3.11
C PHE A 74 4.98 -6.18 1.75
N LYS A 75 5.96 -5.45 1.24
CA LYS A 75 5.87 -4.84 -0.08
C LYS A 75 5.61 -5.90 -1.14
N GLN A 76 6.21 -7.06 -0.97
CA GLN A 76 6.09 -8.15 -1.91
C GLN A 76 4.75 -8.87 -1.72
N THR A 77 4.25 -8.87 -0.48
CA THR A 77 2.94 -9.45 -0.20
C THR A 77 1.85 -8.65 -0.89
N VAL A 78 1.97 -7.33 -0.83
CA VAL A 78 1.02 -6.45 -1.49
C VAL A 78 1.03 -6.70 -3.00
N GLN A 79 2.21 -6.92 -3.56
CA GLN A 79 2.36 -7.25 -4.97
C GLN A 79 1.59 -8.52 -5.33
N GLY A 80 1.58 -9.48 -4.41
CA GLY A 80 0.90 -10.73 -4.64
C GLY A 80 -0.58 -10.67 -4.32
N ALA A 81 -0.98 -9.63 -3.60
CA ALA A 81 -2.37 -9.47 -3.20
C ALA A 81 -3.14 -8.62 -4.21
N LEU A 82 -2.41 -7.80 -4.96
CA LEU A 82 -3.00 -6.97 -5.99
C LEU A 82 -2.67 -7.52 -7.37
N SER A 83 -2.42 -8.82 -7.42
CA SER A 83 -2.05 -9.50 -8.67
C SER A 83 -3.10 -9.27 -9.76
N GLY A 84 -4.37 -9.38 -9.38
CA GLY A 84 -5.43 -9.20 -10.35
C GLY A 84 -6.73 -8.79 -9.71
N GLY A 85 -6.68 -7.97 -8.69
CA GLY A 85 -7.88 -7.49 -8.05
C GLY A 85 -7.63 -6.77 -6.75
N ILE A 86 -8.22 -5.59 -6.62
CA ILE A 86 -8.05 -4.78 -5.43
C ILE A 86 -9.20 -5.01 -4.44
N ASP A 87 -10.29 -5.58 -4.93
CA ASP A 87 -11.49 -5.80 -4.13
C ASP A 87 -11.31 -7.01 -3.20
N GLY A 88 -10.28 -7.79 -3.50
CA GLY A 88 -9.95 -8.93 -2.65
C GLY A 88 -8.73 -8.68 -1.80
N PHE A 89 -8.32 -7.41 -1.72
CA PHE A 89 -7.17 -7.05 -0.92
C PHE A 89 -7.57 -6.92 0.54
N GLY A 90 -7.11 -7.86 1.35
CA GLY A 90 -7.45 -7.85 2.75
C GLY A 90 -6.56 -8.76 3.57
N SER A 91 -7.02 -9.10 4.77
CA SER A 91 -6.24 -9.88 5.71
C SER A 91 -6.18 -11.35 5.32
N ASN A 92 -6.79 -11.69 4.20
CA ASN A 92 -6.75 -13.04 3.67
C ASN A 92 -5.38 -13.28 3.03
N ASN A 93 -4.88 -12.26 2.36
CA ASN A 93 -3.63 -12.36 1.62
C ASN A 93 -2.52 -11.57 2.32
N ALA A 94 -2.74 -10.27 2.42
CA ALA A 94 -1.72 -9.36 2.88
C ALA A 94 -1.76 -9.19 4.39
N VAL A 95 -0.79 -9.77 5.06
CA VAL A 95 -0.66 -9.63 6.50
C VAL A 95 0.79 -9.43 6.89
N THR A 96 1.02 -8.55 7.83
CA THR A 96 2.34 -8.36 8.38
C THR A 96 2.70 -9.47 9.34
N THR A 97 3.56 -10.36 8.90
CA THR A 97 4.08 -11.44 9.73
C THR A 97 5.08 -10.92 10.78
N CYS A 98 4.67 -9.88 11.50
CA CYS A 98 5.46 -9.35 12.59
C CYS A 98 5.10 -10.07 13.88
N GLY A 99 5.90 -11.06 14.24
CA GLY A 99 5.59 -11.88 15.39
C GLY A 99 6.29 -11.39 16.63
N ASN A 100 5.93 -10.18 17.04
CA ASN A 100 6.55 -9.58 18.20
C ASN A 100 5.91 -10.10 19.48
N GLY A 101 4.80 -10.82 19.33
CA GLY A 101 4.09 -11.34 20.48
C GLY A 101 2.67 -10.86 20.53
N SER A 102 1.91 -11.37 21.48
CA SER A 102 0.52 -10.98 21.65
C SER A 102 0.29 -10.41 23.05
N GLY A 1 12.43 11.86 -14.30
CA GLY A 1 13.01 13.22 -14.50
C GLY A 1 13.17 13.99 -13.20
N ALA A 2 13.66 15.21 -13.30
CA ALA A 2 13.91 16.03 -12.12
C ALA A 2 12.63 16.73 -11.66
N MET A 3 11.90 17.28 -12.61
CA MET A 3 10.69 18.02 -12.30
C MET A 3 9.47 17.24 -12.78
N GLY A 4 8.59 16.88 -11.86
CA GLY A 4 7.41 16.15 -12.21
C GLY A 4 6.15 16.80 -11.69
N PRO A 5 5.12 16.94 -12.52
CA PRO A 5 3.84 17.50 -12.11
C PRO A 5 3.00 16.48 -11.35
N LYS A 6 1.88 16.93 -10.80
CA LYS A 6 1.01 16.04 -10.05
C LYS A 6 0.34 15.03 -10.98
N SER A 7 0.26 13.80 -10.51
CA SER A 7 -0.25 12.70 -11.30
C SER A 7 -1.39 12.00 -10.56
N LYS A 8 -1.73 10.78 -10.98
CA LYS A 8 -2.87 10.06 -10.42
C LYS A 8 -2.77 9.94 -8.90
N GLU A 9 -1.61 9.54 -8.41
CA GLU A 9 -1.43 9.38 -6.98
C GLU A 9 -1.47 10.73 -6.28
N GLU A 10 -0.90 11.73 -6.92
CA GLU A 10 -0.89 13.07 -6.37
C GLU A 10 -2.32 13.61 -6.25
N LEU A 11 -3.14 13.30 -7.25
CA LEU A 11 -4.56 13.67 -7.25
C LEU A 11 -5.32 12.88 -6.19
N LEU A 12 -5.04 11.59 -6.13
CA LEU A 12 -5.75 10.68 -5.24
C LEU A 12 -5.37 10.91 -3.79
N ARG A 13 -4.15 11.31 -3.54
CA ARG A 13 -3.70 11.55 -2.17
C ARG A 13 -4.40 12.77 -1.59
N GLU A 14 -4.95 13.59 -2.48
CA GLU A 14 -5.79 14.72 -2.05
C GLU A 14 -7.12 14.20 -1.50
N LYS A 15 -7.49 13.01 -1.94
CA LYS A 15 -8.74 12.38 -1.52
C LYS A 15 -8.51 11.58 -0.23
N LEU A 16 -7.26 11.26 0.01
CA LEU A 16 -6.87 10.38 1.10
C LEU A 16 -6.58 11.16 2.38
N SER A 17 -6.34 10.44 3.45
CA SER A 17 -5.81 11.02 4.67
C SER A 17 -4.35 11.38 4.44
N GLU A 18 -3.77 12.15 5.35
CA GLU A 18 -2.39 12.57 5.20
C GLU A 18 -1.47 11.41 5.52
N ASP A 19 -1.96 10.52 6.36
CA ASP A 19 -1.26 9.29 6.69
C ASP A 19 -1.31 8.31 5.51
N GLN A 20 -2.48 8.22 4.87
CA GLN A 20 -2.66 7.34 3.70
C GLN A 20 -1.72 7.76 2.57
N LYS A 21 -1.41 9.05 2.50
CA LYS A 21 -0.52 9.57 1.47
C LYS A 21 0.84 8.86 1.49
N THR A 22 1.37 8.66 2.68
CA THR A 22 2.69 8.07 2.83
C THR A 22 2.68 6.58 2.48
N HIS A 23 1.58 5.92 2.76
CA HIS A 23 1.44 4.51 2.42
C HIS A 23 1.19 4.34 0.92
N LEU A 24 0.71 5.42 0.29
CA LEU A 24 0.58 5.46 -1.15
C LEU A 24 1.97 5.48 -1.78
N ASP A 25 2.86 6.28 -1.20
CA ASP A 25 4.27 6.32 -1.60
C ASP A 25 4.89 4.95 -1.42
N TRP A 26 4.64 4.36 -0.25
CA TRP A 26 5.14 3.02 0.08
C TRP A 26 4.72 2.00 -0.97
N LEU A 27 3.45 2.07 -1.38
CA LEU A 27 2.92 1.15 -2.37
C LEU A 27 3.58 1.36 -3.74
N LYS A 28 3.95 2.60 -4.03
CA LYS A 28 4.65 2.92 -5.27
C LYS A 28 5.99 2.18 -5.30
N GLU A 29 6.68 2.19 -4.18
CA GLU A 29 7.94 1.45 -4.06
C GLU A 29 7.70 -0.05 -4.01
N ALA A 30 6.57 -0.46 -3.44
CA ALA A 30 6.24 -1.87 -3.32
C ALA A 30 6.06 -2.52 -4.67
N LEU A 31 5.26 -1.90 -5.52
CA LEU A 31 5.01 -2.42 -6.85
C LEU A 31 6.21 -2.22 -7.77
N GLY A 32 7.05 -1.27 -7.41
CA GLY A 32 8.27 -1.03 -8.16
C GLY A 32 8.02 -0.25 -9.43
N ASN A 33 7.24 -0.83 -10.33
CA ASN A 33 6.90 -0.17 -11.57
C ASN A 33 5.70 0.73 -11.37
N ASP A 34 5.86 1.99 -11.72
CA ASP A 34 4.79 2.96 -11.58
C ASP A 34 3.67 2.64 -12.55
N GLY A 35 4.00 1.88 -13.58
CA GLY A 35 3.02 1.44 -14.55
C GLY A 35 2.05 0.43 -13.97
N GLU A 36 2.47 -0.23 -12.89
CA GLU A 36 1.62 -1.18 -12.20
C GLU A 36 0.95 -0.52 -11.02
N PHE A 37 1.62 0.49 -10.47
CA PHE A 37 1.04 1.32 -9.41
C PHE A 37 -0.09 2.16 -9.98
N ASP A 38 0.02 2.48 -11.27
CA ASP A 38 -1.03 3.17 -12.02
C ASP A 38 -2.35 2.43 -11.90
N LYS A 39 -2.26 1.12 -12.01
CA LYS A 39 -3.42 0.23 -11.95
C LYS A 39 -4.22 0.45 -10.66
N PHE A 40 -3.51 0.61 -9.55
CA PHE A 40 -4.14 0.84 -8.26
C PHE A 40 -4.83 2.20 -8.24
N LEU A 41 -4.25 3.13 -8.96
CA LEU A 41 -4.73 4.51 -8.99
C LEU A 41 -5.94 4.66 -9.93
N GLY A 42 -6.48 3.55 -10.39
CA GLY A 42 -7.62 3.59 -11.28
C GLY A 42 -8.78 2.77 -10.77
N TYR A 43 -8.84 2.57 -9.46
CA TYR A 43 -9.90 1.78 -8.85
C TYR A 43 -10.90 2.65 -8.11
N ASP A 44 -11.92 2.00 -7.55
CA ASP A 44 -12.90 2.67 -6.71
C ASP A 44 -12.20 3.30 -5.53
N GLU A 45 -12.46 4.57 -5.29
CA GLU A 45 -11.85 5.28 -4.19
C GLU A 45 -12.22 4.65 -2.85
N SER A 46 -13.34 3.94 -2.82
CA SER A 46 -13.77 3.25 -1.62
C SER A 46 -12.85 2.05 -1.37
N LYS A 47 -12.47 1.37 -2.44
CA LYS A 47 -11.60 0.21 -2.34
C LYS A 47 -10.18 0.66 -2.05
N ILE A 48 -9.78 1.72 -2.73
CA ILE A 48 -8.44 2.28 -2.61
C ILE A 48 -8.09 2.62 -1.16
N LYS A 49 -8.88 3.47 -0.51
CA LYS A 49 -8.61 3.84 0.87
C LYS A 49 -8.61 2.63 1.80
N THR A 50 -9.54 1.72 1.60
CA THR A 50 -9.59 0.52 2.43
C THR A 50 -8.34 -0.33 2.26
N ALA A 51 -7.83 -0.41 1.04
CA ALA A 51 -6.59 -1.10 0.76
C ALA A 51 -5.44 -0.44 1.52
N LEU A 52 -5.39 0.89 1.44
CA LEU A 52 -4.32 1.64 2.11
C LEU A 52 -4.47 1.57 3.63
N ASP A 53 -5.71 1.64 4.11
CA ASP A 53 -5.98 1.52 5.54
C ASP A 53 -5.48 0.18 6.06
N HIS A 54 -5.71 -0.88 5.30
CA HIS A 54 -5.24 -2.20 5.66
C HIS A 54 -3.72 -2.24 5.65
N ILE A 55 -3.13 -1.73 4.58
CA ILE A 55 -1.67 -1.62 4.48
C ILE A 55 -1.11 -0.88 5.69
N LYS A 56 -1.73 0.24 6.02
CA LYS A 56 -1.32 1.03 7.19
C LYS A 56 -1.47 0.22 8.47
N SER A 57 -2.59 -0.46 8.62
CA SER A 57 -2.84 -1.27 9.81
C SER A 57 -1.73 -2.30 10.00
N GLU A 58 -1.44 -3.05 8.94
CA GLU A 58 -0.38 -4.05 8.96
C GLU A 58 0.98 -3.41 9.25
N LEU A 59 1.21 -2.25 8.67
CA LEU A 59 2.49 -1.56 8.84
C LEU A 59 2.59 -0.89 10.21
N ASP A 60 1.45 -0.53 10.78
CA ASP A 60 1.41 0.13 12.09
C ASP A 60 1.47 -0.88 13.23
N LYS A 61 1.00 -2.10 12.98
CA LYS A 61 1.15 -3.17 13.98
C LYS A 61 2.58 -3.68 13.97
N CYS A 62 3.28 -3.39 12.88
CA CYS A 62 4.69 -3.68 12.79
C CYS A 62 5.51 -2.49 13.27
N ASN A 63 5.74 -2.47 14.57
CA ASN A 63 6.43 -1.36 15.22
C ASN A 63 7.41 -1.89 16.27
N GLY A 64 7.70 -3.18 16.17
CA GLY A 64 8.60 -3.80 17.12
C GLY A 64 10.05 -3.64 16.75
N ASN A 65 10.83 -4.70 16.94
CA ASN A 65 12.28 -4.64 16.75
C ASN A 65 12.63 -4.53 15.28
N ASP A 66 12.36 -5.60 14.54
CA ASP A 66 12.70 -5.68 13.13
C ASP A 66 11.53 -5.23 12.28
N ALA A 67 10.81 -4.23 12.78
CA ALA A 67 9.65 -3.68 12.08
C ALA A 67 10.02 -3.18 10.70
N ASP A 68 11.21 -2.58 10.59
CA ASP A 68 11.71 -2.10 9.30
C ASP A 68 11.75 -3.23 8.28
N GLN A 69 12.15 -4.41 8.73
CA GLN A 69 12.26 -5.55 7.85
C GLN A 69 10.87 -6.06 7.47
N GLN A 70 9.95 -6.03 8.42
CA GLN A 70 8.57 -6.42 8.17
C GLN A 70 7.92 -5.46 7.18
N LYS A 71 8.17 -4.17 7.36
CA LYS A 71 7.66 -3.15 6.44
C LYS A 71 8.20 -3.35 5.03
N THR A 72 9.45 -3.79 4.95
CA THR A 72 10.08 -4.08 3.68
C THR A 72 9.52 -5.36 3.06
N THR A 73 9.32 -6.37 3.89
CA THR A 73 8.83 -7.66 3.42
C THR A 73 7.36 -7.57 2.98
N PHE A 74 6.62 -6.68 3.63
CA PHE A 74 5.19 -6.51 3.35
C PHE A 74 4.98 -6.02 1.92
N LYS A 75 6.00 -5.37 1.36
CA LYS A 75 5.97 -4.91 -0.03
C LYS A 75 5.74 -6.09 -0.97
N GLN A 76 6.36 -7.21 -0.64
CA GLN A 76 6.26 -8.41 -1.43
C GLN A 76 4.89 -9.05 -1.28
N THR A 77 4.33 -8.92 -0.09
CA THR A 77 3.01 -9.43 0.21
C THR A 77 1.95 -8.69 -0.60
N VAL A 78 2.03 -7.36 -0.60
CA VAL A 78 1.07 -6.53 -1.33
C VAL A 78 1.24 -6.70 -2.83
N GLN A 79 2.47 -6.94 -3.27
CA GLN A 79 2.76 -7.22 -4.67
C GLN A 79 1.95 -8.41 -5.16
N GLY A 80 1.96 -9.48 -4.37
CA GLY A 80 1.22 -10.67 -4.73
C GLY A 80 -0.27 -10.52 -4.44
N ALA A 81 -0.63 -9.42 -3.79
CA ALA A 81 -2.01 -9.18 -3.42
C ALA A 81 -2.74 -8.39 -4.51
N LEU A 82 -2.13 -7.28 -4.94
CA LEU A 82 -2.75 -6.42 -5.94
C LEU A 82 -2.40 -6.87 -7.36
N SER A 83 -1.91 -8.09 -7.47
CA SER A 83 -1.51 -8.64 -8.75
C SER A 83 -2.69 -9.30 -9.45
N GLY A 84 -3.86 -8.66 -9.38
CA GLY A 84 -5.03 -9.23 -10.01
C GLY A 84 -6.33 -8.55 -9.61
N GLY A 85 -6.38 -7.99 -8.41
CA GLY A 85 -7.59 -7.36 -7.96
C GLY A 85 -7.43 -6.68 -6.62
N ILE A 86 -8.17 -5.60 -6.44
CA ILE A 86 -8.16 -4.86 -5.19
C ILE A 86 -9.37 -5.23 -4.35
N ASP A 87 -10.33 -5.88 -5.00
CA ASP A 87 -11.59 -6.25 -4.35
C ASP A 87 -11.39 -7.42 -3.39
N GLY A 88 -10.36 -8.21 -3.65
CA GLY A 88 -10.04 -9.33 -2.78
C GLY A 88 -8.90 -9.00 -1.82
N PHE A 89 -8.49 -7.74 -1.82
CA PHE A 89 -7.36 -7.30 -1.00
C PHE A 89 -7.79 -7.15 0.45
N GLY A 90 -7.12 -7.88 1.33
CA GLY A 90 -7.40 -7.79 2.74
C GLY A 90 -6.57 -8.77 3.53
N SER A 91 -7.02 -9.10 4.74
CA SER A 91 -6.29 -10.02 5.62
C SER A 91 -6.34 -11.45 5.09
N ASN A 92 -6.99 -11.63 3.95
CA ASN A 92 -7.14 -12.94 3.34
C ASN A 92 -5.89 -13.31 2.56
N ASN A 93 -5.28 -12.32 1.92
CA ASN A 93 -4.15 -12.57 1.03
C ASN A 93 -2.95 -11.70 1.39
N ALA A 94 -3.18 -10.61 2.10
CA ALA A 94 -2.11 -9.70 2.47
C ALA A 94 -2.11 -9.44 3.98
N VAL A 95 -1.05 -9.85 4.65
CA VAL A 95 -0.92 -9.64 6.08
C VAL A 95 0.52 -9.42 6.48
N THR A 96 0.72 -8.71 7.57
CA THR A 96 2.02 -8.67 8.21
C THR A 96 2.09 -9.75 9.28
N THR A 97 3.14 -10.56 9.20
CA THR A 97 3.39 -11.62 10.17
C THR A 97 3.84 -11.08 11.53
N CYS A 98 3.56 -9.81 11.81
CA CYS A 98 3.88 -9.23 13.09
C CYS A 98 3.00 -9.82 14.18
N GLY A 99 3.62 -10.60 15.03
CA GLY A 99 2.92 -11.48 15.93
C GLY A 99 3.39 -12.89 15.68
N ASN A 100 4.68 -13.09 15.88
CA ASN A 100 5.38 -14.26 15.39
C ASN A 100 4.98 -15.52 16.14
N GLY A 101 4.26 -16.40 15.45
CA GLY A 101 3.89 -17.68 16.02
C GLY A 101 5.12 -18.52 16.30
N SER A 102 5.46 -18.64 17.57
CA SER A 102 6.64 -19.37 18.00
C SER A 102 6.43 -20.88 17.85
N GLY A 1 13.65 20.22 -9.11
CA GLY A 1 12.49 19.30 -9.13
C GLY A 1 12.08 18.94 -10.54
N ALA A 2 11.03 18.14 -10.67
CA ALA A 2 10.51 17.75 -11.98
C ALA A 2 9.34 18.64 -12.38
N MET A 3 8.89 18.51 -13.62
CA MET A 3 7.80 19.33 -14.12
C MET A 3 6.95 18.54 -15.12
N GLY A 4 5.66 18.83 -15.16
CA GLY A 4 4.77 18.16 -16.08
C GLY A 4 3.42 17.91 -15.45
N PRO A 5 2.67 16.91 -15.95
CA PRO A 5 1.37 16.56 -15.39
C PRO A 5 1.50 15.75 -14.11
N LYS A 6 0.63 16.02 -13.16
CA LYS A 6 0.64 15.31 -11.90
C LYS A 6 0.21 13.86 -12.09
N SER A 7 0.89 12.97 -11.38
CA SER A 7 0.60 11.54 -11.44
C SER A 7 -0.79 11.25 -10.87
N LYS A 8 -1.29 10.05 -11.12
CA LYS A 8 -2.61 9.65 -10.64
C LYS A 8 -2.67 9.73 -9.12
N GLU A 9 -1.53 9.43 -8.48
CA GLU A 9 -1.43 9.49 -7.03
C GLU A 9 -1.67 10.91 -6.55
N GLU A 10 -1.17 11.89 -7.31
CA GLU A 10 -1.27 13.28 -6.92
C GLU A 10 -2.72 13.75 -6.95
N LEU A 11 -3.43 13.35 -7.99
CA LEU A 11 -4.83 13.72 -8.14
C LEU A 11 -5.69 12.98 -7.12
N LEU A 12 -5.31 11.74 -6.83
CA LEU A 12 -6.05 10.91 -5.89
C LEU A 12 -5.80 11.35 -4.45
N ARG A 13 -4.54 11.61 -4.11
CA ARG A 13 -4.15 11.92 -2.74
C ARG A 13 -4.83 13.18 -2.23
N GLU A 14 -5.28 14.03 -3.16
CA GLU A 14 -6.00 15.24 -2.79
C GLU A 14 -7.33 14.89 -2.12
N LYS A 15 -7.87 13.72 -2.45
CA LYS A 15 -9.14 13.28 -1.91
C LYS A 15 -8.93 12.27 -0.77
N LEU A 16 -7.66 11.99 -0.48
CA LEU A 16 -7.31 11.01 0.53
C LEU A 16 -6.96 11.69 1.85
N SER A 17 -6.79 10.91 2.89
CA SER A 17 -6.35 11.43 4.19
C SER A 17 -4.83 11.40 4.28
N GLU A 18 -4.27 12.03 5.31
CA GLU A 18 -2.82 12.10 5.47
C GLU A 18 -2.26 10.70 5.64
N ASP A 19 -3.04 9.85 6.29
CA ASP A 19 -2.73 8.43 6.43
C ASP A 19 -2.48 7.81 5.05
N GLN A 20 -3.52 7.87 4.22
CA GLN A 20 -3.52 7.27 2.90
C GLN A 20 -2.41 7.83 2.01
N LYS A 21 -2.15 9.12 2.11
CA LYS A 21 -1.11 9.78 1.33
C LYS A 21 0.27 9.21 1.69
N THR A 22 0.44 8.89 2.96
CA THR A 22 1.71 8.36 3.44
C THR A 22 1.95 6.95 2.89
N HIS A 23 0.92 6.12 2.94
CA HIS A 23 1.04 4.74 2.49
C HIS A 23 1.12 4.65 0.97
N LEU A 24 0.73 5.71 0.27
CA LEU A 24 0.92 5.79 -1.16
C LEU A 24 2.41 5.78 -1.50
N ASP A 25 3.17 6.58 -0.76
CA ASP A 25 4.62 6.65 -0.95
C ASP A 25 5.27 5.31 -0.62
N TRP A 26 4.76 4.67 0.42
CA TRP A 26 5.22 3.33 0.80
C TRP A 26 4.91 2.33 -0.31
N LEU A 27 3.66 2.38 -0.79
CA LEU A 27 3.18 1.47 -1.83
C LEU A 27 3.93 1.71 -3.13
N LYS A 28 4.45 2.91 -3.29
CA LYS A 28 5.25 3.27 -4.46
C LYS A 28 6.46 2.37 -4.57
N GLU A 29 7.12 2.14 -3.43
CA GLU A 29 8.26 1.23 -3.38
C GLU A 29 7.78 -0.20 -3.39
N ALA A 30 6.63 -0.44 -2.78
CA ALA A 30 6.07 -1.78 -2.68
C ALA A 30 5.74 -2.36 -4.04
N LEU A 31 5.13 -1.55 -4.89
CA LEU A 31 4.78 -1.98 -6.22
C LEU A 31 5.97 -1.83 -7.17
N GLY A 32 6.94 -1.02 -6.75
CA GLY A 32 8.21 -0.93 -7.46
C GLY A 32 8.14 -0.08 -8.71
N ASN A 33 7.32 -0.50 -9.66
CA ASN A 33 7.20 0.19 -10.93
C ASN A 33 6.07 1.20 -10.88
N ASP A 34 6.27 2.32 -11.57
CA ASP A 34 5.25 3.35 -11.69
C ASP A 34 4.00 2.78 -12.35
N GLY A 35 4.21 1.89 -13.30
CA GLY A 35 3.10 1.23 -13.96
C GLY A 35 2.28 0.37 -13.02
N GLU A 36 2.93 -0.30 -12.09
CA GLU A 36 2.24 -1.15 -11.14
C GLU A 36 1.57 -0.34 -10.05
N PHE A 37 2.12 0.84 -9.75
CA PHE A 37 1.48 1.75 -8.82
C PHE A 37 0.27 2.38 -9.51
N ASP A 38 0.42 2.64 -10.81
CA ASP A 38 -0.67 3.13 -11.66
C ASP A 38 -1.84 2.16 -11.61
N LYS A 39 -1.51 0.87 -11.57
CA LYS A 39 -2.49 -0.20 -11.43
C LYS A 39 -3.44 0.08 -10.27
N PHE A 40 -2.86 0.36 -9.11
CA PHE A 40 -3.63 0.62 -7.89
C PHE A 40 -4.36 1.95 -7.98
N LEU A 41 -3.73 2.91 -8.63
CA LEU A 41 -4.28 4.26 -8.75
C LEU A 41 -5.43 4.32 -9.75
N GLY A 42 -5.78 3.18 -10.32
CA GLY A 42 -6.86 3.13 -11.29
C GLY A 42 -8.07 2.36 -10.77
N TYR A 43 -8.25 2.37 -9.45
CA TYR A 43 -9.36 1.65 -8.84
C TYR A 43 -10.36 2.60 -8.19
N ASP A 44 -11.36 2.02 -7.55
CA ASP A 44 -12.39 2.78 -6.85
C ASP A 44 -11.81 3.39 -5.59
N GLU A 45 -12.14 4.65 -5.34
CA GLU A 45 -11.72 5.32 -4.11
C GLU A 45 -12.15 4.54 -2.87
N SER A 46 -13.34 3.95 -2.94
CA SER A 46 -13.88 3.20 -1.83
C SER A 46 -12.98 2.02 -1.51
N LYS A 47 -12.39 1.45 -2.56
CA LYS A 47 -11.55 0.28 -2.41
C LYS A 47 -10.11 0.70 -2.11
N ILE A 48 -9.67 1.78 -2.74
CA ILE A 48 -8.33 2.32 -2.54
C ILE A 48 -8.10 2.74 -1.09
N LYS A 49 -9.01 3.55 -0.56
CA LYS A 49 -8.87 4.06 0.80
C LYS A 49 -8.96 2.94 1.82
N THR A 50 -9.71 1.90 1.49
CA THR A 50 -9.80 0.72 2.34
C THR A 50 -8.51 -0.08 2.30
N ALA A 51 -7.93 -0.23 1.10
CA ALA A 51 -6.69 -0.96 0.92
C ALA A 51 -5.54 -0.28 1.66
N LEU A 52 -5.44 1.04 1.48
CA LEU A 52 -4.39 1.82 2.14
C LEU A 52 -4.52 1.76 3.66
N ASP A 53 -5.76 1.79 4.15
CA ASP A 53 -6.01 1.71 5.58
C ASP A 53 -5.58 0.34 6.13
N HIS A 54 -5.81 -0.70 5.34
CA HIS A 54 -5.41 -2.04 5.73
C HIS A 54 -3.89 -2.13 5.87
N ILE A 55 -3.18 -1.55 4.91
CA ILE A 55 -1.73 -1.48 4.96
C ILE A 55 -1.26 -0.87 6.28
N LYS A 56 -1.98 0.16 6.73
CA LYS A 56 -1.67 0.81 7.99
C LYS A 56 -1.82 -0.15 9.17
N SER A 57 -2.81 -1.04 9.09
CA SER A 57 -3.02 -2.04 10.13
C SER A 57 -1.80 -2.94 10.25
N GLU A 58 -1.44 -3.56 9.13
CA GLU A 58 -0.34 -4.51 9.08
C GLU A 58 0.99 -3.85 9.46
N LEU A 59 1.11 -2.58 9.10
CA LEU A 59 2.32 -1.82 9.43
C LEU A 59 2.32 -1.40 10.89
N ASP A 60 1.14 -1.27 11.48
CA ASP A 60 1.01 -0.97 12.90
C ASP A 60 1.30 -2.22 13.73
N LYS A 61 0.80 -3.34 13.21
CA LYS A 61 1.00 -4.65 13.84
C LYS A 61 2.48 -5.03 13.90
N CYS A 62 3.30 -4.36 13.10
CA CYS A 62 4.72 -4.64 13.09
C CYS A 62 5.50 -3.38 13.43
N ASN A 63 5.93 -3.28 14.69
CA ASN A 63 6.64 -2.11 15.17
C ASN A 63 7.84 -2.54 16.00
N GLY A 64 9.01 -2.33 15.43
CA GLY A 64 10.25 -2.66 16.09
C GLY A 64 11.41 -2.55 15.12
N ASN A 65 12.57 -3.08 15.49
CA ASN A 65 13.74 -3.02 14.62
C ASN A 65 13.64 -4.06 13.52
N ASP A 66 12.89 -5.12 13.79
CA ASP A 66 12.68 -6.19 12.81
C ASP A 66 11.54 -5.80 11.87
N ALA A 67 10.75 -4.82 12.29
CA ALA A 67 9.65 -4.32 11.51
C ALA A 67 10.13 -3.77 10.18
N ASP A 68 11.34 -3.20 10.17
CA ASP A 68 11.92 -2.62 8.97
C ASP A 68 11.97 -3.65 7.85
N GLN A 69 12.35 -4.87 8.21
CA GLN A 69 12.42 -5.98 7.26
C GLN A 69 11.02 -6.43 6.88
N GLN A 70 10.17 -6.60 7.87
CA GLN A 70 8.81 -7.07 7.64
C GLN A 70 8.00 -6.09 6.80
N LYS A 71 8.22 -4.80 7.01
CA LYS A 71 7.57 -3.77 6.19
C LYS A 71 8.08 -3.87 4.75
N THR A 72 9.36 -4.23 4.62
CA THR A 72 9.98 -4.40 3.31
C THR A 72 9.49 -5.68 2.64
N THR A 73 9.29 -6.72 3.43
CA THR A 73 8.72 -7.96 2.92
C THR A 73 7.24 -7.77 2.57
N PHE A 74 6.55 -6.97 3.39
CA PHE A 74 5.13 -6.69 3.16
C PHE A 74 4.94 -5.97 1.85
N LYS A 75 5.93 -5.16 1.48
CA LYS A 75 5.96 -4.51 0.17
C LYS A 75 5.75 -5.54 -0.94
N GLN A 76 6.54 -6.59 -0.88
CA GLN A 76 6.50 -7.65 -1.87
C GLN A 76 5.20 -8.44 -1.76
N THR A 77 4.66 -8.50 -0.56
CA THR A 77 3.40 -9.16 -0.32
C THR A 77 2.26 -8.42 -1.01
N VAL A 78 2.25 -7.10 -0.85
CA VAL A 78 1.22 -6.26 -1.46
C VAL A 78 1.27 -6.36 -2.99
N GLN A 79 2.47 -6.50 -3.54
CA GLN A 79 2.65 -6.70 -4.97
C GLN A 79 1.80 -7.86 -5.47
N GLY A 80 1.88 -8.99 -4.77
CA GLY A 80 1.12 -10.16 -5.16
C GLY A 80 -0.34 -10.07 -4.71
N ALA A 81 -0.59 -9.23 -3.72
CA ALA A 81 -1.93 -9.08 -3.17
C ALA A 81 -2.80 -8.23 -4.09
N LEU A 82 -2.15 -7.38 -4.89
CA LEU A 82 -2.82 -6.55 -5.88
C LEU A 82 -2.60 -7.10 -7.28
N SER A 83 -2.45 -8.41 -7.37
CA SER A 83 -2.17 -9.08 -8.63
C SER A 83 -3.31 -8.90 -9.64
N GLY A 84 -4.54 -8.96 -9.16
CA GLY A 84 -5.68 -8.86 -10.06
C GLY A 84 -6.97 -8.50 -9.36
N GLY A 85 -6.92 -7.48 -8.52
CA GLY A 85 -8.11 -7.05 -7.82
C GLY A 85 -7.76 -6.26 -6.58
N ILE A 86 -8.61 -5.32 -6.19
CA ILE A 86 -8.34 -4.49 -5.03
C ILE A 86 -9.33 -4.77 -3.90
N ASP A 87 -10.54 -5.20 -4.26
CA ASP A 87 -11.53 -5.56 -3.26
C ASP A 87 -11.25 -6.96 -2.70
N GLY A 88 -10.36 -7.68 -3.36
CA GLY A 88 -9.88 -8.94 -2.83
C GLY A 88 -8.68 -8.75 -1.94
N PHE A 89 -8.20 -7.50 -1.89
CA PHE A 89 -7.06 -7.15 -1.09
C PHE A 89 -7.48 -6.89 0.35
N GLY A 90 -6.79 -7.53 1.28
CA GLY A 90 -7.08 -7.35 2.68
C GLY A 90 -6.46 -8.44 3.51
N SER A 91 -7.03 -8.68 4.69
CA SER A 91 -6.51 -9.70 5.60
C SER A 91 -6.70 -11.10 5.03
N ASN A 92 -7.30 -11.18 3.84
CA ASN A 92 -7.54 -12.45 3.19
C ASN A 92 -6.29 -12.95 2.50
N ASN A 93 -5.48 -12.01 2.00
CA ASN A 93 -4.31 -12.38 1.20
C ASN A 93 -3.06 -11.55 1.55
N ALA A 94 -3.24 -10.51 2.35
CA ALA A 94 -2.11 -9.66 2.72
C ALA A 94 -2.09 -9.42 4.22
N VAL A 95 -1.20 -10.11 4.92
CA VAL A 95 -1.10 -9.98 6.37
C VAL A 95 0.35 -9.94 6.82
N THR A 96 0.60 -9.20 7.89
CA THR A 96 1.88 -9.26 8.57
C THR A 96 1.81 -10.21 9.75
N THR A 97 2.62 -11.26 9.70
CA THR A 97 2.69 -12.25 10.75
C THR A 97 3.54 -11.77 11.94
N CYS A 98 3.53 -10.47 12.17
CA CYS A 98 4.35 -9.89 13.24
C CYS A 98 3.66 -10.01 14.60
N GLY A 99 3.89 -11.13 15.26
CA GLY A 99 3.42 -11.30 16.61
C GLY A 99 2.11 -12.05 16.67
N ASN A 100 1.07 -11.41 16.15
CA ASN A 100 -0.25 -12.02 16.16
C ASN A 100 -1.09 -11.45 15.03
N GLY A 101 -2.10 -12.19 14.61
CA GLY A 101 -2.97 -11.76 13.54
C GLY A 101 -3.77 -12.91 12.95
N SER A 102 -3.13 -13.70 12.12
CA SER A 102 -3.76 -14.85 11.50
C SER A 102 -2.70 -15.87 11.11
N GLY A 1 12.70 14.47 -9.45
CA GLY A 1 11.41 13.76 -9.28
C GLY A 1 10.29 14.44 -10.02
N ALA A 2 9.16 13.75 -10.14
CA ALA A 2 7.99 14.27 -10.85
C ALA A 2 8.37 14.81 -12.24
N MET A 3 8.68 13.91 -13.14
CA MET A 3 9.10 14.29 -14.49
C MET A 3 7.88 14.43 -15.39
N GLY A 4 6.71 14.05 -14.89
CA GLY A 4 5.51 14.14 -15.68
C GLY A 4 4.57 15.20 -15.15
N PRO A 5 3.29 15.15 -15.58
CA PRO A 5 2.27 16.06 -15.09
C PRO A 5 1.75 15.63 -13.72
N LYS A 6 0.70 16.27 -13.24
CA LYS A 6 0.06 15.85 -12.01
C LYS A 6 -0.41 14.41 -12.19
N SER A 7 0.17 13.51 -11.41
CA SER A 7 -0.03 12.10 -11.64
C SER A 7 -1.32 11.63 -10.97
N LYS A 8 -1.71 10.39 -11.24
CA LYS A 8 -2.91 9.84 -10.63
C LYS A 8 -2.73 9.73 -9.13
N GLU A 9 -1.48 9.51 -8.72
CA GLU A 9 -1.12 9.48 -7.30
C GLU A 9 -1.36 10.85 -6.67
N GLU A 10 -1.32 11.87 -7.51
CA GLU A 10 -1.44 13.24 -7.08
C GLU A 10 -2.90 13.64 -7.00
N LEU A 11 -3.67 13.24 -8.00
CA LEU A 11 -5.09 13.52 -8.03
C LEU A 11 -5.81 12.73 -6.94
N LEU A 12 -5.34 11.51 -6.70
CA LEU A 12 -5.92 10.64 -5.69
C LEU A 12 -5.51 11.09 -4.29
N ARG A 13 -4.33 11.68 -4.16
CA ARG A 13 -3.87 12.13 -2.85
C ARG A 13 -4.66 13.37 -2.42
N GLU A 14 -5.36 13.99 -3.38
CA GLU A 14 -6.30 15.05 -3.05
C GLU A 14 -7.52 14.45 -2.37
N LYS A 15 -7.76 13.18 -2.67
CA LYS A 15 -8.91 12.44 -2.16
C LYS A 15 -8.57 11.81 -0.81
N LEU A 16 -7.28 11.61 -0.60
CA LEU A 16 -6.80 10.86 0.55
C LEU A 16 -6.44 11.80 1.70
N SER A 17 -6.52 11.26 2.90
CA SER A 17 -6.09 11.98 4.09
C SER A 17 -4.58 11.83 4.27
N GLU A 18 -4.03 12.46 5.31
CA GLU A 18 -2.58 12.54 5.46
C GLU A 18 -1.98 11.18 5.75
N ASP A 19 -2.73 10.36 6.44
CA ASP A 19 -2.32 9.01 6.78
C ASP A 19 -2.31 8.13 5.54
N GLN A 20 -3.36 8.27 4.73
CA GLN A 20 -3.49 7.51 3.49
C GLN A 20 -2.37 7.84 2.52
N LYS A 21 -2.03 9.13 2.41
CA LYS A 21 -0.98 9.60 1.49
C LYS A 21 0.36 8.93 1.80
N THR A 22 0.60 8.67 3.08
CA THR A 22 1.85 8.08 3.52
C THR A 22 2.00 6.67 2.96
N HIS A 23 0.93 5.90 2.97
CA HIS A 23 0.97 4.52 2.49
C HIS A 23 0.78 4.47 0.98
N LEU A 24 0.16 5.52 0.43
CA LEU A 24 0.02 5.67 -1.00
C LEU A 24 1.42 5.72 -1.64
N ASP A 25 2.27 6.58 -1.10
CA ASP A 25 3.63 6.72 -1.60
C ASP A 25 4.46 5.48 -1.25
N TRP A 26 4.14 4.84 -0.13
CA TRP A 26 4.79 3.60 0.27
C TRP A 26 4.56 2.52 -0.77
N LEU A 27 3.31 2.40 -1.21
CA LEU A 27 2.92 1.38 -2.18
C LEU A 27 3.69 1.55 -3.48
N LYS A 28 4.06 2.78 -3.79
CA LYS A 28 4.83 3.08 -4.98
C LYS A 28 6.15 2.34 -4.96
N GLU A 29 6.81 2.32 -3.80
CA GLU A 29 8.07 1.62 -3.66
C GLU A 29 7.86 0.12 -3.55
N ALA A 30 6.75 -0.27 -2.95
CA ALA A 30 6.38 -1.66 -2.83
C ALA A 30 6.22 -2.29 -4.21
N LEU A 31 5.34 -1.70 -5.02
CA LEU A 31 5.11 -2.17 -6.38
C LEU A 31 6.37 -2.02 -7.23
N GLY A 32 7.16 -0.99 -6.93
CA GLY A 32 8.44 -0.81 -7.58
C GLY A 32 8.32 -0.06 -8.89
N ASN A 33 7.35 -0.45 -9.70
CA ASN A 33 7.17 0.16 -11.02
C ASN A 33 6.07 1.20 -11.00
N ASP A 34 6.39 2.39 -11.47
CA ASP A 34 5.43 3.50 -11.54
C ASP A 34 4.20 3.10 -12.35
N GLY A 35 4.44 2.43 -13.47
CA GLY A 35 3.35 1.99 -14.33
C GLY A 35 2.45 0.97 -13.66
N GLU A 36 3.03 0.12 -12.83
CA GLU A 36 2.25 -0.86 -12.08
C GLU A 36 1.50 -0.19 -10.93
N PHE A 37 2.12 0.83 -10.36
CA PHE A 37 1.51 1.61 -9.29
C PHE A 37 0.31 2.39 -9.84
N ASP A 38 0.39 2.73 -11.12
CA ASP A 38 -0.69 3.39 -11.83
C ASP A 38 -1.99 2.60 -11.71
N LYS A 39 -1.84 1.28 -11.81
CA LYS A 39 -2.98 0.36 -11.77
C LYS A 39 -3.86 0.60 -10.54
N PHE A 40 -3.22 0.79 -9.39
CA PHE A 40 -3.92 0.99 -8.12
C PHE A 40 -4.64 2.33 -8.10
N LEU A 41 -4.04 3.30 -8.77
CA LEU A 41 -4.53 4.67 -8.75
C LEU A 41 -5.82 4.84 -9.57
N GLY A 42 -6.19 3.81 -10.30
CA GLY A 42 -7.38 3.89 -11.14
C GLY A 42 -8.55 3.13 -10.57
N TYR A 43 -8.57 2.95 -9.26
CA TYR A 43 -9.63 2.19 -8.62
C TYR A 43 -10.59 3.08 -7.85
N ASP A 44 -11.57 2.46 -7.21
CA ASP A 44 -12.58 3.18 -6.43
C ASP A 44 -11.98 3.74 -5.16
N GLU A 45 -12.37 4.95 -4.79
CA GLU A 45 -11.89 5.58 -3.58
C GLU A 45 -12.18 4.72 -2.35
N SER A 46 -13.37 4.12 -2.31
CA SER A 46 -13.76 3.32 -1.17
C SER A 46 -12.91 2.05 -1.09
N LYS A 47 -12.47 1.55 -2.25
CA LYS A 47 -11.63 0.37 -2.27
C LYS A 47 -10.19 0.74 -1.99
N ILE A 48 -9.76 1.85 -2.57
CA ILE A 48 -8.41 2.37 -2.38
C ILE A 48 -8.14 2.71 -0.91
N LYS A 49 -9.00 3.53 -0.33
CA LYS A 49 -8.82 3.96 1.04
C LYS A 49 -8.87 2.79 2.03
N THR A 50 -9.64 1.76 1.68
CA THR A 50 -9.70 0.57 2.50
C THR A 50 -8.43 -0.26 2.34
N ALA A 51 -7.93 -0.35 1.10
CA ALA A 51 -6.68 -1.07 0.82
C ALA A 51 -5.51 -0.41 1.54
N LEU A 52 -5.43 0.90 1.43
CA LEU A 52 -4.37 1.67 2.09
C LEU A 52 -4.44 1.51 3.60
N ASP A 53 -5.64 1.63 4.16
CA ASP A 53 -5.83 1.54 5.61
C ASP A 53 -5.51 0.13 6.11
N HIS A 54 -5.70 -0.87 5.25
CA HIS A 54 -5.33 -2.24 5.59
C HIS A 54 -3.81 -2.35 5.67
N ILE A 55 -3.13 -1.84 4.65
CA ILE A 55 -1.68 -1.75 4.67
C ILE A 55 -1.22 -1.00 5.91
N LYS A 56 -1.91 0.11 6.16
CA LYS A 56 -1.68 0.96 7.32
C LYS A 56 -1.84 0.20 8.63
N SER A 57 -2.62 -0.87 8.62
CA SER A 57 -2.83 -1.67 9.83
C SER A 57 -1.68 -2.65 10.03
N GLU A 58 -1.40 -3.45 9.00
CA GLU A 58 -0.35 -4.45 9.06
C GLU A 58 1.02 -3.79 9.21
N LEU A 59 1.26 -2.75 8.43
CA LEU A 59 2.54 -2.06 8.43
C LEU A 59 2.78 -1.38 9.78
N ASP A 60 1.69 -1.13 10.50
CA ASP A 60 1.76 -0.46 11.80
C ASP A 60 2.03 -1.44 12.93
N LYS A 61 1.38 -2.60 12.90
CA LYS A 61 1.56 -3.57 13.97
C LYS A 61 2.99 -4.08 14.02
N CYS A 62 3.70 -3.94 12.91
CA CYS A 62 5.12 -4.23 12.88
C CYS A 62 5.90 -3.01 13.37
N ASN A 63 6.27 -3.03 14.64
CA ASN A 63 7.00 -1.93 15.25
C ASN A 63 7.87 -2.44 16.38
N GLY A 64 9.16 -2.36 16.18
CA GLY A 64 10.11 -2.86 17.15
C GLY A 64 11.41 -3.29 16.48
N ASN A 65 11.89 -4.46 16.84
CA ASN A 65 13.15 -4.97 16.31
C ASN A 65 12.91 -5.74 15.01
N ASP A 66 11.65 -6.08 14.79
CA ASP A 66 11.24 -6.85 13.63
C ASP A 66 10.70 -5.93 12.54
N ALA A 67 10.47 -4.68 12.90
CA ALA A 67 9.74 -3.73 12.05
C ALA A 67 10.38 -3.56 10.68
N ASP A 68 11.64 -3.17 10.67
CA ASP A 68 12.34 -2.81 9.44
C ASP A 68 12.27 -3.93 8.39
N GLN A 69 12.52 -5.16 8.82
CA GLN A 69 12.52 -6.30 7.91
C GLN A 69 11.11 -6.64 7.45
N GLN A 70 10.18 -6.67 8.38
CA GLN A 70 8.79 -6.94 8.06
C GLN A 70 8.22 -5.88 7.11
N LYS A 71 8.59 -4.63 7.34
CA LYS A 71 8.16 -3.53 6.47
C LYS A 71 8.72 -3.72 5.06
N THR A 72 9.91 -4.32 4.98
CA THR A 72 10.55 -4.55 3.69
C THR A 72 9.88 -5.73 2.96
N THR A 73 9.66 -6.82 3.67
CA THR A 73 9.06 -8.00 3.08
C THR A 73 7.58 -7.78 2.76
N PHE A 74 6.93 -6.94 3.55
CA PHE A 74 5.49 -6.66 3.38
C PHE A 74 5.23 -6.01 2.03
N LYS A 75 6.24 -5.30 1.53
CA LYS A 75 6.17 -4.68 0.21
C LYS A 75 5.88 -5.73 -0.85
N GLN A 76 6.54 -6.86 -0.73
CA GLN A 76 6.45 -7.94 -1.70
C GLN A 76 5.10 -8.65 -1.59
N THR A 77 4.57 -8.70 -0.38
CA THR A 77 3.27 -9.31 -0.12
C THR A 77 2.16 -8.62 -0.90
N VAL A 78 2.24 -7.29 -0.95
CA VAL A 78 1.18 -6.49 -1.55
C VAL A 78 0.99 -6.81 -3.04
N GLN A 79 2.08 -7.08 -3.75
CA GLN A 79 2.00 -7.47 -5.15
C GLN A 79 1.24 -8.78 -5.31
N GLY A 80 1.41 -9.67 -4.34
CA GLY A 80 0.71 -10.93 -4.37
C GLY A 80 -0.71 -10.80 -3.90
N ALA A 81 -1.03 -9.66 -3.31
CA ALA A 81 -2.36 -9.40 -2.81
C ALA A 81 -3.21 -8.70 -3.88
N LEU A 82 -2.53 -8.01 -4.80
CA LEU A 82 -3.20 -7.32 -5.89
C LEU A 82 -3.08 -8.15 -7.18
N SER A 83 -3.08 -9.47 -7.01
CA SER A 83 -2.91 -10.39 -8.12
C SER A 83 -4.19 -10.54 -8.93
N GLY A 84 -4.77 -9.40 -9.30
CA GLY A 84 -5.99 -9.41 -10.09
C GLY A 84 -6.70 -8.08 -10.07
N GLY A 85 -6.66 -7.44 -8.91
CA GLY A 85 -7.29 -6.17 -8.73
C GLY A 85 -7.34 -5.82 -7.27
N ILE A 86 -7.82 -4.64 -6.96
CA ILE A 86 -7.92 -4.19 -5.59
C ILE A 86 -9.13 -4.84 -4.91
N ASP A 87 -10.05 -5.33 -5.73
CA ASP A 87 -11.26 -5.95 -5.22
C ASP A 87 -10.94 -7.32 -4.63
N GLY A 88 -10.81 -7.37 -3.31
CA GLY A 88 -10.45 -8.60 -2.65
C GLY A 88 -9.18 -8.45 -1.84
N PHE A 89 -8.55 -7.29 -1.93
CA PHE A 89 -7.36 -6.99 -1.14
C PHE A 89 -7.71 -6.93 0.34
N GLY A 90 -7.19 -7.88 1.09
CA GLY A 90 -7.46 -7.95 2.51
C GLY A 90 -6.49 -8.85 3.24
N SER A 91 -6.85 -9.25 4.45
CA SER A 91 -5.97 -10.03 5.31
C SER A 91 -5.87 -11.49 4.85
N ASN A 92 -6.54 -11.81 3.76
CA ASN A 92 -6.46 -13.15 3.19
C ASN A 92 -5.11 -13.32 2.51
N ASN A 93 -4.59 -12.21 1.98
CA ASN A 93 -3.31 -12.25 1.28
C ASN A 93 -2.27 -11.46 2.06
N ALA A 94 -2.57 -10.18 2.25
CA ALA A 94 -1.63 -9.26 2.87
C ALA A 94 -1.78 -9.26 4.39
N VAL A 95 -0.95 -10.03 5.06
CA VAL A 95 -0.93 -10.06 6.50
C VAL A 95 0.49 -10.04 7.03
N THR A 96 0.70 -9.21 8.02
CA THR A 96 1.96 -9.21 8.73
C THR A 96 1.86 -10.07 9.97
N THR A 97 2.71 -11.08 10.08
CA THR A 97 2.70 -11.97 11.23
C THR A 97 3.39 -11.33 12.44
N CYS A 98 3.38 -9.99 12.47
CA CYS A 98 3.99 -9.22 13.54
C CYS A 98 3.10 -9.28 14.78
N GLY A 99 3.68 -8.99 15.93
CA GLY A 99 2.98 -9.13 17.18
C GLY A 99 3.35 -10.42 17.86
N ASN A 100 4.59 -10.82 17.65
CA ASN A 100 5.09 -12.08 18.17
C ASN A 100 5.32 -12.00 19.66
N GLY A 101 4.70 -12.90 20.39
CA GLY A 101 4.87 -12.94 21.84
C GLY A 101 4.33 -14.23 22.42
N SER A 102 3.04 -14.25 22.67
CA SER A 102 2.38 -15.45 23.15
C SER A 102 1.24 -15.82 22.21
N GLY A 1 8.65 13.53 -18.09
CA GLY A 1 9.14 12.23 -17.57
C GLY A 1 9.01 12.12 -16.07
N ALA A 2 10.04 12.57 -15.36
CA ALA A 2 10.05 12.48 -13.91
C ALA A 2 9.40 13.70 -13.27
N MET A 3 9.85 14.89 -13.64
CA MET A 3 9.32 16.12 -13.08
C MET A 3 8.38 16.80 -14.07
N GLY A 4 7.15 17.06 -13.63
CA GLY A 4 6.18 17.68 -14.50
C GLY A 4 4.87 17.97 -13.78
N PRO A 5 3.74 17.92 -14.49
CA PRO A 5 2.41 18.14 -13.90
C PRO A 5 2.01 16.99 -12.98
N LYS A 6 0.96 17.20 -12.20
CA LYS A 6 0.52 16.21 -11.24
C LYS A 6 -0.06 14.97 -11.93
N SER A 7 0.36 13.81 -11.46
CA SER A 7 -0.06 12.54 -12.04
C SER A 7 -1.29 11.98 -11.34
N LYS A 8 -1.76 10.80 -11.76
CA LYS A 8 -2.95 10.19 -11.18
C LYS A 8 -2.78 10.00 -9.68
N GLU A 9 -1.56 9.63 -9.30
CA GLU A 9 -1.23 9.44 -7.90
C GLU A 9 -1.51 10.72 -7.12
N GLU A 10 -1.11 11.85 -7.68
CA GLU A 10 -1.24 13.12 -7.02
C GLU A 10 -2.68 13.59 -7.02
N LEU A 11 -3.42 13.22 -8.06
CA LEU A 11 -4.85 13.47 -8.11
C LEU A 11 -5.55 12.67 -7.02
N LEU A 12 -5.13 11.43 -6.85
CA LEU A 12 -5.68 10.56 -5.84
C LEU A 12 -5.33 11.07 -4.44
N ARG A 13 -4.13 11.65 -4.31
CA ARG A 13 -3.70 12.22 -3.04
C ARG A 13 -4.65 13.32 -2.58
N GLU A 14 -5.27 14.00 -3.53
CA GLU A 14 -6.22 15.06 -3.23
C GLU A 14 -7.50 14.45 -2.65
N LYS A 15 -7.77 13.21 -3.02
CA LYS A 15 -8.95 12.48 -2.56
C LYS A 15 -8.64 11.66 -1.32
N LEU A 16 -7.40 11.68 -0.87
CA LEU A 16 -6.96 10.83 0.22
C LEU A 16 -6.67 11.64 1.49
N SER A 17 -6.76 10.97 2.62
CA SER A 17 -6.36 11.54 3.90
C SER A 17 -4.84 11.61 3.96
N GLU A 18 -4.30 12.27 4.98
CA GLU A 18 -2.87 12.52 5.06
C GLU A 18 -2.13 11.23 5.34
N ASP A 19 -2.75 10.39 6.16
CA ASP A 19 -2.22 9.08 6.47
C ASP A 19 -2.21 8.19 5.23
N GLN A 20 -3.25 8.32 4.41
CA GLN A 20 -3.38 7.56 3.18
C GLN A 20 -2.29 7.94 2.19
N LYS A 21 -1.97 9.23 2.13
CA LYS A 21 -0.92 9.73 1.25
C LYS A 21 0.43 9.12 1.63
N THR A 22 0.65 8.99 2.93
CA THR A 22 1.89 8.43 3.44
C THR A 22 2.08 6.99 2.97
N HIS A 23 1.04 6.18 3.09
CA HIS A 23 1.11 4.78 2.69
C HIS A 23 0.99 4.63 1.18
N LEU A 24 0.56 5.70 0.52
CA LEU A 24 0.53 5.72 -0.94
C LEU A 24 1.96 5.76 -1.47
N ASP A 25 2.77 6.65 -0.91
CA ASP A 25 4.21 6.71 -1.23
C ASP A 25 4.90 5.41 -0.85
N TRP A 26 4.41 4.78 0.21
CA TRP A 26 4.93 3.50 0.65
C TRP A 26 4.63 2.42 -0.39
N LEU A 27 3.39 2.38 -0.85
CA LEU A 27 2.97 1.39 -1.82
C LEU A 27 3.66 1.64 -3.16
N LYS A 28 4.01 2.90 -3.40
CA LYS A 28 4.79 3.29 -4.55
C LYS A 28 6.08 2.49 -4.61
N GLU A 29 6.69 2.28 -3.44
CA GLU A 29 7.90 1.47 -3.34
C GLU A 29 7.52 -0.01 -3.33
N ALA A 30 6.39 -0.32 -2.70
CA ALA A 30 5.91 -1.69 -2.59
C ALA A 30 5.83 -2.37 -3.94
N LEU A 31 5.20 -1.70 -4.89
CA LEU A 31 5.12 -2.21 -6.25
C LEU A 31 6.43 -1.89 -6.99
N GLY A 32 6.98 -0.72 -6.71
CA GLY A 32 8.26 -0.33 -7.29
C GLY A 32 8.21 -0.22 -8.80
N ASN A 33 7.05 0.17 -9.32
CA ASN A 33 6.86 0.28 -10.75
C ASN A 33 5.83 1.35 -11.06
N ASP A 34 6.18 2.26 -11.96
CA ASP A 34 5.30 3.35 -12.35
C ASP A 34 3.96 2.82 -12.85
N GLY A 35 4.02 1.90 -13.81
CA GLY A 35 2.82 1.38 -14.43
C GLY A 35 1.96 0.55 -13.51
N GLU A 36 2.59 -0.29 -12.70
CA GLU A 36 1.85 -1.18 -11.81
C GLU A 36 1.20 -0.41 -10.67
N PHE A 37 1.89 0.63 -10.20
CA PHE A 37 1.36 1.48 -9.14
C PHE A 37 0.25 2.37 -9.69
N ASP A 38 0.40 2.77 -10.95
CA ASP A 38 -0.63 3.55 -11.64
C ASP A 38 -1.93 2.79 -11.68
N LYS A 39 -1.82 1.48 -11.88
CA LYS A 39 -2.99 0.60 -11.93
C LYS A 39 -3.81 0.69 -10.63
N PHE A 40 -3.11 0.79 -9.50
CA PHE A 40 -3.77 0.89 -8.21
C PHE A 40 -4.53 2.20 -8.08
N LEU A 41 -3.95 3.24 -8.66
CA LEU A 41 -4.53 4.57 -8.63
C LEU A 41 -5.83 4.63 -9.44
N GLY A 42 -6.03 3.63 -10.29
CA GLY A 42 -7.20 3.62 -11.15
C GLY A 42 -8.33 2.75 -10.62
N TYR A 43 -8.26 2.37 -9.35
CA TYR A 43 -9.31 1.56 -8.75
C TYR A 43 -10.40 2.43 -8.13
N ASP A 44 -11.37 1.77 -7.51
CA ASP A 44 -12.43 2.44 -6.77
C ASP A 44 -11.83 3.14 -5.55
N GLU A 45 -12.19 4.39 -5.34
CA GLU A 45 -11.73 5.13 -4.16
C GLU A 45 -12.06 4.36 -2.89
N SER A 46 -13.21 3.70 -2.89
CA SER A 46 -13.66 2.94 -1.73
C SER A 46 -12.70 1.78 -1.46
N LYS A 47 -12.18 1.20 -2.55
CA LYS A 47 -11.30 0.05 -2.42
C LYS A 47 -9.87 0.51 -2.15
N ILE A 48 -9.49 1.61 -2.79
CA ILE A 48 -8.17 2.20 -2.60
C ILE A 48 -7.96 2.62 -1.14
N LYS A 49 -8.93 3.33 -0.59
CA LYS A 49 -8.82 3.85 0.77
C LYS A 49 -8.83 2.72 1.79
N THR A 50 -9.63 1.68 1.54
CA THR A 50 -9.63 0.50 2.39
C THR A 50 -8.28 -0.22 2.28
N ALA A 51 -7.78 -0.37 1.06
CA ALA A 51 -6.49 -1.01 0.84
C ALA A 51 -5.39 -0.31 1.63
N LEU A 52 -5.29 1.00 1.44
CA LEU A 52 -4.27 1.79 2.13
C LEU A 52 -4.43 1.74 3.65
N ASP A 53 -5.67 1.77 4.11
CA ASP A 53 -5.95 1.78 5.54
C ASP A 53 -5.63 0.42 6.16
N HIS A 54 -5.93 -0.65 5.43
CA HIS A 54 -5.59 -2.00 5.86
C HIS A 54 -4.07 -2.12 5.97
N ILE A 55 -3.37 -1.62 4.96
CA ILE A 55 -1.92 -1.57 4.98
C ILE A 55 -1.42 -0.84 6.23
N LYS A 56 -2.01 0.33 6.49
CA LYS A 56 -1.67 1.12 7.67
C LYS A 56 -1.91 0.34 8.95
N SER A 57 -2.90 -0.54 8.92
CA SER A 57 -3.25 -1.34 10.08
C SER A 57 -2.21 -2.45 10.30
N GLU A 58 -1.99 -3.25 9.27
CA GLU A 58 -1.03 -4.34 9.35
C GLU A 58 0.38 -3.83 9.58
N LEU A 59 0.79 -2.84 8.80
CA LEU A 59 2.15 -2.32 8.86
C LEU A 59 2.46 -1.72 10.23
N ASP A 60 1.42 -1.22 10.89
CA ASP A 60 1.57 -0.64 12.22
C ASP A 60 2.02 -1.67 13.24
N LYS A 61 1.56 -2.91 13.06
CA LYS A 61 1.93 -4.00 13.97
C LYS A 61 3.42 -4.33 13.85
N CYS A 62 4.02 -3.91 12.75
CA CYS A 62 5.42 -4.17 12.50
C CYS A 62 6.29 -3.10 13.14
N ASN A 63 6.32 -3.10 14.47
CA ASN A 63 7.13 -2.16 15.22
C ASN A 63 8.05 -2.89 16.19
N GLY A 64 8.23 -4.19 15.95
CA GLY A 64 9.10 -4.99 16.80
C GLY A 64 10.56 -4.91 16.38
N ASN A 65 11.36 -5.83 16.88
CA ASN A 65 12.80 -5.84 16.57
C ASN A 65 13.05 -6.03 15.07
N ASP A 66 12.23 -6.86 14.44
CA ASP A 66 12.37 -7.13 13.01
C ASP A 66 11.35 -6.32 12.23
N ALA A 67 11.18 -5.06 12.62
CA ALA A 67 10.16 -4.20 12.05
C ALA A 67 10.42 -3.91 10.58
N ASP A 68 11.63 -3.43 10.29
CA ASP A 68 11.96 -2.93 8.95
C ASP A 68 12.01 -4.05 7.92
N GLN A 69 12.45 -5.23 8.34
CA GLN A 69 12.48 -6.35 7.43
C GLN A 69 11.05 -6.74 7.05
N GLN A 70 10.17 -6.75 8.04
CA GLN A 70 8.76 -7.01 7.80
C GLN A 70 8.15 -5.93 6.92
N LYS A 71 8.50 -4.67 7.19
CA LYS A 71 8.04 -3.56 6.36
C LYS A 71 8.42 -3.81 4.90
N THR A 72 9.68 -4.19 4.69
CA THR A 72 10.19 -4.42 3.36
C THR A 72 9.53 -5.63 2.70
N THR A 73 9.21 -6.64 3.50
CA THR A 73 8.59 -7.85 2.99
C THR A 73 7.10 -7.61 2.71
N PHE A 74 6.49 -6.71 3.47
CA PHE A 74 5.09 -6.36 3.29
C PHE A 74 4.91 -5.68 1.93
N LYS A 75 5.95 -4.98 1.50
CA LYS A 75 5.99 -4.41 0.16
C LYS A 75 5.76 -5.48 -0.90
N GLN A 76 6.52 -6.56 -0.77
CA GLN A 76 6.43 -7.69 -1.67
C GLN A 76 5.07 -8.35 -1.54
N THR A 77 4.55 -8.34 -0.33
CA THR A 77 3.23 -8.87 -0.03
C THR A 77 2.16 -8.15 -0.85
N VAL A 78 2.19 -6.81 -0.85
CA VAL A 78 1.23 -6.01 -1.57
C VAL A 78 1.41 -6.19 -3.08
N GLN A 79 2.66 -6.36 -3.51
CA GLN A 79 2.98 -6.67 -4.90
C GLN A 79 2.17 -7.88 -5.37
N GLY A 80 2.18 -8.92 -4.55
CA GLY A 80 1.45 -10.13 -4.88
C GLY A 80 0.05 -10.14 -4.31
N ALA A 81 -0.46 -8.95 -4.00
CA ALA A 81 -1.80 -8.81 -3.47
C ALA A 81 -2.70 -8.04 -4.44
N LEU A 82 -2.23 -6.87 -4.88
CA LEU A 82 -3.00 -6.03 -5.80
C LEU A 82 -2.94 -6.55 -7.22
N SER A 83 -2.23 -7.64 -7.39
CA SER A 83 -2.11 -8.29 -8.68
C SER A 83 -3.27 -9.26 -8.90
N GLY A 84 -4.00 -9.54 -7.82
CA GLY A 84 -5.16 -10.40 -7.92
C GLY A 84 -6.46 -9.63 -7.80
N GLY A 85 -6.35 -8.32 -7.72
CA GLY A 85 -7.51 -7.47 -7.61
C GLY A 85 -7.30 -6.35 -6.62
N ILE A 86 -8.29 -6.14 -5.76
CA ILE A 86 -8.21 -5.12 -4.73
C ILE A 86 -9.38 -5.24 -3.76
N ASP A 87 -10.52 -5.72 -4.25
CA ASP A 87 -11.69 -5.92 -3.38
C ASP A 87 -11.42 -7.06 -2.41
N GLY A 88 -10.67 -8.05 -2.87
CA GLY A 88 -10.28 -9.16 -2.02
C GLY A 88 -8.97 -8.90 -1.31
N PHE A 89 -8.56 -7.64 -1.27
CA PHE A 89 -7.35 -7.24 -0.58
C PHE A 89 -7.67 -7.08 0.91
N GLY A 90 -6.94 -7.82 1.73
CA GLY A 90 -7.13 -7.75 3.15
C GLY A 90 -6.48 -8.92 3.84
N SER A 91 -7.09 -9.40 4.91
CA SER A 91 -6.54 -10.53 5.67
C SER A 91 -6.60 -11.82 4.87
N ASN A 92 -7.18 -11.75 3.67
CA ASN A 92 -7.29 -12.89 2.80
C ASN A 92 -5.97 -13.11 2.05
N ASN A 93 -5.21 -12.04 1.83
CA ASN A 93 -4.02 -12.14 1.01
C ASN A 93 -2.88 -11.26 1.51
N ALA A 94 -3.19 -10.16 2.19
CA ALA A 94 -2.17 -9.24 2.66
C ALA A 94 -2.21 -9.08 4.16
N VAL A 95 -1.30 -9.77 4.84
CA VAL A 95 -1.22 -9.69 6.29
C VAL A 95 0.23 -9.56 6.72
N THR A 96 0.47 -8.80 7.76
CA THR A 96 1.81 -8.72 8.31
C THR A 96 1.95 -9.68 9.48
N THR A 97 2.82 -10.66 9.31
CA THR A 97 3.19 -11.56 10.39
C THR A 97 4.08 -10.82 11.40
N CYS A 98 3.56 -9.73 11.92
CA CYS A 98 4.32 -8.87 12.83
C CYS A 98 3.73 -8.91 14.22
N GLY A 99 4.44 -9.56 15.13
CA GLY A 99 4.02 -9.61 16.51
C GLY A 99 5.15 -10.07 17.39
N ASN A 100 4.89 -10.19 18.69
CA ASN A 100 5.91 -10.69 19.60
C ASN A 100 5.46 -12.01 20.19
N GLY A 101 5.99 -13.09 19.66
CA GLY A 101 5.58 -14.41 20.08
C GLY A 101 4.64 -15.05 19.08
N SER A 102 4.10 -14.20 18.21
CA SER A 102 3.22 -14.61 17.14
C SER A 102 3.07 -13.47 16.13
N GLY A 1 14.28 16.23 -11.70
CA GLY A 1 14.11 14.80 -12.00
C GLY A 1 12.86 14.51 -12.79
N ALA A 2 11.72 14.59 -12.12
CA ALA A 2 10.43 14.32 -12.75
C ALA A 2 10.05 15.42 -13.74
N MET A 3 9.17 15.08 -14.66
CA MET A 3 8.69 16.03 -15.66
C MET A 3 7.22 15.77 -15.96
N GLY A 4 6.44 16.84 -16.05
CA GLY A 4 5.02 16.71 -16.30
C GLY A 4 4.17 17.19 -15.14
N PRO A 5 2.84 17.15 -15.29
CA PRO A 5 1.92 17.57 -14.23
C PRO A 5 1.69 16.47 -13.20
N LYS A 6 1.02 16.82 -12.11
CA LYS A 6 0.70 15.86 -11.07
C LYS A 6 -0.21 14.75 -11.61
N SER A 7 0.10 13.51 -11.27
CA SER A 7 -0.60 12.37 -11.85
C SER A 7 -1.62 11.78 -10.88
N LYS A 8 -2.09 10.57 -11.19
CA LYS A 8 -3.18 9.94 -10.43
C LYS A 8 -2.90 9.93 -8.94
N GLU A 9 -1.70 9.55 -8.55
CA GLU A 9 -1.32 9.47 -7.15
C GLU A 9 -1.43 10.84 -6.50
N GLU A 10 -1.01 11.87 -7.22
CA GLU A 10 -0.99 13.21 -6.70
C GLU A 10 -2.42 13.76 -6.60
N LEU A 11 -3.21 13.49 -7.62
CA LEU A 11 -4.60 13.96 -7.67
C LEU A 11 -5.43 13.27 -6.59
N LEU A 12 -5.10 12.02 -6.33
CA LEU A 12 -5.83 11.23 -5.35
C LEU A 12 -5.38 11.55 -3.92
N ARG A 13 -4.07 11.75 -3.74
CA ARG A 13 -3.54 12.03 -2.39
C ARG A 13 -4.05 13.37 -1.88
N GLU A 14 -4.53 14.21 -2.80
CA GLU A 14 -5.22 15.44 -2.43
C GLU A 14 -6.46 15.10 -1.62
N LYS A 15 -7.18 14.09 -2.09
CA LYS A 15 -8.49 13.73 -1.58
C LYS A 15 -8.39 12.61 -0.55
N LEU A 16 -7.18 12.36 -0.07
CA LEU A 16 -6.96 11.32 0.92
C LEU A 16 -6.60 11.94 2.26
N SER A 17 -6.69 11.15 3.33
CA SER A 17 -6.24 11.61 4.63
C SER A 17 -4.73 11.46 4.73
N GLU A 18 -4.13 12.00 5.77
CA GLU A 18 -2.67 12.03 5.88
C GLU A 18 -2.15 10.62 6.07
N ASP A 19 -2.94 9.84 6.79
CA ASP A 19 -2.67 8.43 6.99
C ASP A 19 -2.63 7.69 5.65
N GLN A 20 -3.60 7.99 4.80
CA GLN A 20 -3.66 7.39 3.46
C GLN A 20 -2.49 7.83 2.60
N LYS A 21 -2.17 9.13 2.66
CA LYS A 21 -1.10 9.72 1.85
C LYS A 21 0.24 9.03 2.14
N THR A 22 0.43 8.64 3.39
CA THR A 22 1.67 8.04 3.83
C THR A 22 1.90 6.69 3.15
N HIS A 23 0.88 5.85 3.12
CA HIS A 23 1.01 4.52 2.55
C HIS A 23 0.77 4.55 1.04
N LEU A 24 0.24 5.67 0.56
CA LEU A 24 0.11 5.91 -0.87
C LEU A 24 1.52 5.94 -1.48
N ASP A 25 2.37 6.78 -0.92
CA ASP A 25 3.77 6.87 -1.33
C ASP A 25 4.49 5.54 -1.11
N TRP A 26 4.10 4.85 -0.03
CA TRP A 26 4.68 3.56 0.32
C TRP A 26 4.48 2.53 -0.80
N LEU A 27 3.29 2.45 -1.35
CA LEU A 27 2.99 1.49 -2.41
C LEU A 27 3.79 1.74 -3.66
N LYS A 28 4.18 2.99 -3.85
CA LYS A 28 5.01 3.35 -4.98
C LYS A 28 6.33 2.60 -4.91
N GLU A 29 6.80 2.40 -3.68
CA GLU A 29 7.96 1.54 -3.43
C GLU A 29 7.54 0.07 -3.39
N ALA A 30 6.42 -0.19 -2.75
CA ALA A 30 5.94 -1.55 -2.52
C ALA A 30 5.78 -2.31 -3.82
N LEU A 31 5.01 -1.76 -4.74
CA LEU A 31 4.83 -2.37 -6.04
C LEU A 31 6.15 -2.52 -6.78
N GLY A 32 7.07 -1.61 -6.53
CA GLY A 32 8.36 -1.66 -7.19
C GLY A 32 8.31 -1.06 -8.56
N ASN A 33 7.45 -1.63 -9.40
CA ASN A 33 7.15 -1.03 -10.70
C ASN A 33 6.11 0.05 -10.51
N ASP A 34 6.47 1.27 -10.88
CA ASP A 34 5.58 2.40 -10.76
C ASP A 34 4.33 2.18 -11.61
N GLY A 35 4.50 1.42 -12.67
CA GLY A 35 3.39 1.05 -13.53
C GLY A 35 2.36 0.21 -12.79
N GLU A 36 2.81 -0.67 -11.90
CA GLU A 36 1.90 -1.48 -11.09
C GLU A 36 1.22 -0.63 -10.02
N PHE A 37 1.87 0.46 -9.64
CA PHE A 37 1.29 1.40 -8.70
C PHE A 37 0.22 2.23 -9.40
N ASP A 38 0.47 2.52 -10.68
CA ASP A 38 -0.53 3.17 -11.54
C ASP A 38 -1.77 2.31 -11.63
N LYS A 39 -1.53 1.01 -11.80
CA LYS A 39 -2.61 0.02 -11.77
C LYS A 39 -3.46 0.16 -10.52
N PHE A 40 -2.80 0.35 -9.38
CA PHE A 40 -3.48 0.55 -8.10
C PHE A 40 -4.32 1.82 -8.13
N LEU A 41 -3.78 2.85 -8.77
CA LEU A 41 -4.44 4.15 -8.85
C LEU A 41 -5.64 4.09 -9.80
N GLY A 42 -5.74 3.01 -10.54
CA GLY A 42 -6.86 2.83 -11.46
C GLY A 42 -7.94 1.93 -10.88
N TYR A 43 -8.14 2.03 -9.57
CA TYR A 43 -9.14 1.25 -8.88
C TYR A 43 -10.23 2.14 -8.29
N ASP A 44 -11.21 1.53 -7.65
CA ASP A 44 -12.28 2.29 -7.01
C ASP A 44 -11.71 3.05 -5.82
N GLU A 45 -12.17 4.29 -5.65
CA GLU A 45 -11.72 5.12 -4.53
C GLU A 45 -11.84 4.38 -3.20
N SER A 46 -12.94 3.67 -3.03
CA SER A 46 -13.21 3.00 -1.77
C SER A 46 -12.30 1.81 -1.60
N LYS A 47 -11.96 1.14 -2.70
CA LYS A 47 -11.11 -0.03 -2.63
C LYS A 47 -9.68 0.39 -2.39
N ILE A 48 -9.31 1.52 -2.97
CA ILE A 48 -8.01 2.12 -2.76
C ILE A 48 -7.81 2.50 -1.29
N LYS A 49 -8.78 3.22 -0.74
CA LYS A 49 -8.70 3.67 0.64
C LYS A 49 -8.74 2.49 1.61
N THR A 50 -9.52 1.48 1.28
CA THR A 50 -9.59 0.28 2.11
C THR A 50 -8.25 -0.45 2.08
N ALA A 51 -7.63 -0.50 0.91
CA ALA A 51 -6.33 -1.14 0.77
C ALA A 51 -5.27 -0.40 1.59
N LEU A 52 -5.17 0.91 1.38
CA LEU A 52 -4.20 1.73 2.08
C LEU A 52 -4.39 1.64 3.60
N ASP A 53 -5.65 1.75 4.04
CA ASP A 53 -5.96 1.69 5.46
C ASP A 53 -5.58 0.34 6.04
N HIS A 54 -5.80 -0.73 5.28
CA HIS A 54 -5.44 -2.07 5.71
C HIS A 54 -3.93 -2.22 5.76
N ILE A 55 -3.24 -1.73 4.74
CA ILE A 55 -1.77 -1.71 4.74
C ILE A 55 -1.27 -1.01 6.00
N LYS A 56 -1.88 0.12 6.32
CA LYS A 56 -1.57 0.86 7.53
C LYS A 56 -1.85 0.01 8.77
N SER A 57 -2.97 -0.71 8.74
CA SER A 57 -3.34 -1.59 9.85
C SER A 57 -2.26 -2.62 10.12
N GLU A 58 -1.80 -3.27 9.07
CA GLU A 58 -0.78 -4.29 9.18
C GLU A 58 0.57 -3.69 9.55
N LEU A 59 0.91 -2.57 8.93
CA LEU A 59 2.19 -1.93 9.18
C LEU A 59 2.25 -1.28 10.55
N ASP A 60 1.08 -1.01 11.13
CA ASP A 60 1.00 -0.42 12.47
C ASP A 60 1.34 -1.48 13.52
N LYS A 61 1.27 -2.74 13.12
CA LYS A 61 1.70 -3.84 13.98
C LYS A 61 3.23 -3.88 14.04
N CYS A 62 3.84 -3.42 12.96
CA CYS A 62 5.27 -3.53 12.79
C CYS A 62 5.99 -2.30 13.32
N ASN A 63 6.24 -2.29 14.62
CA ASN A 63 6.93 -1.18 15.25
C ASN A 63 8.07 -1.66 16.15
N GLY A 64 8.45 -2.93 15.94
CA GLY A 64 9.58 -3.49 16.68
C GLY A 64 10.85 -3.48 15.84
N ASN A 65 11.73 -4.43 16.09
CA ASN A 65 12.98 -4.51 15.35
C ASN A 65 12.77 -5.20 14.01
N ASP A 66 11.57 -5.73 13.81
CA ASP A 66 11.22 -6.42 12.58
C ASP A 66 10.58 -5.46 11.59
N ALA A 67 10.45 -4.20 11.99
CA ALA A 67 9.62 -3.25 11.27
C ALA A 67 10.05 -3.07 9.82
N ASP A 68 11.26 -2.60 9.63
CA ASP A 68 11.79 -2.30 8.29
C ASP A 68 11.80 -3.52 7.39
N GLN A 69 12.17 -4.66 7.95
CA GLN A 69 12.25 -5.88 7.16
C GLN A 69 10.86 -6.35 6.77
N GLN A 70 9.95 -6.37 7.73
CA GLN A 70 8.58 -6.80 7.47
C GLN A 70 7.91 -5.87 6.48
N LYS A 71 8.21 -4.58 6.57
CA LYS A 71 7.74 -3.59 5.60
C LYS A 71 8.19 -3.98 4.20
N THR A 72 9.47 -4.25 4.08
CA THR A 72 10.06 -4.57 2.79
C THR A 72 9.49 -5.87 2.21
N THR A 73 9.28 -6.85 3.06
CA THR A 73 8.72 -8.11 2.63
C THR A 73 7.22 -7.99 2.37
N PHE A 74 6.56 -7.10 3.11
CA PHE A 74 5.14 -6.83 2.94
C PHE A 74 4.87 -6.24 1.57
N LYS A 75 5.83 -5.46 1.09
CA LYS A 75 5.78 -4.89 -0.24
C LYS A 75 5.54 -5.98 -1.29
N GLN A 76 6.25 -7.09 -1.12
CA GLN A 76 6.15 -8.21 -2.04
C GLN A 76 4.81 -8.92 -1.89
N THR A 77 4.31 -8.98 -0.67
CA THR A 77 3.01 -9.58 -0.39
C THR A 77 1.90 -8.75 -1.03
N VAL A 78 2.01 -7.44 -0.89
CA VAL A 78 1.01 -6.52 -1.43
C VAL A 78 1.01 -6.53 -2.96
N GLN A 79 2.20 -6.76 -3.55
CA GLN A 79 2.32 -6.89 -5.00
C GLN A 79 1.40 -7.99 -5.52
N GLY A 80 1.43 -9.13 -4.85
CA GLY A 80 0.64 -10.28 -5.28
C GLY A 80 -0.81 -10.17 -4.85
N ALA A 81 -1.16 -9.01 -4.30
CA ALA A 81 -2.53 -8.76 -3.90
C ALA A 81 -3.19 -7.73 -4.81
N LEU A 82 -2.51 -6.59 -5.00
CA LEU A 82 -3.09 -5.49 -5.78
C LEU A 82 -3.08 -5.79 -7.27
N SER A 83 -2.07 -6.49 -7.70
CA SER A 83 -1.89 -6.80 -9.10
C SER A 83 -2.88 -7.89 -9.52
N GLY A 84 -3.27 -8.73 -8.57
CA GLY A 84 -4.27 -9.74 -8.83
C GLY A 84 -5.67 -9.18 -8.77
N GLY A 85 -5.95 -8.44 -7.70
CA GLY A 85 -7.26 -7.83 -7.54
C GLY A 85 -7.44 -7.20 -6.19
N ILE A 86 -7.62 -5.89 -6.17
CA ILE A 86 -7.82 -5.15 -4.94
C ILE A 86 -9.22 -5.43 -4.40
N ASP A 87 -10.04 -6.04 -5.24
CA ASP A 87 -11.44 -6.31 -4.92
C ASP A 87 -11.52 -7.37 -3.83
N GLY A 88 -10.42 -8.08 -3.63
CA GLY A 88 -10.33 -9.06 -2.56
C GLY A 88 -9.14 -8.80 -1.67
N PHE A 89 -8.78 -7.53 -1.55
CA PHE A 89 -7.64 -7.14 -0.73
C PHE A 89 -8.07 -6.99 0.72
N GLY A 90 -7.44 -7.75 1.59
CA GLY A 90 -7.77 -7.67 2.99
C GLY A 90 -6.86 -8.55 3.83
N SER A 91 -7.35 -8.95 5.00
CA SER A 91 -6.54 -9.70 5.95
C SER A 91 -6.47 -11.17 5.52
N ASN A 92 -7.10 -11.49 4.40
CA ASN A 92 -7.11 -12.85 3.89
C ASN A 92 -5.86 -13.10 3.02
N ASN A 93 -5.46 -12.09 2.27
CA ASN A 93 -4.37 -12.26 1.30
C ASN A 93 -3.19 -11.35 1.61
N ALA A 94 -3.37 -10.39 2.50
CA ALA A 94 -2.31 -9.47 2.86
C ALA A 94 -2.25 -9.24 4.36
N VAL A 95 -1.28 -9.84 5.02
CA VAL A 95 -1.06 -9.63 6.44
C VAL A 95 0.41 -9.48 6.76
N THR A 96 0.72 -8.71 7.79
CA THR A 96 2.08 -8.61 8.26
C THR A 96 2.35 -9.62 9.37
N THR A 97 3.27 -10.51 9.12
CA THR A 97 3.77 -11.43 10.14
C THR A 97 4.63 -10.69 11.19
N CYS A 98 4.11 -9.56 11.65
CA CYS A 98 4.83 -8.70 12.60
C CYS A 98 4.45 -9.04 14.03
N GLY A 99 4.16 -10.31 14.27
CA GLY A 99 3.84 -10.75 15.62
C GLY A 99 5.07 -11.26 16.31
N ASN A 100 6.21 -10.78 15.85
CA ASN A 100 7.49 -11.23 16.37
C ASN A 100 8.01 -10.23 17.39
N GLY A 101 8.80 -10.73 18.33
CA GLY A 101 9.45 -9.88 19.29
C GLY A 101 10.81 -10.42 19.65
N SER A 102 10.86 -11.72 19.87
CA SER A 102 12.08 -12.44 20.16
C SER A 102 11.80 -13.92 20.03
N GLY A 1 4.74 12.54 -6.59
CA GLY A 1 5.66 13.47 -7.31
C GLY A 1 5.14 13.85 -8.67
N ALA A 2 5.78 14.82 -9.30
CA ALA A 2 5.36 15.31 -10.61
C ALA A 2 6.48 16.05 -11.31
N MET A 3 6.77 15.65 -12.55
CA MET A 3 7.74 16.36 -13.36
C MET A 3 7.04 17.00 -14.55
N GLY A 4 5.96 16.37 -14.99
CA GLY A 4 5.08 16.95 -15.98
C GLY A 4 3.81 17.41 -15.32
N PRO A 5 2.69 16.76 -15.63
CA PRO A 5 1.45 16.95 -14.88
C PRO A 5 1.54 16.20 -13.56
N LYS A 6 0.71 16.58 -12.60
CA LYS A 6 0.70 15.92 -11.31
C LYS A 6 0.22 14.49 -11.46
N SER A 7 0.82 13.59 -10.71
CA SER A 7 0.58 12.17 -10.85
C SER A 7 -0.81 11.79 -10.33
N LYS A 8 -1.22 10.57 -10.64
CA LYS A 8 -2.52 10.08 -10.18
C LYS A 8 -2.53 9.99 -8.66
N GLU A 9 -1.39 9.64 -8.07
CA GLU A 9 -1.24 9.60 -6.62
C GLU A 9 -1.30 11.03 -6.08
N GLU A 10 -0.81 11.97 -6.87
CA GLU A 10 -0.77 13.37 -6.48
C GLU A 10 -2.18 13.93 -6.42
N LEU A 11 -3.06 13.36 -7.23
CA LEU A 11 -4.47 13.72 -7.23
C LEU A 11 -5.17 13.05 -6.06
N LEU A 12 -4.96 11.75 -5.94
CA LEU A 12 -5.64 10.95 -4.94
C LEU A 12 -5.25 11.36 -3.52
N ARG A 13 -3.97 11.67 -3.31
CA ARG A 13 -3.46 12.00 -1.97
C ARG A 13 -4.18 13.22 -1.41
N GLU A 14 -4.65 14.10 -2.30
CA GLU A 14 -5.39 15.28 -1.87
C GLU A 14 -6.74 14.88 -1.29
N LYS A 15 -7.30 13.80 -1.83
CA LYS A 15 -8.63 13.33 -1.46
C LYS A 15 -8.56 12.25 -0.39
N LEU A 16 -7.35 11.94 0.04
CA LEU A 16 -7.13 10.90 1.05
C LEU A 16 -7.00 11.50 2.44
N SER A 17 -6.86 10.64 3.43
CA SER A 17 -6.55 11.06 4.78
C SER A 17 -5.04 11.28 4.90
N GLU A 18 -4.58 11.60 6.10
CA GLU A 18 -3.17 11.92 6.29
C GLU A 18 -2.30 10.68 6.19
N ASP A 19 -2.77 9.57 6.76
CA ASP A 19 -2.01 8.32 6.72
C ASP A 19 -1.95 7.74 5.31
N GLN A 20 -3.09 7.77 4.62
CA GLN A 20 -3.22 7.16 3.29
C GLN A 20 -2.21 7.74 2.30
N LYS A 21 -1.85 9.00 2.48
CA LYS A 21 -0.88 9.67 1.61
C LYS A 21 0.49 9.01 1.73
N THR A 22 0.86 8.67 2.96
CA THR A 22 2.14 8.04 3.23
C THR A 22 2.15 6.61 2.69
N HIS A 23 1.03 5.91 2.84
CA HIS A 23 0.93 4.53 2.39
C HIS A 23 0.91 4.46 0.87
N LEU A 24 0.50 5.54 0.22
CA LEU A 24 0.63 5.66 -1.23
C LEU A 24 2.11 5.63 -1.62
N ASP A 25 2.89 6.47 -0.98
CA ASP A 25 4.31 6.56 -1.28
C ASP A 25 5.03 5.29 -0.88
N TRP A 26 4.55 4.67 0.20
CA TRP A 26 5.06 3.37 0.61
C TRP A 26 4.77 2.34 -0.46
N LEU A 27 3.53 2.34 -0.96
CA LEU A 27 3.09 1.42 -1.99
C LEU A 27 3.90 1.62 -3.26
N LYS A 28 4.31 2.86 -3.51
CA LYS A 28 5.18 3.17 -4.64
C LYS A 28 6.47 2.34 -4.56
N GLU A 29 7.01 2.25 -3.36
CA GLU A 29 8.21 1.46 -3.10
C GLU A 29 7.89 -0.03 -3.02
N ALA A 30 6.74 -0.34 -2.44
CA ALA A 30 6.29 -1.71 -2.28
C ALA A 30 6.12 -2.39 -3.63
N LEU A 31 5.48 -1.68 -4.55
CA LEU A 31 5.27 -2.18 -5.89
C LEU A 31 6.55 -2.06 -6.71
N GLY A 32 7.25 -0.93 -6.56
CA GLY A 32 8.52 -0.72 -7.24
C GLY A 32 8.36 -0.57 -8.73
N ASN A 33 7.13 -0.36 -9.17
CA ASN A 33 6.84 -0.22 -10.59
C ASN A 33 5.82 0.90 -10.79
N ASP A 34 6.13 1.80 -11.71
CA ASP A 34 5.24 2.91 -12.03
C ASP A 34 3.89 2.38 -12.50
N GLY A 35 3.92 1.39 -13.38
CA GLY A 35 2.70 0.85 -13.94
C GLY A 35 1.86 0.12 -12.92
N GLU A 36 2.51 -0.62 -12.03
CA GLU A 36 1.80 -1.39 -11.00
C GLU A 36 1.16 -0.45 -9.98
N PHE A 37 1.84 0.63 -9.66
CA PHE A 37 1.29 1.59 -8.75
C PHE A 37 0.20 2.40 -9.47
N ASP A 38 0.47 2.74 -10.71
CA ASP A 38 -0.49 3.42 -11.57
C ASP A 38 -1.82 2.68 -11.61
N LYS A 39 -1.74 1.37 -11.79
CA LYS A 39 -2.92 0.53 -11.95
C LYS A 39 -3.80 0.57 -10.69
N PHE A 40 -3.19 0.83 -9.54
CA PHE A 40 -3.89 0.90 -8.28
C PHE A 40 -4.79 2.14 -8.23
N LEU A 41 -4.25 3.24 -8.74
CA LEU A 41 -4.94 4.52 -8.78
C LEU A 41 -6.14 4.46 -9.72
N GLY A 42 -6.09 3.53 -10.66
CA GLY A 42 -7.17 3.37 -11.61
C GLY A 42 -8.25 2.43 -11.10
N TYR A 43 -8.60 2.57 -9.82
CA TYR A 43 -9.64 1.77 -9.22
C TYR A 43 -10.68 2.65 -8.54
N ASP A 44 -11.68 2.00 -7.96
CA ASP A 44 -12.69 2.69 -7.16
C ASP A 44 -12.04 3.36 -5.96
N GLU A 45 -12.31 4.65 -5.77
CA GLU A 45 -11.72 5.39 -4.65
C GLU A 45 -12.04 4.73 -3.32
N SER A 46 -13.23 4.17 -3.20
CA SER A 46 -13.64 3.56 -1.96
C SER A 46 -12.90 2.24 -1.75
N LYS A 47 -12.55 1.57 -2.85
CA LYS A 47 -11.75 0.35 -2.77
C LYS A 47 -10.31 0.71 -2.47
N ILE A 48 -9.85 1.77 -3.12
CA ILE A 48 -8.51 2.29 -2.91
C ILE A 48 -8.29 2.71 -1.47
N LYS A 49 -9.19 3.54 -0.94
CA LYS A 49 -9.09 4.00 0.45
C LYS A 49 -9.16 2.83 1.42
N THR A 50 -9.94 1.81 1.09
CA THR A 50 -10.02 0.61 1.91
C THR A 50 -8.70 -0.16 1.86
N ALA A 51 -8.15 -0.31 0.65
CA ALA A 51 -6.87 -1.00 0.46
C ALA A 51 -5.77 -0.32 1.26
N LEU A 52 -5.67 1.00 1.13
CA LEU A 52 -4.66 1.77 1.82
C LEU A 52 -4.81 1.67 3.34
N ASP A 53 -6.06 1.72 3.80
CA ASP A 53 -6.33 1.63 5.23
C ASP A 53 -6.02 0.24 5.75
N HIS A 54 -6.27 -0.78 4.93
CA HIS A 54 -5.92 -2.15 5.30
C HIS A 54 -4.40 -2.28 5.39
N ILE A 55 -3.69 -1.73 4.41
CA ILE A 55 -2.24 -1.70 4.44
C ILE A 55 -1.77 -1.11 5.76
N LYS A 56 -2.37 0.01 6.15
CA LYS A 56 -2.06 0.64 7.43
C LYS A 56 -2.36 -0.33 8.57
N SER A 57 -3.54 -0.92 8.56
CA SER A 57 -3.98 -1.80 9.65
C SER A 57 -2.95 -2.88 9.96
N GLU A 58 -2.28 -3.39 8.94
CA GLU A 58 -1.25 -4.40 9.13
C GLU A 58 0.12 -3.76 9.38
N LEU A 59 0.50 -2.81 8.53
CA LEU A 59 1.83 -2.22 8.57
C LEU A 59 2.03 -1.39 9.83
N ASP A 60 0.94 -0.85 10.36
CA ASP A 60 0.98 0.01 11.55
C ASP A 60 1.34 -0.79 12.79
N LYS A 61 1.28 -2.12 12.67
CA LYS A 61 1.66 -3.01 13.77
C LYS A 61 3.18 -3.04 13.90
N CYS A 62 3.85 -3.00 12.77
CA CYS A 62 5.30 -3.19 12.73
C CYS A 62 6.01 -1.83 12.71
N ASN A 63 6.51 -1.40 13.87
CA ASN A 63 7.24 -0.13 13.95
C ASN A 63 8.62 -0.33 14.58
N GLY A 64 8.92 -1.58 14.93
CA GLY A 64 10.18 -1.87 15.60
C GLY A 64 11.35 -1.93 14.65
N ASN A 65 12.50 -2.27 15.20
CA ASN A 65 13.75 -2.34 14.45
C ASN A 65 13.74 -3.49 13.44
N ASP A 66 13.67 -4.71 13.95
CA ASP A 66 13.70 -5.91 13.10
C ASP A 66 12.40 -6.05 12.33
N ALA A 67 11.41 -5.26 12.72
CA ALA A 67 10.14 -5.18 11.99
C ALA A 67 10.34 -4.62 10.60
N ASP A 68 11.43 -3.87 10.41
CA ASP A 68 11.70 -3.18 9.14
C ASP A 68 11.78 -4.18 7.98
N GLN A 69 12.43 -5.31 8.21
CA GLN A 69 12.58 -6.33 7.18
C GLN A 69 11.23 -6.97 6.88
N GLN A 70 10.39 -7.08 7.90
CA GLN A 70 9.04 -7.60 7.71
C GLN A 70 8.19 -6.61 6.93
N LYS A 71 8.48 -5.32 7.09
CA LYS A 71 7.85 -4.28 6.30
C LYS A 71 8.24 -4.45 4.83
N THR A 72 9.51 -4.76 4.61
CA THR A 72 10.02 -5.04 3.27
C THR A 72 9.36 -6.29 2.71
N THR A 73 9.03 -7.23 3.59
CA THR A 73 8.36 -8.45 3.19
C THR A 73 6.90 -8.16 2.85
N PHE A 74 6.30 -7.25 3.62
CA PHE A 74 4.91 -6.86 3.41
C PHE A 74 4.73 -6.21 2.04
N LYS A 75 5.79 -5.56 1.56
CA LYS A 75 5.81 -5.01 0.22
C LYS A 75 5.48 -6.07 -0.81
N GLN A 76 6.12 -7.22 -0.67
CA GLN A 76 5.95 -8.34 -1.57
C GLN A 76 4.56 -8.94 -1.39
N THR A 77 4.08 -8.94 -0.16
CA THR A 77 2.75 -9.43 0.17
C THR A 77 1.69 -8.60 -0.57
N VAL A 78 1.85 -7.28 -0.55
CA VAL A 78 0.94 -6.38 -1.22
C VAL A 78 1.05 -6.53 -2.74
N GLN A 79 2.28 -6.72 -3.23
CA GLN A 79 2.52 -6.94 -4.65
C GLN A 79 1.74 -8.16 -5.16
N GLY A 80 1.79 -9.24 -4.40
CA GLY A 80 1.08 -10.44 -4.79
C GLY A 80 -0.41 -10.30 -4.61
N ALA A 81 -0.79 -9.45 -3.66
CA ALA A 81 -2.19 -9.22 -3.35
C ALA A 81 -2.87 -8.40 -4.45
N LEU A 82 -2.24 -7.30 -4.84
CA LEU A 82 -2.81 -6.41 -5.86
C LEU A 82 -2.62 -6.98 -7.26
N SER A 83 -2.10 -8.19 -7.32
CA SER A 83 -1.91 -8.88 -8.58
C SER A 83 -3.20 -9.57 -9.00
N GLY A 84 -4.07 -9.82 -8.03
CA GLY A 84 -5.31 -10.53 -8.30
C GLY A 84 -6.53 -9.66 -8.11
N GLY A 85 -6.33 -8.35 -8.07
CA GLY A 85 -7.45 -7.44 -7.91
C GLY A 85 -7.43 -6.73 -6.59
N ILE A 86 -8.07 -5.57 -6.56
CA ILE A 86 -8.14 -4.76 -5.36
C ILE A 86 -9.38 -5.12 -4.53
N ASP A 87 -10.32 -5.78 -5.18
CA ASP A 87 -11.56 -6.21 -4.51
C ASP A 87 -11.26 -7.31 -3.50
N GLY A 88 -10.40 -8.24 -3.89
CA GLY A 88 -10.05 -9.34 -3.03
C GLY A 88 -8.89 -9.00 -2.11
N PHE A 89 -8.43 -7.76 -2.20
CA PHE A 89 -7.34 -7.28 -1.37
C PHE A 89 -7.80 -7.15 0.08
N GLY A 90 -7.12 -7.84 0.97
CA GLY A 90 -7.47 -7.80 2.37
C GLY A 90 -6.70 -8.81 3.18
N SER A 91 -7.30 -9.27 4.27
CA SER A 91 -6.65 -10.21 5.18
C SER A 91 -6.52 -11.60 4.55
N ASN A 92 -7.02 -11.75 3.33
CA ASN A 92 -6.94 -13.01 2.61
C ASN A 92 -5.53 -13.26 2.16
N ASN A 93 -4.75 -12.19 2.07
CA ASN A 93 -3.38 -12.27 1.60
C ASN A 93 -2.48 -11.24 2.29
N ALA A 94 -2.92 -10.00 2.35
CA ALA A 94 -2.11 -8.93 2.92
C ALA A 94 -2.23 -8.88 4.44
N VAL A 95 -1.26 -9.46 5.12
CA VAL A 95 -1.19 -9.42 6.57
C VAL A 95 0.26 -9.30 7.04
N THR A 96 0.46 -8.66 8.18
CA THR A 96 1.79 -8.59 8.76
C THR A 96 1.97 -9.65 9.83
N THR A 97 2.87 -10.58 9.57
CA THR A 97 3.23 -11.62 10.52
C THR A 97 4.18 -11.10 11.60
N CYS A 98 4.16 -9.80 11.86
CA CYS A 98 4.98 -9.19 12.90
C CYS A 98 4.46 -9.60 14.27
N GLY A 99 5.25 -10.39 14.99
CA GLY A 99 4.83 -10.85 16.30
C GLY A 99 5.72 -11.96 16.82
N ASN A 100 5.13 -13.13 17.03
CA ASN A 100 5.84 -14.25 17.62
C ASN A 100 5.47 -15.55 16.94
N GLY A 101 6.30 -16.57 17.16
CA GLY A 101 5.98 -17.90 16.73
C GLY A 101 5.86 -18.83 17.91
N SER A 102 6.74 -18.63 18.88
CA SER A 102 6.72 -19.37 20.14
C SER A 102 7.76 -18.77 21.09
N GLY A 1 9.91 22.11 -11.85
CA GLY A 1 9.73 20.65 -11.99
C GLY A 1 9.94 20.18 -13.41
N ALA A 2 9.21 19.16 -13.81
CA ALA A 2 9.33 18.60 -15.15
C ALA A 2 8.17 19.03 -16.03
N MET A 3 8.34 18.87 -17.34
CA MET A 3 7.30 19.18 -18.29
C MET A 3 6.23 18.08 -18.26
N GLY A 4 5.15 18.34 -17.55
CA GLY A 4 4.06 17.39 -17.47
C GLY A 4 3.00 17.82 -16.47
N PRO A 5 1.82 17.18 -16.49
CA PRO A 5 0.74 17.49 -15.58
C PRO A 5 0.85 16.72 -14.26
N LYS A 6 -0.20 16.77 -13.47
CA LYS A 6 -0.25 16.04 -12.22
C LYS A 6 -0.71 14.62 -12.45
N SER A 7 -0.04 13.70 -11.79
CA SER A 7 -0.31 12.28 -11.95
C SER A 7 -1.50 11.86 -11.09
N LYS A 8 -1.99 10.63 -11.33
CA LYS A 8 -3.11 10.09 -10.57
C LYS A 8 -2.81 10.15 -9.07
N GLU A 9 -1.59 9.81 -8.71
CA GLU A 9 -1.17 9.83 -7.31
C GLU A 9 -1.35 11.22 -6.71
N GLU A 10 -1.04 12.25 -7.51
CA GLU A 10 -1.13 13.62 -7.06
C GLU A 10 -2.58 14.03 -6.87
N LEU A 11 -3.41 13.67 -7.83
CA LEU A 11 -4.83 14.00 -7.79
C LEU A 11 -5.52 13.21 -6.69
N LEU A 12 -5.09 11.96 -6.52
CA LEU A 12 -5.65 11.09 -5.51
C LEU A 12 -5.30 11.59 -4.12
N ARG A 13 -4.06 12.07 -3.96
CA ARG A 13 -3.61 12.64 -2.69
C ARG A 13 -4.55 13.76 -2.24
N GLU A 14 -5.08 14.50 -3.20
CA GLU A 14 -5.98 15.61 -2.91
C GLU A 14 -7.31 15.09 -2.38
N LYS A 15 -7.66 13.87 -2.75
CA LYS A 15 -8.91 13.25 -2.33
C LYS A 15 -8.69 12.27 -1.18
N LEU A 16 -7.44 12.06 -0.81
CA LEU A 16 -7.10 11.11 0.24
C LEU A 16 -6.86 11.82 1.57
N SER A 17 -6.82 11.04 2.62
CA SER A 17 -6.44 11.52 3.93
C SER A 17 -4.92 11.62 4.00
N GLU A 18 -4.39 12.16 5.10
CA GLU A 18 -2.97 12.45 5.19
C GLU A 18 -2.18 11.15 5.40
N ASP A 19 -2.77 10.25 6.16
CA ASP A 19 -2.19 8.94 6.41
C ASP A 19 -2.17 8.12 5.13
N GLN A 20 -3.23 8.23 4.35
CA GLN A 20 -3.38 7.47 3.11
C GLN A 20 -2.32 7.88 2.07
N LYS A 21 -1.95 9.16 2.08
CA LYS A 21 -0.92 9.65 1.16
C LYS A 21 0.42 8.99 1.44
N THR A 22 0.70 8.81 2.72
CA THR A 22 1.96 8.21 3.15
C THR A 22 2.08 6.78 2.64
N HIS A 23 0.95 6.07 2.59
CA HIS A 23 0.95 4.70 2.12
C HIS A 23 1.03 4.64 0.60
N LEU A 24 0.76 5.76 -0.06
CA LEU A 24 0.97 5.86 -1.49
C LEU A 24 2.46 5.83 -1.80
N ASP A 25 3.22 6.64 -1.09
CA ASP A 25 4.67 6.65 -1.23
C ASP A 25 5.26 5.31 -0.84
N TRP A 26 4.71 4.71 0.21
CA TRP A 26 5.14 3.40 0.67
C TRP A 26 4.81 2.34 -0.39
N LEU A 27 3.60 2.37 -0.91
CA LEU A 27 3.17 1.41 -1.92
C LEU A 27 3.93 1.61 -3.22
N LYS A 28 4.28 2.85 -3.51
CA LYS A 28 5.10 3.18 -4.66
C LYS A 28 6.42 2.44 -4.59
N GLU A 29 7.02 2.43 -3.41
CA GLU A 29 8.25 1.70 -3.17
C GLU A 29 8.00 0.20 -3.17
N ALA A 30 6.88 -0.19 -2.58
CA ALA A 30 6.47 -1.60 -2.51
C ALA A 30 6.34 -2.20 -3.90
N LEU A 31 5.60 -1.52 -4.75
CA LEU A 31 5.38 -1.97 -6.12
C LEU A 31 6.62 -1.78 -6.97
N GLY A 32 7.33 -0.67 -6.74
CA GLY A 32 8.56 -0.41 -7.45
C GLY A 32 8.34 0.16 -8.83
N ASN A 33 7.40 -0.43 -9.57
CA ASN A 33 7.10 0.02 -10.91
C ASN A 33 5.94 0.99 -10.91
N ASP A 34 6.17 2.17 -11.47
CA ASP A 34 5.16 3.23 -11.50
C ASP A 34 3.93 2.79 -12.25
N GLY A 35 4.13 2.01 -13.31
CA GLY A 35 3.01 1.52 -14.09
C GLY A 35 2.11 0.59 -13.30
N GLU A 36 2.70 -0.19 -12.41
CA GLU A 36 1.92 -1.09 -11.57
C GLU A 36 1.25 -0.32 -10.44
N PHE A 37 1.86 0.77 -10.04
CA PHE A 37 1.27 1.67 -9.05
C PHE A 37 0.11 2.43 -9.68
N ASP A 38 0.25 2.73 -10.97
CA ASP A 38 -0.81 3.32 -11.78
C ASP A 38 -2.06 2.46 -11.73
N LYS A 39 -1.84 1.17 -11.87
CA LYS A 39 -2.91 0.17 -11.77
C LYS A 39 -3.77 0.41 -10.52
N PHE A 40 -3.09 0.52 -9.38
CA PHE A 40 -3.76 0.76 -8.10
C PHE A 40 -4.44 2.13 -8.10
N LEU A 41 -3.78 3.12 -8.68
CA LEU A 41 -4.31 4.47 -8.73
C LEU A 41 -5.56 4.56 -9.62
N GLY A 42 -5.75 3.55 -10.45
CA GLY A 42 -6.88 3.55 -11.37
C GLY A 42 -8.05 2.76 -10.84
N TYR A 43 -8.13 2.60 -9.53
CA TYR A 43 -9.24 1.90 -8.91
C TYR A 43 -10.20 2.86 -8.23
N ASP A 44 -11.30 2.31 -7.73
CA ASP A 44 -12.30 3.08 -7.00
C ASP A 44 -11.69 3.64 -5.72
N GLU A 45 -12.01 4.90 -5.41
CA GLU A 45 -11.55 5.51 -4.18
C GLU A 45 -11.95 4.68 -2.97
N SER A 46 -13.13 4.09 -3.04
CA SER A 46 -13.65 3.27 -1.96
C SER A 46 -12.75 2.06 -1.73
N LYS A 47 -12.22 1.52 -2.82
CA LYS A 47 -11.39 0.33 -2.73
C LYS A 47 -9.95 0.70 -2.42
N ILE A 48 -9.50 1.80 -3.00
CA ILE A 48 -8.16 2.32 -2.72
C ILE A 48 -7.99 2.66 -1.25
N LYS A 49 -8.92 3.46 -0.72
CA LYS A 49 -8.85 3.90 0.66
C LYS A 49 -8.96 2.72 1.63
N THR A 50 -9.70 1.68 1.23
CA THR A 50 -9.81 0.47 2.04
C THR A 50 -8.49 -0.29 2.04
N ALA A 51 -7.88 -0.43 0.87
CA ALA A 51 -6.61 -1.14 0.74
C ALA A 51 -5.52 -0.46 1.57
N LEU A 52 -5.42 0.86 1.45
CA LEU A 52 -4.44 1.64 2.19
C LEU A 52 -4.65 1.51 3.69
N ASP A 53 -5.92 1.58 4.10
CA ASP A 53 -6.27 1.47 5.51
C ASP A 53 -5.89 0.09 6.07
N HIS A 54 -6.08 -0.94 5.27
CA HIS A 54 -5.71 -2.30 5.66
C HIS A 54 -4.20 -2.42 5.83
N ILE A 55 -3.46 -1.89 4.85
CA ILE A 55 -2.00 -1.84 4.93
C ILE A 55 -1.58 -1.15 6.21
N LYS A 56 -2.22 -0.02 6.49
CA LYS A 56 -1.97 0.77 7.69
C LYS A 56 -2.21 -0.06 8.95
N SER A 57 -3.18 -0.96 8.89
CA SER A 57 -3.54 -1.79 10.03
C SER A 57 -2.51 -2.89 10.27
N GLU A 58 -2.16 -3.63 9.23
CA GLU A 58 -1.17 -4.67 9.36
C GLU A 58 0.21 -4.11 9.68
N LEU A 59 0.63 -3.09 8.92
CA LEU A 59 1.95 -2.51 9.06
C LEU A 59 2.19 -1.97 10.48
N ASP A 60 1.09 -1.62 11.15
CA ASP A 60 1.14 -1.15 12.54
C ASP A 60 1.76 -2.19 13.47
N LYS A 61 1.61 -3.46 13.13
CA LYS A 61 2.16 -4.54 13.94
C LYS A 61 3.69 -4.59 13.84
N CYS A 62 4.22 -4.13 12.73
CA CYS A 62 5.64 -4.28 12.48
C CYS A 62 6.41 -3.01 12.86
N ASN A 63 6.53 -2.78 14.16
CA ASN A 63 7.27 -1.63 14.67
C ASN A 63 8.27 -2.06 15.73
N GLY A 64 8.52 -3.35 15.81
CA GLY A 64 9.43 -3.87 16.83
C GLY A 64 10.87 -3.97 16.34
N ASN A 65 11.56 -4.99 16.81
CA ASN A 65 12.96 -5.19 16.46
C ASN A 65 13.11 -5.58 14.98
N ASP A 66 12.09 -6.22 14.46
CA ASP A 66 12.09 -6.70 13.07
C ASP A 66 11.31 -5.77 12.16
N ALA A 67 11.04 -4.56 12.66
CA ALA A 67 10.06 -3.67 12.03
C ALA A 67 10.37 -3.41 10.57
N ASP A 68 11.47 -2.72 10.33
CA ASP A 68 11.83 -2.26 9.00
C ASP A 68 12.07 -3.41 8.03
N GLN A 69 12.54 -4.54 8.54
CA GLN A 69 12.78 -5.70 7.70
C GLN A 69 11.45 -6.30 7.28
N GLN A 70 10.51 -6.34 8.21
CA GLN A 70 9.17 -6.82 7.92
C GLN A 70 8.42 -5.83 7.04
N LYS A 71 8.68 -4.54 7.25
CA LYS A 71 8.12 -3.51 6.35
C LYS A 71 8.51 -3.81 4.92
N THR A 72 9.79 -4.10 4.73
CA THR A 72 10.33 -4.43 3.43
C THR A 72 9.69 -5.71 2.89
N THR A 73 9.41 -6.64 3.78
CA THR A 73 8.80 -7.91 3.40
C THR A 73 7.32 -7.74 3.07
N PHE A 74 6.66 -6.85 3.78
CA PHE A 74 5.24 -6.59 3.59
C PHE A 74 4.98 -6.01 2.21
N LYS A 75 5.98 -5.30 1.70
CA LYS A 75 5.93 -4.73 0.36
C LYS A 75 5.69 -5.81 -0.69
N GLN A 76 6.28 -6.98 -0.46
CA GLN A 76 6.15 -8.10 -1.37
C GLN A 76 4.78 -8.73 -1.25
N THR A 77 4.26 -8.76 -0.03
CA THR A 77 2.94 -9.31 0.25
C THR A 77 1.86 -8.51 -0.47
N VAL A 78 1.96 -7.18 -0.37
CA VAL A 78 1.02 -6.28 -1.00
C VAL A 78 1.02 -6.48 -2.52
N GLN A 79 2.18 -6.76 -3.10
CA GLN A 79 2.29 -7.04 -4.53
C GLN A 79 1.37 -8.18 -4.94
N GLY A 80 1.34 -9.24 -4.13
CA GLY A 80 0.52 -10.38 -4.45
C GLY A 80 -0.95 -10.12 -4.17
N ALA A 81 -1.22 -9.10 -3.36
CA ALA A 81 -2.58 -8.76 -2.99
C ALA A 81 -3.31 -8.09 -4.15
N LEU A 82 -2.73 -7.02 -4.68
CA LEU A 82 -3.36 -6.28 -5.77
C LEU A 82 -3.22 -7.02 -7.10
N SER A 83 -2.56 -8.15 -7.04
CA SER A 83 -2.42 -9.01 -8.20
C SER A 83 -3.71 -9.78 -8.43
N GLY A 84 -4.48 -9.94 -7.37
CA GLY A 84 -5.74 -10.65 -7.46
C GLY A 84 -6.92 -9.72 -7.36
N GLY A 85 -6.71 -8.46 -7.73
CA GLY A 85 -7.77 -7.49 -7.68
C GLY A 85 -7.82 -6.79 -6.35
N ILE A 86 -7.97 -5.48 -6.39
CA ILE A 86 -8.00 -4.67 -5.18
C ILE A 86 -9.24 -4.99 -4.34
N ASP A 87 -10.24 -5.60 -4.99
CA ASP A 87 -11.49 -5.93 -4.34
C ASP A 87 -11.32 -7.19 -3.49
N GLY A 88 -10.23 -7.91 -3.75
CA GLY A 88 -9.91 -9.09 -2.97
C GLY A 88 -8.76 -8.84 -2.02
N PHE A 89 -8.52 -7.56 -1.74
CA PHE A 89 -7.47 -7.14 -0.83
C PHE A 89 -7.98 -7.17 0.60
N GLY A 90 -7.35 -7.98 1.43
CA GLY A 90 -7.77 -8.06 2.81
C GLY A 90 -6.86 -8.96 3.63
N SER A 91 -7.33 -9.37 4.80
CA SER A 91 -6.54 -10.20 5.71
C SER A 91 -6.41 -11.64 5.20
N ASN A 92 -6.91 -11.87 3.99
CA ASN A 92 -6.91 -13.21 3.40
C ASN A 92 -5.68 -13.41 2.55
N ASN A 93 -5.05 -12.31 2.14
CA ASN A 93 -3.90 -12.38 1.25
C ASN A 93 -2.81 -11.39 1.66
N ALA A 94 -3.22 -10.22 2.12
CA ALA A 94 -2.27 -9.21 2.57
C ALA A 94 -2.24 -9.15 4.09
N VAL A 95 -1.28 -9.84 4.70
CA VAL A 95 -1.15 -9.83 6.14
C VAL A 95 0.30 -9.69 6.57
N THR A 96 0.50 -9.03 7.69
CA THR A 96 1.83 -8.91 8.25
C THR A 96 2.12 -10.06 9.20
N THR A 97 3.00 -10.96 8.77
CA THR A 97 3.44 -12.08 9.59
C THR A 97 4.54 -11.63 10.57
N CYS A 98 4.49 -10.37 10.96
CA CYS A 98 5.50 -9.77 11.82
C CYS A 98 5.38 -10.30 13.25
N GLY A 99 6.22 -11.26 13.57
CA GLY A 99 6.22 -11.84 14.89
C GLY A 99 7.43 -11.41 15.66
N ASN A 100 7.25 -10.42 16.53
CA ASN A 100 8.38 -9.82 17.25
C ASN A 100 8.95 -10.76 18.29
N GLY A 101 8.20 -11.80 18.63
CA GLY A 101 8.67 -12.80 19.57
C GLY A 101 7.73 -13.99 19.60
N SER A 102 7.22 -14.35 18.44
CA SER A 102 6.24 -15.42 18.32
C SER A 102 6.90 -16.73 17.90
N GLY A 1 12.63 15.09 -11.51
CA GLY A 1 11.35 15.78 -11.19
C GLY A 1 10.15 15.11 -11.84
N ALA A 2 9.11 15.88 -12.08
CA ALA A 2 7.91 15.36 -12.72
C ALA A 2 8.07 15.35 -14.23
N MET A 3 8.03 14.16 -14.82
CA MET A 3 8.22 14.00 -16.26
C MET A 3 6.88 14.01 -17.00
N GLY A 4 5.88 14.64 -16.40
CA GLY A 4 4.58 14.71 -17.00
C GLY A 4 3.64 15.59 -16.22
N PRO A 5 2.35 15.62 -16.57
CA PRO A 5 1.34 16.43 -15.87
C PRO A 5 0.89 15.77 -14.57
N LYS A 6 -0.18 16.30 -13.98
CA LYS A 6 -0.76 15.73 -12.77
C LYS A 6 -1.12 14.27 -13.01
N SER A 7 -0.37 13.41 -12.36
CA SER A 7 -0.56 11.98 -12.51
C SER A 7 -1.73 11.50 -11.67
N LYS A 8 -2.16 10.26 -11.88
CA LYS A 8 -3.27 9.68 -11.14
C LYS A 8 -3.02 9.77 -9.64
N GLU A 9 -1.80 9.44 -9.23
CA GLU A 9 -1.42 9.51 -7.83
C GLU A 9 -1.51 10.95 -7.32
N GLU A 10 -1.17 11.90 -8.18
CA GLU A 10 -1.16 13.30 -7.82
C GLU A 10 -2.58 13.85 -7.67
N LEU A 11 -3.55 13.12 -8.20
CA LEU A 11 -4.94 13.51 -8.06
C LEU A 11 -5.60 12.70 -6.94
N LEU A 12 -5.31 11.41 -6.91
CA LEU A 12 -5.87 10.52 -5.91
C LEU A 12 -5.39 10.90 -4.51
N ARG A 13 -4.11 11.25 -4.40
CA ARG A 13 -3.53 11.60 -3.11
C ARG A 13 -4.25 12.79 -2.50
N GLU A 14 -4.78 13.67 -3.36
CA GLU A 14 -5.49 14.85 -2.89
C GLU A 14 -6.83 14.46 -2.26
N LYS A 15 -7.43 13.40 -2.78
CA LYS A 15 -8.73 12.93 -2.32
C LYS A 15 -8.60 12.00 -1.11
N LEU A 16 -7.38 11.74 -0.70
CA LEU A 16 -7.13 10.80 0.39
C LEU A 16 -6.98 11.53 1.72
N SER A 17 -6.81 10.75 2.78
CA SER A 17 -6.53 11.29 4.10
C SER A 17 -5.03 11.44 4.27
N GLU A 18 -4.61 12.13 5.33
CA GLU A 18 -3.20 12.38 5.59
C GLU A 18 -2.44 11.07 5.75
N ASP A 19 -3.09 10.08 6.34
CA ASP A 19 -2.52 8.75 6.48
C ASP A 19 -2.35 8.11 5.11
N GLN A 20 -3.48 8.01 4.40
CA GLN A 20 -3.54 7.30 3.12
C GLN A 20 -2.56 7.88 2.09
N LYS A 21 -2.40 9.20 2.10
CA LYS A 21 -1.46 9.86 1.19
C LYS A 21 -0.04 9.35 1.41
N THR A 22 0.30 9.11 2.65
CA THR A 22 1.64 8.65 3.01
C THR A 22 1.84 7.21 2.55
N HIS A 23 0.78 6.41 2.63
CA HIS A 23 0.85 5.01 2.26
C HIS A 23 0.85 4.84 0.74
N LEU A 24 0.35 5.85 0.02
CA LEU A 24 0.47 5.85 -1.43
C LEU A 24 1.93 5.90 -1.83
N ASP A 25 2.68 6.79 -1.19
CA ASP A 25 4.11 6.92 -1.46
C ASP A 25 4.83 5.64 -1.09
N TRP A 26 4.44 5.07 0.05
CA TRP A 26 5.00 3.78 0.50
C TRP A 26 4.73 2.70 -0.55
N LEU A 27 3.48 2.61 -0.98
CA LEU A 27 3.07 1.61 -1.97
C LEU A 27 3.80 1.81 -3.29
N LYS A 28 3.99 3.07 -3.66
CA LYS A 28 4.74 3.41 -4.87
C LYS A 28 6.14 2.83 -4.80
N GLU A 29 6.83 3.13 -3.72
CA GLU A 29 8.17 2.59 -3.50
C GLU A 29 8.15 1.07 -3.39
N ALA A 30 7.12 0.55 -2.72
CA ALA A 30 6.95 -0.88 -2.56
C ALA A 30 6.84 -1.59 -3.91
N LEU A 31 6.03 -1.03 -4.79
CA LEU A 31 5.80 -1.61 -6.11
C LEU A 31 6.98 -1.34 -7.04
N GLY A 32 7.50 -0.12 -7.01
CA GLY A 32 8.61 0.24 -7.85
C GLY A 32 8.18 0.63 -9.25
N ASN A 33 7.56 -0.31 -9.95
CA ASN A 33 7.08 -0.07 -11.31
C ASN A 33 5.93 0.92 -11.33
N ASP A 34 6.03 1.90 -12.21
CA ASP A 34 5.02 2.93 -12.33
C ASP A 34 3.68 2.32 -12.71
N GLY A 35 3.73 1.37 -13.62
CA GLY A 35 2.52 0.76 -14.14
C GLY A 35 1.77 -0.04 -13.09
N GLU A 36 2.48 -0.57 -12.10
CA GLU A 36 1.84 -1.35 -11.05
C GLU A 36 1.24 -0.44 -10.00
N PHE A 37 1.88 0.69 -9.72
CA PHE A 37 1.30 1.66 -8.81
C PHE A 37 0.14 2.35 -9.50
N ASP A 38 0.31 2.62 -10.79
CA ASP A 38 -0.75 3.18 -11.63
C ASP A 38 -1.96 2.24 -11.63
N LYS A 39 -1.66 0.96 -11.65
CA LYS A 39 -2.67 -0.09 -11.57
C LYS A 39 -3.60 0.16 -10.39
N PHE A 40 -3.00 0.32 -9.21
CA PHE A 40 -3.73 0.57 -7.97
C PHE A 40 -4.48 1.90 -8.04
N LEU A 41 -3.85 2.88 -8.65
CA LEU A 41 -4.42 4.22 -8.77
C LEU A 41 -5.67 4.24 -9.64
N GLY A 42 -5.88 3.16 -10.40
CA GLY A 42 -7.01 3.10 -11.30
C GLY A 42 -8.18 2.34 -10.71
N TYR A 43 -8.14 2.10 -9.41
CA TYR A 43 -9.21 1.37 -8.74
C TYR A 43 -10.25 2.32 -8.17
N ASP A 44 -11.25 1.74 -7.51
CA ASP A 44 -12.31 2.51 -6.87
C ASP A 44 -11.77 3.20 -5.63
N GLU A 45 -12.12 4.47 -5.44
CA GLU A 45 -11.68 5.22 -4.27
C GLU A 45 -12.03 4.49 -2.98
N SER A 46 -13.20 3.85 -2.95
CA SER A 46 -13.65 3.17 -1.75
C SER A 46 -12.78 1.96 -1.47
N LYS A 47 -12.28 1.33 -2.52
CA LYS A 47 -11.45 0.16 -2.38
C LYS A 47 -10.00 0.58 -2.11
N ILE A 48 -9.58 1.64 -2.77
CA ILE A 48 -8.24 2.20 -2.59
C ILE A 48 -8.01 2.63 -1.14
N LYS A 49 -8.93 3.42 -0.61
CA LYS A 49 -8.79 3.97 0.73
C LYS A 49 -8.84 2.86 1.79
N THR A 50 -9.63 1.82 1.53
CA THR A 50 -9.69 0.68 2.41
C THR A 50 -8.36 -0.10 2.38
N ALA A 51 -7.81 -0.26 1.18
CA ALA A 51 -6.55 -0.96 1.01
C ALA A 51 -5.41 -0.26 1.75
N LEU A 52 -5.32 1.05 1.56
CA LEU A 52 -4.28 1.86 2.18
C LEU A 52 -4.37 1.81 3.71
N ASP A 53 -5.59 1.88 4.23
CA ASP A 53 -5.79 1.82 5.67
C ASP A 53 -5.38 0.46 6.22
N HIS A 54 -5.72 -0.59 5.48
CA HIS A 54 -5.35 -1.95 5.86
C HIS A 54 -3.82 -2.08 5.89
N ILE A 55 -3.16 -1.54 4.87
CA ILE A 55 -1.70 -1.50 4.81
C ILE A 55 -1.12 -0.94 6.11
N LYS A 56 -1.66 0.19 6.56
CA LYS A 56 -1.22 0.80 7.81
C LYS A 56 -1.47 -0.13 8.98
N SER A 57 -2.65 -0.75 9.00
CA SER A 57 -3.05 -1.63 10.07
C SER A 57 -2.05 -2.78 10.24
N GLU A 58 -1.62 -3.36 9.12
CA GLU A 58 -0.63 -4.41 9.13
C GLU A 58 0.75 -3.87 9.53
N LEU A 59 1.14 -2.74 8.94
CA LEU A 59 2.44 -2.13 9.22
C LEU A 59 2.59 -1.76 10.69
N ASP A 60 1.48 -1.35 11.30
CA ASP A 60 1.48 -0.91 12.69
C ASP A 60 1.77 -2.06 13.64
N LYS A 61 1.47 -3.29 13.22
CA LYS A 61 1.74 -4.47 14.04
C LYS A 61 3.24 -4.70 14.16
N CYS A 62 3.97 -4.27 13.14
CA CYS A 62 5.40 -4.54 13.06
C CYS A 62 6.20 -3.45 13.75
N ASN A 63 6.40 -3.62 15.05
CA ASN A 63 7.20 -2.69 15.83
C ASN A 63 8.05 -3.45 16.83
N GLY A 64 9.32 -3.56 16.50
CA GLY A 64 10.25 -4.34 17.29
C GLY A 64 11.54 -4.54 16.54
N ASN A 65 12.32 -5.54 16.93
CA ASN A 65 13.63 -5.77 16.30
C ASN A 65 13.48 -6.28 14.86
N ASP A 66 12.37 -6.96 14.58
CA ASP A 66 12.13 -7.51 13.24
C ASP A 66 11.34 -6.55 12.37
N ALA A 67 10.99 -5.39 12.92
CA ALA A 67 10.10 -4.44 12.25
C ALA A 67 10.62 -4.06 10.86
N ASP A 68 11.91 -3.80 10.77
CA ASP A 68 12.55 -3.41 9.50
C ASP A 68 12.25 -4.43 8.41
N GLN A 69 12.44 -5.69 8.76
CA GLN A 69 12.32 -6.76 7.80
C GLN A 69 10.86 -6.99 7.44
N GLN A 70 10.01 -7.01 8.45
CA GLN A 70 8.59 -7.25 8.26
C GLN A 70 7.96 -6.19 7.36
N LYS A 71 8.27 -4.92 7.61
CA LYS A 71 7.75 -3.83 6.79
C LYS A 71 8.26 -3.97 5.36
N THR A 72 9.52 -4.36 5.22
CA THR A 72 10.12 -4.56 3.91
C THR A 72 9.44 -5.69 3.15
N THR A 73 9.24 -6.82 3.82
CA THR A 73 8.62 -7.99 3.19
C THR A 73 7.14 -7.74 2.91
N PHE A 74 6.52 -6.84 3.66
CA PHE A 74 5.12 -6.52 3.45
C PHE A 74 4.93 -5.85 2.10
N LYS A 75 5.95 -5.11 1.64
CA LYS A 75 5.94 -4.51 0.32
C LYS A 75 5.73 -5.59 -0.73
N GLN A 76 6.37 -6.73 -0.51
CA GLN A 76 6.29 -7.86 -1.42
C GLN A 76 4.91 -8.51 -1.35
N THR A 77 4.37 -8.60 -0.14
CA THR A 77 3.03 -9.13 0.07
C THR A 77 1.99 -8.29 -0.68
N VAL A 78 2.08 -6.97 -0.52
CA VAL A 78 1.16 -6.06 -1.17
C VAL A 78 1.30 -6.13 -2.70
N GLN A 79 2.53 -6.37 -3.17
CA GLN A 79 2.80 -6.53 -4.60
C GLN A 79 1.93 -7.65 -5.19
N GLY A 80 1.75 -8.72 -4.42
CA GLY A 80 0.98 -9.85 -4.90
C GLY A 80 -0.51 -9.73 -4.61
N ALA A 81 -0.92 -8.58 -4.10
CA ALA A 81 -2.31 -8.35 -3.80
C ALA A 81 -3.00 -7.58 -4.92
N LEU A 82 -2.45 -6.42 -5.27
CA LEU A 82 -3.04 -5.54 -6.27
C LEU A 82 -2.54 -5.88 -7.68
N SER A 83 -2.11 -7.12 -7.86
CA SER A 83 -1.66 -7.59 -9.16
C SER A 83 -2.83 -7.58 -10.15
N GLY A 84 -4.01 -7.90 -9.64
CA GLY A 84 -5.19 -7.93 -10.47
C GLY A 84 -6.45 -8.14 -9.65
N GLY A 85 -6.84 -7.10 -8.92
CA GLY A 85 -8.04 -7.18 -8.12
C GLY A 85 -7.83 -6.62 -6.74
N ILE A 86 -8.42 -5.47 -6.49
CA ILE A 86 -8.30 -4.82 -5.21
C ILE A 86 -9.43 -5.25 -4.28
N ASP A 87 -10.53 -5.71 -4.86
CA ASP A 87 -11.66 -6.18 -4.07
C ASP A 87 -11.37 -7.57 -3.56
N GLY A 88 -11.01 -7.66 -2.30
CA GLY A 88 -10.52 -8.88 -1.71
C GLY A 88 -9.22 -8.64 -0.98
N PHE A 89 -8.67 -7.43 -1.18
CA PHE A 89 -7.49 -7.00 -0.46
C PHE A 89 -7.85 -6.84 1.01
N GLY A 90 -7.23 -7.66 1.84
CA GLY A 90 -7.51 -7.62 3.25
C GLY A 90 -6.67 -8.64 3.99
N SER A 91 -7.18 -9.11 5.12
CA SER A 91 -6.45 -10.04 5.97
C SER A 91 -6.43 -11.45 5.37
N ASN A 92 -6.81 -11.55 4.09
CA ASN A 92 -6.81 -12.83 3.40
C ASN A 92 -5.56 -12.96 2.53
N ASN A 93 -5.18 -11.86 1.88
CA ASN A 93 -4.09 -11.90 0.92
C ASN A 93 -2.95 -10.97 1.31
N ALA A 94 -3.20 -10.08 2.27
CA ALA A 94 -2.19 -9.14 2.73
C ALA A 94 -2.19 -9.05 4.25
N VAL A 95 -1.28 -9.78 4.89
CA VAL A 95 -1.17 -9.76 6.34
C VAL A 95 0.27 -9.68 6.78
N THR A 96 0.53 -8.97 7.86
CA THR A 96 1.83 -8.97 8.47
C THR A 96 1.87 -9.94 9.64
N THR A 97 2.69 -10.97 9.52
CA THR A 97 2.92 -11.90 10.60
C THR A 97 3.84 -11.27 11.65
N CYS A 98 3.47 -10.08 12.10
CA CYS A 98 4.31 -9.29 12.98
C CYS A 98 3.87 -9.40 14.43
N GLY A 99 4.59 -8.69 15.28
CA GLY A 99 4.31 -8.68 16.70
C GLY A 99 5.46 -8.04 17.43
N ASN A 100 5.45 -8.13 18.75
CA ASN A 100 6.53 -7.59 19.55
C ASN A 100 7.47 -8.70 19.97
N GLY A 101 8.74 -8.35 20.14
CA GLY A 101 9.74 -9.34 20.53
C GLY A 101 9.70 -9.63 22.01
N SER A 102 8.59 -10.15 22.47
CA SER A 102 8.40 -10.45 23.87
C SER A 102 7.74 -11.81 24.03
N GLY A 1 9.37 8.42 -2.87
CA GLY A 1 9.51 9.80 -3.38
C GLY A 1 8.58 10.06 -4.55
N ALA A 2 8.12 11.30 -4.66
CA ALA A 2 7.27 11.71 -5.78
C ALA A 2 8.05 12.63 -6.71
N MET A 3 8.16 12.23 -7.98
CA MET A 3 8.90 13.01 -8.96
C MET A 3 8.19 12.97 -10.30
N GLY A 4 8.22 14.08 -11.02
CA GLY A 4 7.67 14.12 -12.37
C GLY A 4 6.32 14.80 -12.43
N PRO A 5 5.62 14.70 -13.58
CA PRO A 5 4.28 15.26 -13.76
C PRO A 5 3.26 14.53 -12.90
N LYS A 6 2.33 15.29 -12.34
CA LYS A 6 1.39 14.75 -11.38
C LYS A 6 0.53 13.66 -12.00
N SER A 7 0.63 12.48 -11.43
CA SER A 7 -0.08 11.31 -11.93
C SER A 7 -1.39 11.12 -11.17
N LYS A 8 -2.12 10.06 -11.50
CA LYS A 8 -3.39 9.78 -10.84
C LYS A 8 -3.21 9.59 -9.34
N GLU A 9 -2.00 9.19 -8.94
CA GLU A 9 -1.71 9.03 -7.52
C GLU A 9 -1.66 10.39 -6.82
N GLU A 10 -1.10 11.38 -7.52
CA GLU A 10 -1.01 12.73 -7.00
C GLU A 10 -2.38 13.38 -7.01
N LEU A 11 -3.23 12.94 -7.94
CA LEU A 11 -4.61 13.39 -7.99
C LEU A 11 -5.41 12.72 -6.88
N LEU A 12 -5.04 11.50 -6.55
CA LEU A 12 -5.69 10.78 -5.47
C LEU A 12 -5.32 11.37 -4.12
N ARG A 13 -4.10 11.90 -4.01
CA ARG A 13 -3.66 12.55 -2.78
C ARG A 13 -4.61 13.67 -2.39
N GLU A 14 -5.15 14.33 -3.41
CA GLU A 14 -6.13 15.40 -3.20
C GLU A 14 -7.39 14.86 -2.52
N LYS A 15 -7.63 13.56 -2.69
CA LYS A 15 -8.82 12.91 -2.18
C LYS A 15 -8.55 12.15 -0.88
N LEU A 16 -7.27 12.04 -0.51
CA LEU A 16 -6.88 11.19 0.61
C LEU A 16 -6.60 12.01 1.86
N SER A 17 -6.32 11.31 2.96
CA SER A 17 -5.86 11.92 4.18
C SER A 17 -4.32 11.84 4.24
N GLU A 18 -3.72 12.29 5.32
CA GLU A 18 -2.26 12.45 5.37
C GLU A 18 -1.58 11.09 5.47
N ASP A 19 -2.21 10.20 6.21
CA ASP A 19 -1.70 8.85 6.39
C ASP A 19 -1.74 8.09 5.07
N GLN A 20 -2.85 8.23 4.35
CA GLN A 20 -3.04 7.53 3.09
C GLN A 20 -2.06 8.00 2.01
N LYS A 21 -1.75 9.30 2.02
CA LYS A 21 -0.77 9.87 1.09
C LYS A 21 0.60 9.24 1.32
N THR A 22 0.86 8.88 2.56
CA THR A 22 2.11 8.22 2.92
C THR A 22 2.14 6.81 2.35
N HIS A 23 0.98 6.14 2.37
CA HIS A 23 0.87 4.78 1.88
C HIS A 23 1.01 4.73 0.36
N LEU A 24 0.60 5.81 -0.31
CA LEU A 24 0.80 5.91 -1.74
C LEU A 24 2.29 5.89 -2.07
N ASP A 25 3.05 6.71 -1.36
CA ASP A 25 4.50 6.76 -1.52
C ASP A 25 5.11 5.39 -1.22
N TRP A 26 4.69 4.79 -0.13
CA TRP A 26 5.16 3.47 0.27
C TRP A 26 4.82 2.43 -0.81
N LEU A 27 3.57 2.40 -1.22
CA LEU A 27 3.10 1.44 -2.20
C LEU A 27 3.78 1.64 -3.55
N LYS A 28 4.06 2.90 -3.88
CA LYS A 28 4.77 3.24 -5.09
C LYS A 28 6.10 2.51 -5.15
N GLU A 29 6.86 2.61 -4.07
CA GLU A 29 8.16 1.98 -3.97
C GLU A 29 8.03 0.49 -3.72
N ALA A 30 6.95 0.11 -3.02
CA ALA A 30 6.66 -1.30 -2.74
C ALA A 30 6.48 -2.06 -4.04
N LEU A 31 5.62 -1.55 -4.90
CA LEU A 31 5.38 -2.14 -6.20
C LEU A 31 6.60 -1.98 -7.08
N GLY A 32 7.25 -0.82 -6.98
CA GLY A 32 8.47 -0.57 -7.74
C GLY A 32 8.20 -0.27 -9.19
N ASN A 33 6.94 -0.31 -9.58
CA ASN A 33 6.54 -0.07 -10.95
C ASN A 33 5.40 0.93 -10.98
N ASP A 34 5.65 2.11 -11.58
CA ASP A 34 4.63 3.14 -11.70
C ASP A 34 3.48 2.67 -12.57
N GLY A 35 3.73 1.66 -13.40
CA GLY A 35 2.69 1.09 -14.21
C GLY A 35 1.71 0.27 -13.39
N GLU A 36 2.25 -0.58 -12.53
CA GLU A 36 1.41 -1.41 -11.66
C GLU A 36 0.77 -0.56 -10.58
N PHE A 37 1.53 0.41 -10.07
CA PHE A 37 1.02 1.30 -9.05
C PHE A 37 -0.09 2.17 -9.62
N ASP A 38 0.04 2.53 -10.89
CA ASP A 38 -0.96 3.34 -11.59
C ASP A 38 -2.31 2.66 -11.58
N LYS A 39 -2.28 1.35 -11.75
CA LYS A 39 -3.49 0.53 -11.75
C LYS A 39 -4.28 0.71 -10.46
N PHE A 40 -3.57 0.94 -9.36
CA PHE A 40 -4.19 1.12 -8.05
C PHE A 40 -5.16 2.29 -8.05
N LEU A 41 -4.77 3.37 -8.73
CA LEU A 41 -5.55 4.59 -8.78
C LEU A 41 -6.81 4.40 -9.60
N GLY A 42 -6.76 3.47 -10.54
CA GLY A 42 -7.89 3.20 -11.41
C GLY A 42 -8.90 2.27 -10.76
N TYR A 43 -9.19 2.52 -9.49
CA TYR A 43 -10.13 1.72 -8.75
C TYR A 43 -11.13 2.58 -8.00
N ASP A 44 -11.99 1.93 -7.25
CA ASP A 44 -12.94 2.61 -6.37
C ASP A 44 -12.20 3.27 -5.23
N GLU A 45 -12.47 4.56 -5.00
CA GLU A 45 -11.86 5.28 -3.89
C GLU A 45 -12.08 4.53 -2.58
N SER A 46 -13.23 3.90 -2.44
CA SER A 46 -13.55 3.15 -1.25
C SER A 46 -12.61 1.96 -1.10
N LYS A 47 -12.28 1.31 -2.21
CA LYS A 47 -11.40 0.15 -2.19
C LYS A 47 -9.96 0.60 -2.04
N ILE A 48 -9.63 1.69 -2.69
CA ILE A 48 -8.31 2.29 -2.61
C ILE A 48 -7.98 2.68 -1.17
N LYS A 49 -8.85 3.48 -0.57
CA LYS A 49 -8.63 3.98 0.79
C LYS A 49 -8.65 2.85 1.80
N THR A 50 -9.44 1.81 1.55
CA THR A 50 -9.46 0.65 2.43
C THR A 50 -8.18 -0.17 2.27
N ALA A 51 -7.70 -0.29 1.04
CA ALA A 51 -6.46 -1.00 0.77
C ALA A 51 -5.29 -0.35 1.50
N LEU A 52 -5.21 0.97 1.38
CA LEU A 52 -4.15 1.73 2.04
C LEU A 52 -4.26 1.64 3.55
N ASP A 53 -5.48 1.74 4.06
CA ASP A 53 -5.72 1.71 5.50
C ASP A 53 -5.45 0.33 6.07
N HIS A 54 -5.62 -0.70 5.25
CA HIS A 54 -5.29 -2.06 5.66
C HIS A 54 -3.78 -2.19 5.82
N ILE A 55 -3.04 -1.69 4.82
CA ILE A 55 -1.58 -1.62 4.89
C ILE A 55 -1.15 -0.91 6.16
N LYS A 56 -1.84 0.19 6.45
CA LYS A 56 -1.63 0.98 7.66
C LYS A 56 -1.79 0.12 8.92
N SER A 57 -2.88 -0.63 8.97
CA SER A 57 -3.16 -1.49 10.10
C SER A 57 -2.13 -2.61 10.22
N GLU A 58 -1.78 -3.23 9.10
CA GLU A 58 -0.78 -4.29 9.08
C GLU A 58 0.58 -3.76 9.56
N LEU A 59 0.93 -2.56 9.11
CA LEU A 59 2.19 -1.93 9.51
C LEU A 59 2.23 -1.68 11.01
N ASP A 60 1.08 -1.47 11.62
CA ASP A 60 1.00 -1.26 13.07
C ASP A 60 1.21 -2.57 13.84
N LYS A 61 0.96 -3.68 13.17
CA LYS A 61 1.12 -5.00 13.78
C LYS A 61 2.60 -5.34 13.95
N CYS A 62 3.43 -4.79 13.07
CA CYS A 62 4.86 -4.98 13.15
C CYS A 62 5.50 -3.78 13.85
N ASN A 63 5.82 -3.95 15.12
CA ASN A 63 6.38 -2.85 15.90
C ASN A 63 7.50 -3.32 16.82
N GLY A 64 8.12 -4.43 16.47
CA GLY A 64 9.26 -4.93 17.23
C GLY A 64 10.57 -4.40 16.69
N ASN A 65 11.64 -5.15 16.88
CA ASN A 65 12.95 -4.76 16.36
C ASN A 65 13.02 -5.08 14.87
N ASP A 66 12.09 -5.91 14.44
CA ASP A 66 12.01 -6.36 13.05
C ASP A 66 10.96 -5.56 12.28
N ALA A 67 10.46 -4.49 12.90
CA ALA A 67 9.35 -3.73 12.34
C ALA A 67 9.68 -3.16 10.98
N ASP A 68 10.82 -2.51 10.89
CA ASP A 68 11.24 -1.81 9.68
C ASP A 68 11.56 -2.79 8.56
N GLN A 69 12.10 -3.94 8.92
CA GLN A 69 12.44 -4.96 7.94
C GLN A 69 11.17 -5.62 7.40
N GLN A 70 10.20 -5.85 8.27
CA GLN A 70 8.92 -6.40 7.82
C GLN A 70 8.17 -5.38 6.97
N LYS A 71 8.33 -4.10 7.30
CA LYS A 71 7.78 -3.03 6.47
C LYS A 71 8.33 -3.13 5.05
N THR A 72 9.58 -3.57 4.94
CA THR A 72 10.23 -3.74 3.66
C THR A 72 9.79 -5.04 2.98
N THR A 73 9.66 -6.10 3.77
CA THR A 73 9.24 -7.40 3.24
C THR A 73 7.77 -7.37 2.81
N PHE A 74 6.98 -6.57 3.50
CA PHE A 74 5.54 -6.47 3.26
C PHE A 74 5.27 -5.87 1.87
N LYS A 75 6.23 -5.12 1.36
CA LYS A 75 6.13 -4.55 0.02
C LYS A 75 5.98 -5.66 -1.01
N GLN A 76 6.72 -6.74 -0.80
CA GLN A 76 6.70 -7.88 -1.68
C GLN A 76 5.37 -8.62 -1.56
N THR A 77 4.84 -8.66 -0.35
CA THR A 77 3.53 -9.23 -0.08
C THR A 77 2.45 -8.50 -0.88
N VAL A 78 2.48 -7.18 -0.83
CA VAL A 78 1.50 -6.36 -1.52
C VAL A 78 1.61 -6.53 -3.04
N GLN A 79 2.84 -6.69 -3.53
CA GLN A 79 3.09 -6.96 -4.94
C GLN A 79 2.30 -8.17 -5.43
N GLY A 80 2.19 -9.18 -4.57
CA GLY A 80 1.46 -10.38 -4.93
C GLY A 80 -0.02 -10.28 -4.60
N ALA A 81 -0.35 -9.35 -3.70
CA ALA A 81 -1.73 -9.20 -3.24
C ALA A 81 -2.54 -8.35 -4.22
N LEU A 82 -1.93 -7.29 -4.73
CA LEU A 82 -2.59 -6.40 -5.68
C LEU A 82 -2.31 -6.86 -7.11
N SER A 83 -2.26 -8.17 -7.30
CA SER A 83 -1.93 -8.77 -8.59
C SER A 83 -3.13 -8.73 -9.55
N GLY A 84 -3.88 -7.64 -9.50
CA GLY A 84 -5.02 -7.49 -10.39
C GLY A 84 -6.33 -7.32 -9.64
N GLY A 85 -6.30 -7.58 -8.33
CA GLY A 85 -7.50 -7.50 -7.54
C GLY A 85 -7.30 -6.64 -6.31
N ILE A 86 -8.20 -5.70 -6.11
CA ILE A 86 -8.13 -4.80 -4.97
C ILE A 86 -9.26 -5.08 -3.98
N ASP A 87 -10.37 -5.61 -4.49
CA ASP A 87 -11.52 -5.88 -3.66
C ASP A 87 -11.29 -7.14 -2.81
N GLY A 88 -10.30 -7.92 -3.21
CA GLY A 88 -9.93 -9.10 -2.43
C GLY A 88 -8.68 -8.85 -1.62
N PHE A 89 -8.26 -7.60 -1.57
CA PHE A 89 -7.06 -7.21 -0.85
C PHE A 89 -7.40 -6.96 0.62
N GLY A 90 -6.76 -7.69 1.50
CA GLY A 90 -6.99 -7.52 2.91
C GLY A 90 -6.46 -8.70 3.70
N SER A 91 -7.11 -9.01 4.82
CA SER A 91 -6.68 -10.12 5.68
C SER A 91 -6.90 -11.47 4.98
N ASN A 92 -7.44 -11.41 3.77
CA ASN A 92 -7.72 -12.60 2.99
C ASN A 92 -6.45 -13.08 2.29
N ASN A 93 -5.53 -12.16 2.00
CA ASN A 93 -4.36 -12.51 1.20
C ASN A 93 -3.10 -11.74 1.61
N ALA A 94 -3.25 -10.61 2.28
CA ALA A 94 -2.11 -9.80 2.65
C ALA A 94 -2.14 -9.43 4.13
N VAL A 95 -1.31 -10.10 4.91
CA VAL A 95 -1.23 -9.84 6.34
C VAL A 95 0.20 -9.77 6.80
N THR A 96 0.47 -8.88 7.74
CA THR A 96 1.79 -8.81 8.34
C THR A 96 1.94 -9.90 9.40
N THR A 97 2.63 -10.96 9.02
CA THR A 97 2.83 -12.11 9.89
C THR A 97 3.94 -11.83 10.92
N CYS A 98 4.00 -10.59 11.37
CA CYS A 98 4.98 -10.17 12.36
C CYS A 98 4.55 -10.61 13.76
N GLY A 99 3.30 -10.35 14.06
CA GLY A 99 2.76 -10.68 15.37
C GLY A 99 1.35 -10.20 15.51
N ASN A 100 0.42 -11.14 15.65
CA ASN A 100 -0.98 -10.80 15.78
C ASN A 100 -1.65 -11.73 16.79
N GLY A 101 -2.46 -11.15 17.66
CA GLY A 101 -3.12 -11.94 18.67
C GLY A 101 -3.78 -11.07 19.71
N SER A 102 -4.72 -10.27 19.27
CA SER A 102 -5.46 -9.40 20.17
C SER A 102 -6.94 -9.75 20.11
N GLY A 1 7.28 21.13 -5.34
CA GLY A 1 7.30 20.09 -6.40
C GLY A 1 8.32 19.01 -6.10
N ALA A 2 8.17 17.86 -6.75
CA ALA A 2 9.11 16.77 -6.57
C ALA A 2 9.70 16.34 -7.91
N MET A 3 8.86 15.74 -8.75
CA MET A 3 9.30 15.26 -10.05
C MET A 3 8.64 16.06 -11.18
N GLY A 4 7.72 16.93 -10.81
CA GLY A 4 7.05 17.75 -11.80
C GLY A 4 5.65 18.14 -11.37
N PRO A 5 4.66 17.96 -12.25
CA PRO A 5 3.26 18.28 -11.97
C PRO A 5 2.55 17.16 -11.23
N LYS A 6 1.31 17.40 -10.86
CA LYS A 6 0.49 16.40 -10.21
C LYS A 6 0.27 15.20 -11.14
N SER A 7 0.39 14.00 -10.59
CA SER A 7 0.20 12.79 -11.37
C SER A 7 -1.00 12.01 -10.85
N LYS A 8 -1.17 10.77 -11.31
CA LYS A 8 -2.26 9.89 -10.85
C LYS A 8 -2.36 9.90 -9.34
N GLU A 9 -1.21 9.77 -8.69
CA GLU A 9 -1.14 9.75 -7.24
C GLU A 9 -1.73 11.01 -6.64
N GLU A 10 -1.40 12.16 -7.18
CA GLU A 10 -1.83 13.43 -6.64
C GLU A 10 -3.33 13.61 -6.78
N LEU A 11 -3.86 13.17 -7.91
CA LEU A 11 -5.30 13.29 -8.18
C LEU A 11 -6.10 12.54 -7.12
N LEU A 12 -5.55 11.41 -6.68
CA LEU A 12 -6.18 10.62 -5.64
C LEU A 12 -5.83 11.15 -4.25
N ARG A 13 -4.58 11.63 -4.10
CA ARG A 13 -4.10 12.19 -2.83
C ARG A 13 -4.94 13.40 -2.41
N GLU A 14 -5.56 14.05 -3.38
CA GLU A 14 -6.49 15.15 -3.11
C GLU A 14 -7.63 14.65 -2.22
N LYS A 15 -8.02 13.41 -2.46
CA LYS A 15 -9.18 12.83 -1.82
C LYS A 15 -8.78 11.87 -0.70
N LEU A 16 -7.50 11.91 -0.33
CA LEU A 16 -6.97 11.02 0.69
C LEU A 16 -6.44 11.83 1.87
N SER A 17 -6.20 11.14 2.98
CA SER A 17 -5.64 11.79 4.16
C SER A 17 -4.12 11.78 4.07
N GLU A 18 -3.47 12.41 5.04
CA GLU A 18 -2.01 12.52 5.04
C GLU A 18 -1.39 11.15 5.20
N ASP A 19 -2.05 10.32 6.01
CA ASP A 19 -1.66 8.93 6.21
C ASP A 19 -1.58 8.22 4.88
N GLN A 20 -2.68 8.28 4.14
CA GLN A 20 -2.86 7.55 2.90
C GLN A 20 -1.88 8.00 1.82
N LYS A 21 -1.51 9.29 1.85
CA LYS A 21 -0.59 9.83 0.86
C LYS A 21 0.79 9.19 1.02
N THR A 22 1.19 8.96 2.26
CA THR A 22 2.48 8.35 2.54
C THR A 22 2.48 6.88 2.13
N HIS A 23 1.34 6.21 2.33
CA HIS A 23 1.22 4.80 1.94
C HIS A 23 1.19 4.64 0.43
N LEU A 24 0.84 5.71 -0.28
CA LEU A 24 0.94 5.73 -1.73
C LEU A 24 2.40 5.77 -2.15
N ASP A 25 3.19 6.60 -1.49
CA ASP A 25 4.62 6.65 -1.75
C ASP A 25 5.26 5.30 -1.41
N TRP A 26 4.73 4.66 -0.38
CA TRP A 26 5.16 3.33 0.01
C TRP A 26 4.83 2.32 -1.10
N LEU A 27 3.60 2.36 -1.60
CA LEU A 27 3.17 1.47 -2.68
C LEU A 27 3.97 1.71 -3.95
N LYS A 28 4.35 2.96 -4.17
CA LYS A 28 5.19 3.31 -5.31
C LYS A 28 6.48 2.51 -5.26
N GLU A 29 7.02 2.37 -4.06
CA GLU A 29 8.22 1.57 -3.85
C GLU A 29 7.89 0.09 -3.84
N ALA A 30 6.72 -0.24 -3.28
CA ALA A 30 6.26 -1.63 -3.20
C ALA A 30 6.22 -2.27 -4.57
N LEU A 31 5.48 -1.65 -5.49
CA LEU A 31 5.48 -2.10 -6.86
C LEU A 31 6.85 -1.92 -7.51
N GLY A 32 7.52 -0.83 -7.17
CA GLY A 32 8.81 -0.51 -7.78
C GLY A 32 8.64 -0.17 -9.24
N ASN A 33 7.45 0.30 -9.57
CA ASN A 33 7.10 0.65 -10.93
C ASN A 33 5.90 1.58 -10.90
N ASP A 34 6.04 2.74 -11.51
CA ASP A 34 4.96 3.73 -11.49
C ASP A 34 3.76 3.21 -12.27
N GLY A 35 4.05 2.44 -13.32
CA GLY A 35 3.01 1.86 -14.13
C GLY A 35 2.19 0.83 -13.38
N GLU A 36 2.84 0.06 -12.51
CA GLU A 36 2.16 -0.95 -11.71
C GLU A 36 1.45 -0.31 -10.53
N PHE A 37 2.04 0.75 -9.99
CA PHE A 37 1.44 1.51 -8.91
C PHE A 37 0.22 2.27 -9.45
N ASP A 38 0.34 2.73 -10.70
CA ASP A 38 -0.76 3.37 -11.43
C ASP A 38 -2.03 2.53 -11.36
N LYS A 39 -1.84 1.24 -11.52
CA LYS A 39 -2.94 0.27 -11.51
C LYS A 39 -3.81 0.42 -10.26
N PHE A 40 -3.19 0.79 -9.14
CA PHE A 40 -3.88 0.92 -7.87
C PHE A 40 -4.73 2.20 -7.88
N LEU A 41 -4.17 3.24 -8.48
CA LEU A 41 -4.82 4.53 -8.56
C LEU A 41 -6.06 4.45 -9.45
N GLY A 42 -6.05 3.50 -10.37
CA GLY A 42 -7.16 3.33 -11.27
C GLY A 42 -8.22 2.39 -10.73
N TYR A 43 -8.45 2.44 -9.43
CA TYR A 43 -9.47 1.63 -8.81
C TYR A 43 -10.54 2.50 -8.16
N ASP A 44 -11.47 1.86 -7.46
CA ASP A 44 -12.53 2.56 -6.76
C ASP A 44 -11.99 3.23 -5.51
N GLU A 45 -12.37 4.48 -5.28
CA GLU A 45 -11.93 5.21 -4.10
C GLU A 45 -12.26 4.46 -2.82
N SER A 46 -13.45 3.87 -2.76
CA SER A 46 -13.88 3.16 -1.56
C SER A 46 -13.07 1.88 -1.38
N LYS A 47 -12.57 1.32 -2.48
CA LYS A 47 -11.72 0.15 -2.40
C LYS A 47 -10.28 0.55 -2.08
N ILE A 48 -9.85 1.65 -2.71
CA ILE A 48 -8.52 2.18 -2.50
C ILE A 48 -8.30 2.60 -1.05
N LYS A 49 -9.23 3.38 -0.52
CA LYS A 49 -9.11 3.88 0.84
C LYS A 49 -9.11 2.73 1.85
N THR A 50 -9.87 1.69 1.56
CA THR A 50 -9.90 0.51 2.40
C THR A 50 -8.57 -0.25 2.29
N ALA A 51 -8.04 -0.37 1.07
CA ALA A 51 -6.76 -1.03 0.84
C ALA A 51 -5.64 -0.30 1.57
N LEU A 52 -5.59 1.01 1.42
CA LEU A 52 -4.56 1.83 2.07
C LEU A 52 -4.67 1.75 3.59
N ASP A 53 -5.90 1.73 4.10
CA ASP A 53 -6.12 1.62 5.54
C ASP A 53 -5.65 0.27 6.05
N HIS A 54 -5.91 -0.77 5.27
CA HIS A 54 -5.45 -2.11 5.61
C HIS A 54 -3.93 -2.16 5.65
N ILE A 55 -3.30 -1.59 4.61
CA ILE A 55 -1.84 -1.47 4.58
C ILE A 55 -1.34 -0.77 5.83
N LYS A 56 -1.96 0.37 6.16
CA LYS A 56 -1.63 1.13 7.35
C LYS A 56 -1.84 0.29 8.60
N SER A 57 -2.99 -0.37 8.67
CA SER A 57 -3.37 -1.16 9.83
C SER A 57 -2.32 -2.23 10.13
N GLU A 58 -2.03 -3.05 9.13
CA GLU A 58 -1.04 -4.11 9.28
C GLU A 58 0.32 -3.53 9.64
N LEU A 59 0.75 -2.52 8.90
CA LEU A 59 2.08 -1.95 9.05
C LEU A 59 2.23 -1.28 10.42
N ASP A 60 1.14 -0.72 10.92
CA ASP A 60 1.13 -0.07 12.23
C ASP A 60 1.39 -1.09 13.33
N LYS A 61 1.06 -2.35 13.06
CA LYS A 61 1.25 -3.42 14.04
C LYS A 61 2.71 -3.86 14.10
N CYS A 62 3.54 -3.28 13.25
CA CYS A 62 4.94 -3.65 13.20
C CYS A 62 5.75 -2.91 14.25
N ASN A 63 5.83 -3.52 15.43
CA ASN A 63 6.61 -3.00 16.54
C ASN A 63 7.34 -4.15 17.20
N GLY A 64 8.60 -4.27 16.89
CA GLY A 64 9.40 -5.35 17.44
C GLY A 64 10.83 -5.35 16.90
N ASN A 65 11.43 -6.52 16.86
CA ASN A 65 12.82 -6.67 16.43
C ASN A 65 12.94 -6.59 14.91
N ASP A 66 12.00 -7.20 14.21
CA ASP A 66 12.08 -7.32 12.75
C ASP A 66 11.13 -6.34 12.07
N ALA A 67 10.85 -5.22 12.72
CA ALA A 67 9.86 -4.28 12.23
C ALA A 67 10.27 -3.70 10.87
N ASP A 68 11.52 -3.25 10.79
CA ASP A 68 12.06 -2.68 9.55
C ASP A 68 11.97 -3.66 8.39
N GLN A 69 12.23 -4.93 8.69
CA GLN A 69 12.27 -5.96 7.68
C GLN A 69 10.86 -6.26 7.19
N GLN A 70 9.93 -6.35 8.12
CA GLN A 70 8.54 -6.60 7.81
C GLN A 70 7.97 -5.47 6.94
N LYS A 71 8.34 -4.24 7.26
CA LYS A 71 7.89 -3.08 6.50
C LYS A 71 8.48 -3.10 5.09
N THR A 72 9.55 -3.86 4.92
CA THR A 72 10.15 -4.03 3.61
C THR A 72 9.52 -5.21 2.87
N THR A 73 9.33 -6.32 3.57
CA THR A 73 8.77 -7.53 2.97
C THR A 73 7.30 -7.35 2.62
N PHE A 74 6.62 -6.49 3.37
CA PHE A 74 5.20 -6.21 3.14
C PHE A 74 4.97 -5.66 1.74
N LYS A 75 5.99 -5.02 1.18
CA LYS A 75 5.96 -4.52 -0.18
C LYS A 75 5.70 -5.66 -1.16
N GLN A 76 6.39 -6.78 -0.95
CA GLN A 76 6.25 -7.93 -1.81
C GLN A 76 4.90 -8.60 -1.60
N THR A 77 4.44 -8.57 -0.36
CA THR A 77 3.15 -9.12 -0.01
C THR A 77 2.03 -8.45 -0.80
N VAL A 78 2.06 -7.12 -0.84
CA VAL A 78 1.05 -6.34 -1.55
C VAL A 78 1.15 -6.58 -3.06
N GLN A 79 2.36 -6.79 -3.55
CA GLN A 79 2.60 -7.11 -4.95
C GLN A 79 1.77 -8.33 -5.37
N GLY A 80 1.87 -9.38 -4.58
CA GLY A 80 1.14 -10.61 -4.88
C GLY A 80 -0.32 -10.50 -4.49
N ALA A 81 -0.63 -9.55 -3.63
CA ALA A 81 -1.98 -9.35 -3.15
C ALA A 81 -2.83 -8.65 -4.21
N LEU A 82 -2.24 -7.68 -4.90
CA LEU A 82 -2.94 -6.96 -5.96
C LEU A 82 -2.97 -7.79 -7.22
N SER A 83 -2.30 -8.92 -7.16
CA SER A 83 -2.30 -9.90 -8.24
C SER A 83 -3.53 -10.77 -8.11
N GLY A 84 -4.67 -10.11 -8.14
CA GLY A 84 -5.94 -10.78 -7.99
C GLY A 84 -7.11 -9.82 -7.93
N GLY A 85 -6.83 -8.54 -7.72
CA GLY A 85 -7.86 -7.55 -7.67
C GLY A 85 -7.90 -6.87 -6.32
N ILE A 86 -8.18 -5.58 -6.32
CA ILE A 86 -8.25 -4.81 -5.10
C ILE A 86 -9.46 -5.24 -4.27
N ASP A 87 -10.46 -5.80 -4.95
CA ASP A 87 -11.64 -6.33 -4.28
C ASP A 87 -11.33 -7.73 -3.77
N GLY A 88 -10.95 -7.81 -2.51
CA GLY A 88 -10.50 -9.06 -1.94
C GLY A 88 -9.16 -8.90 -1.24
N PHE A 89 -8.54 -7.76 -1.47
CA PHE A 89 -7.31 -7.39 -0.80
C PHE A 89 -7.58 -7.25 0.70
N GLY A 90 -6.95 -8.09 1.49
CA GLY A 90 -7.15 -8.06 2.92
C GLY A 90 -6.26 -9.06 3.63
N SER A 91 -6.63 -9.40 4.85
CA SER A 91 -5.82 -10.28 5.71
C SER A 91 -5.78 -11.72 5.17
N ASN A 92 -6.53 -11.99 4.12
CA ASN A 92 -6.61 -13.32 3.55
C ASN A 92 -5.48 -13.56 2.55
N ASN A 93 -4.77 -12.50 2.19
CA ASN A 93 -3.66 -12.63 1.26
C ASN A 93 -2.54 -11.63 1.54
N ALA A 94 -2.91 -10.45 2.05
CA ALA A 94 -1.93 -9.43 2.37
C ALA A 94 -1.91 -9.13 3.86
N VAL A 95 -0.91 -9.66 4.56
CA VAL A 95 -0.78 -9.43 5.99
C VAL A 95 0.65 -9.14 6.36
N THR A 96 0.81 -8.43 7.45
CA THR A 96 2.10 -8.34 8.09
C THR A 96 2.14 -9.34 9.23
N THR A 97 3.13 -10.20 9.23
CA THR A 97 3.34 -11.12 10.33
C THR A 97 3.89 -10.39 11.56
N CYS A 98 3.51 -9.12 11.68
CA CYS A 98 3.96 -8.25 12.74
C CYS A 98 3.15 -8.47 14.00
N GLY A 99 3.64 -9.36 14.84
CA GLY A 99 3.06 -9.61 16.14
C GLY A 99 4.09 -10.20 17.05
N ASN A 100 5.32 -9.75 16.87
CA ASN A 100 6.48 -10.36 17.48
C ASN A 100 6.80 -9.72 18.83
N GLY A 101 7.45 -10.48 19.70
CA GLY A 101 7.81 -9.99 21.00
C GLY A 101 8.25 -11.11 21.91
N SER A 102 7.35 -11.56 22.75
CA SER A 102 7.64 -12.66 23.66
C SER A 102 6.33 -13.23 24.19
N GLY A 1 7.49 12.60 -13.87
CA GLY A 1 8.27 13.72 -14.42
C GLY A 1 7.40 14.94 -14.69
N ALA A 2 7.98 16.13 -14.57
CA ALA A 2 7.22 17.37 -14.65
C ALA A 2 6.87 17.75 -16.09
N MET A 3 7.09 16.82 -17.01
CA MET A 3 6.75 17.04 -18.41
C MET A 3 5.30 16.65 -18.66
N GLY A 4 4.68 16.05 -17.65
CA GLY A 4 3.29 15.67 -17.74
C GLY A 4 2.44 16.41 -16.74
N PRO A 5 1.12 16.17 -16.72
CA PRO A 5 0.20 16.83 -15.81
C PRO A 5 0.15 16.18 -14.45
N LYS A 6 -0.89 16.49 -13.68
CA LYS A 6 -1.12 15.86 -12.40
C LYS A 6 -1.28 14.36 -12.58
N SER A 7 -0.44 13.60 -11.90
CA SER A 7 -0.45 12.16 -11.99
C SER A 7 -1.63 11.59 -11.21
N LYS A 8 -2.01 10.35 -11.53
CA LYS A 8 -3.11 9.69 -10.84
C LYS A 8 -2.82 9.60 -9.35
N GLU A 9 -1.56 9.35 -9.02
CA GLU A 9 -1.12 9.24 -7.64
C GLU A 9 -1.33 10.55 -6.90
N GLU A 10 -1.19 11.66 -7.62
CA GLU A 10 -1.39 12.97 -7.08
C GLU A 10 -2.87 13.21 -6.84
N LEU A 11 -3.67 13.05 -7.90
CA LEU A 11 -5.10 13.31 -7.84
C LEU A 11 -5.77 12.44 -6.78
N LEU A 12 -5.32 11.20 -6.68
CA LEU A 12 -5.87 10.26 -5.72
C LEU A 12 -5.49 10.66 -4.30
N ARG A 13 -4.27 11.16 -4.11
CA ARG A 13 -3.79 11.49 -2.77
C ARG A 13 -4.39 12.81 -2.29
N GLU A 14 -4.96 13.57 -3.23
CA GLU A 14 -5.70 14.79 -2.87
C GLU A 14 -7.00 14.41 -2.17
N LYS A 15 -7.46 13.20 -2.46
CA LYS A 15 -8.66 12.65 -1.85
C LYS A 15 -8.32 11.89 -0.57
N LEU A 16 -7.04 11.87 -0.23
CA LEU A 16 -6.57 11.11 0.91
C LEU A 16 -6.20 12.03 2.07
N SER A 17 -6.24 11.49 3.27
CA SER A 17 -5.72 12.19 4.43
C SER A 17 -4.19 12.04 4.45
N GLU A 18 -3.51 12.63 5.43
CA GLU A 18 -2.06 12.73 5.39
C GLU A 18 -1.43 11.36 5.58
N ASP A 19 -2.05 10.59 6.45
CA ASP A 19 -1.63 9.22 6.71
C ASP A 19 -1.79 8.35 5.46
N GLN A 20 -2.95 8.48 4.80
CA GLN A 20 -3.22 7.74 3.58
C GLN A 20 -2.27 8.19 2.46
N LYS A 21 -1.89 9.46 2.47
CA LYS A 21 -0.94 9.99 1.50
C LYS A 21 0.42 9.33 1.64
N THR A 22 0.79 9.03 2.88
CA THR A 22 2.07 8.38 3.16
C THR A 22 2.10 6.96 2.58
N HIS A 23 1.06 6.19 2.86
CA HIS A 23 0.98 4.81 2.40
C HIS A 23 0.77 4.75 0.89
N LEU A 24 0.26 5.83 0.33
CA LEU A 24 0.18 5.98 -1.12
C LEU A 24 1.59 5.98 -1.70
N ASP A 25 2.44 6.82 -1.15
CA ASP A 25 3.85 6.91 -1.55
C ASP A 25 4.59 5.62 -1.20
N TRP A 26 4.25 5.05 -0.03
CA TRP A 26 4.82 3.79 0.41
C TRP A 26 4.54 2.68 -0.60
N LEU A 27 3.30 2.64 -1.09
CA LEU A 27 2.90 1.63 -2.05
C LEU A 27 3.68 1.76 -3.36
N LYS A 28 4.05 2.99 -3.68
CA LYS A 28 4.89 3.24 -4.85
C LYS A 28 6.22 2.52 -4.71
N GLU A 29 6.84 2.69 -3.56
CA GLU A 29 8.09 2.01 -3.26
C GLU A 29 7.89 0.49 -3.18
N ALA A 30 6.75 0.09 -2.61
CA ALA A 30 6.42 -1.32 -2.45
C ALA A 30 6.29 -2.02 -3.79
N LEU A 31 5.52 -1.42 -4.69
CA LEU A 31 5.29 -1.98 -6.02
C LEU A 31 6.51 -1.80 -6.91
N GLY A 32 7.25 -0.73 -6.68
CA GLY A 32 8.47 -0.49 -7.42
C GLY A 32 8.21 0.10 -8.79
N ASN A 33 7.49 -0.64 -9.61
CA ASN A 33 7.18 -0.21 -10.97
C ASN A 33 6.01 0.78 -10.95
N ASP A 34 6.23 1.93 -11.55
CA ASP A 34 5.20 2.95 -11.67
C ASP A 34 3.99 2.40 -12.41
N GLY A 35 4.26 1.52 -13.36
CA GLY A 35 3.18 0.88 -14.11
C GLY A 35 2.27 0.04 -13.24
N GLU A 36 2.86 -0.69 -12.29
CA GLU A 36 2.07 -1.52 -11.38
C GLU A 36 1.39 -0.66 -10.32
N PHE A 37 2.00 0.48 -10.01
CA PHE A 37 1.42 1.42 -9.07
C PHE A 37 0.24 2.14 -9.72
N ASP A 38 0.38 2.43 -11.00
CA ASP A 38 -0.69 3.03 -11.80
C ASP A 38 -1.92 2.15 -11.77
N LYS A 39 -1.68 0.84 -11.79
CA LYS A 39 -2.73 -0.17 -11.69
C LYS A 39 -3.64 0.13 -10.50
N PHE A 40 -3.02 0.42 -9.35
CA PHE A 40 -3.74 0.72 -8.12
C PHE A 40 -4.48 2.06 -8.24
N LEU A 41 -3.90 2.97 -8.98
CA LEU A 41 -4.42 4.33 -9.11
C LEU A 41 -5.65 4.38 -10.02
N GLY A 42 -6.09 3.23 -10.49
CA GLY A 42 -7.26 3.17 -11.34
C GLY A 42 -8.33 2.25 -10.79
N TYR A 43 -8.47 2.23 -9.46
CA TYR A 43 -9.42 1.35 -8.82
C TYR A 43 -10.55 2.11 -8.15
N ASP A 44 -11.43 1.37 -7.50
CA ASP A 44 -12.54 1.95 -6.74
C ASP A 44 -12.01 2.73 -5.55
N GLU A 45 -12.50 3.95 -5.38
CA GLU A 45 -12.04 4.81 -4.30
C GLU A 45 -12.21 4.13 -2.94
N SER A 46 -13.30 3.41 -2.76
CA SER A 46 -13.57 2.77 -1.48
C SER A 46 -12.64 1.59 -1.28
N LYS A 47 -12.30 0.89 -2.36
CA LYS A 47 -11.35 -0.20 -2.29
C LYS A 47 -9.96 0.34 -2.03
N ILE A 48 -9.66 1.46 -2.68
CA ILE A 48 -8.40 2.14 -2.51
C ILE A 48 -8.21 2.58 -1.06
N LYS A 49 -9.20 3.26 -0.49
CA LYS A 49 -9.12 3.67 0.91
C LYS A 49 -8.91 2.45 1.81
N THR A 50 -9.71 1.41 1.58
CA THR A 50 -9.63 0.18 2.36
C THR A 50 -8.23 -0.42 2.27
N ALA A 51 -7.69 -0.49 1.06
CA ALA A 51 -6.36 -1.03 0.84
C ALA A 51 -5.32 -0.25 1.63
N LEU A 52 -5.35 1.08 1.49
CA LEU A 52 -4.39 1.94 2.16
C LEU A 52 -4.49 1.84 3.68
N ASP A 53 -5.71 1.91 4.20
CA ASP A 53 -5.95 1.85 5.64
C ASP A 53 -5.56 0.49 6.19
N HIS A 54 -5.84 -0.55 5.42
CA HIS A 54 -5.49 -1.91 5.82
C HIS A 54 -3.97 -2.05 5.89
N ILE A 55 -3.28 -1.58 4.85
CA ILE A 55 -1.82 -1.54 4.84
C ILE A 55 -1.31 -0.80 6.08
N LYS A 56 -1.94 0.34 6.35
CA LYS A 56 -1.59 1.18 7.48
C LYS A 56 -1.73 0.43 8.81
N SER A 57 -2.83 -0.29 8.95
CA SER A 57 -3.10 -1.03 10.18
C SER A 57 -2.09 -2.16 10.36
N GLU A 58 -1.81 -2.92 9.30
CA GLU A 58 -0.83 -3.99 9.34
C GLU A 58 0.56 -3.44 9.65
N LEU A 59 0.92 -2.33 9.01
CA LEU A 59 2.23 -1.71 9.21
C LEU A 59 2.43 -1.21 10.64
N ASP A 60 1.33 -0.91 11.32
CA ASP A 60 1.39 -0.41 12.69
C ASP A 60 1.64 -1.55 13.68
N LYS A 61 1.41 -2.77 13.22
CA LYS A 61 1.63 -3.95 14.04
C LYS A 61 3.11 -4.30 14.10
N CYS A 62 3.80 -4.12 12.99
CA CYS A 62 5.17 -4.59 12.85
C CYS A 62 6.16 -3.51 13.27
N ASN A 63 6.40 -3.42 14.58
CA ASN A 63 7.38 -2.47 15.10
C ASN A 63 8.17 -3.11 16.24
N GLY A 64 9.15 -3.91 15.87
CA GLY A 64 10.08 -4.47 16.84
C GLY A 64 11.47 -4.56 16.27
N ASN A 65 12.24 -5.54 16.73
CA ASN A 65 13.61 -5.75 16.22
C ASN A 65 13.60 -6.04 14.73
N ASP A 66 12.50 -6.59 14.25
CA ASP A 66 12.37 -6.97 12.85
C ASP A 66 11.41 -6.03 12.12
N ALA A 67 11.18 -4.85 12.68
CA ALA A 67 10.17 -3.93 12.15
C ALA A 67 10.47 -3.57 10.70
N ASP A 68 11.67 -3.09 10.48
CA ASP A 68 12.10 -2.64 9.17
C ASP A 68 12.03 -3.77 8.15
N GLN A 69 12.39 -4.96 8.61
CA GLN A 69 12.41 -6.12 7.73
C GLN A 69 11.00 -6.56 7.39
N GLN A 70 10.14 -6.63 8.39
CA GLN A 70 8.74 -7.02 8.20
C GLN A 70 8.01 -6.01 7.33
N LYS A 71 8.26 -4.72 7.55
CA LYS A 71 7.66 -3.67 6.74
C LYS A 71 8.08 -3.85 5.28
N THR A 72 9.35 -4.15 5.06
CA THR A 72 9.88 -4.36 3.73
C THR A 72 9.34 -5.67 3.13
N THR A 73 9.03 -6.63 3.99
CA THR A 73 8.45 -7.88 3.55
C THR A 73 6.98 -7.68 3.16
N PHE A 74 6.29 -6.82 3.91
CA PHE A 74 4.89 -6.51 3.65
C PHE A 74 4.75 -5.84 2.28
N LYS A 75 5.77 -5.10 1.88
CA LYS A 75 5.82 -4.51 0.53
C LYS A 75 5.62 -5.58 -0.53
N GLN A 76 6.25 -6.73 -0.32
CA GLN A 76 6.18 -7.84 -1.22
C GLN A 76 4.83 -8.54 -1.12
N THR A 77 4.29 -8.56 0.10
CA THR A 77 2.96 -9.11 0.34
C THR A 77 1.90 -8.30 -0.42
N VAL A 78 1.98 -6.97 -0.27
CA VAL A 78 1.06 -6.07 -0.96
C VAL A 78 1.27 -6.15 -2.47
N GLN A 79 2.52 -6.32 -2.88
CA GLN A 79 2.86 -6.52 -4.30
C GLN A 79 2.07 -7.68 -4.90
N GLY A 80 1.90 -8.73 -4.10
CA GLY A 80 1.16 -9.90 -4.56
C GLY A 80 -0.33 -9.80 -4.27
N ALA A 81 -0.77 -8.66 -3.77
CA ALA A 81 -2.18 -8.46 -3.44
C ALA A 81 -2.92 -7.74 -4.56
N LEU A 82 -2.36 -6.62 -5.02
CA LEU A 82 -2.99 -5.83 -6.06
C LEU A 82 -2.64 -6.32 -7.45
N SER A 83 -2.00 -7.47 -7.50
CA SER A 83 -1.53 -8.05 -8.75
C SER A 83 -2.69 -8.47 -9.64
N GLY A 84 -3.76 -8.94 -9.03
CA GLY A 84 -4.90 -9.41 -9.80
C GLY A 84 -6.19 -8.75 -9.38
N GLY A 85 -6.09 -7.51 -8.91
CA GLY A 85 -7.27 -6.80 -8.48
C GLY A 85 -7.12 -6.25 -7.09
N ILE A 86 -8.05 -5.39 -6.70
CA ILE A 86 -8.05 -4.81 -5.38
C ILE A 86 -9.33 -5.21 -4.62
N ASP A 87 -10.18 -5.95 -5.31
CA ASP A 87 -11.48 -6.32 -4.77
C ASP A 87 -11.31 -7.28 -3.60
N GLY A 88 -10.38 -8.21 -3.74
CA GLY A 88 -10.13 -9.19 -2.71
C GLY A 88 -8.95 -8.81 -1.83
N PHE A 89 -8.65 -7.52 -1.76
CA PHE A 89 -7.56 -7.04 -0.93
C PHE A 89 -8.05 -6.87 0.51
N GLY A 90 -7.33 -7.47 1.43
CA GLY A 90 -7.66 -7.32 2.83
C GLY A 90 -6.94 -8.34 3.67
N SER A 91 -7.56 -8.74 4.77
CA SER A 91 -6.96 -9.68 5.70
C SER A 91 -6.96 -11.10 5.11
N ASN A 92 -7.51 -11.22 3.91
CA ASN A 92 -7.63 -12.50 3.23
C ASN A 92 -6.36 -12.81 2.45
N ASN A 93 -5.66 -11.77 1.99
CA ASN A 93 -4.49 -11.96 1.14
C ASN A 93 -3.31 -11.11 1.56
N ALA A 94 -3.56 -9.92 2.07
CA ALA A 94 -2.50 -9.01 2.45
C ALA A 94 -2.43 -8.84 3.95
N VAL A 95 -1.60 -9.62 4.59
CA VAL A 95 -1.43 -9.54 6.02
C VAL A 95 0.03 -9.45 6.40
N THR A 96 0.33 -8.67 7.41
CA THR A 96 1.67 -8.65 7.96
C THR A 96 1.95 -9.91 8.75
N THR A 97 2.80 -10.76 8.20
CA THR A 97 3.28 -11.94 8.91
C THR A 97 4.32 -11.54 9.96
N CYS A 98 3.89 -10.72 10.91
CA CYS A 98 4.78 -10.19 11.93
C CYS A 98 4.50 -10.81 13.28
N GLY A 99 4.44 -12.13 13.32
CA GLY A 99 4.31 -12.82 14.58
C GLY A 99 5.61 -12.75 15.33
N ASN A 100 6.69 -12.96 14.58
CA ASN A 100 8.04 -12.75 15.09
C ASN A 100 9.05 -12.95 13.97
N GLY A 101 9.88 -11.94 13.75
CA GLY A 101 10.97 -12.09 12.81
C GLY A 101 12.13 -12.80 13.46
N SER A 102 12.38 -12.42 14.70
CA SER A 102 13.33 -13.13 15.53
C SER A 102 12.61 -13.76 16.72
N GLY A 1 9.89 18.29 -18.27
CA GLY A 1 9.83 17.52 -17.01
C GLY A 1 10.65 16.26 -17.09
N ALA A 2 10.42 15.34 -16.16
CA ALA A 2 11.14 14.08 -16.15
C ALA A 2 10.39 13.01 -16.94
N MET A 3 9.35 12.44 -16.32
CA MET A 3 8.51 11.46 -16.99
C MET A 3 7.30 12.14 -17.61
N GLY A 4 6.87 13.23 -16.98
CA GLY A 4 5.73 13.96 -17.45
C GLY A 4 5.09 14.79 -16.36
N PRO A 5 3.80 15.10 -16.47
CA PRO A 5 3.09 15.92 -15.49
C PRO A 5 2.68 15.12 -14.25
N LYS A 6 1.72 15.65 -13.53
CA LYS A 6 1.15 14.98 -12.36
C LYS A 6 0.60 13.60 -12.74
N SER A 7 0.82 12.64 -11.86
CA SER A 7 0.37 11.29 -12.10
C SER A 7 -1.01 11.08 -11.49
N LYS A 8 -1.56 9.88 -11.67
CA LYS A 8 -2.86 9.56 -11.11
C LYS A 8 -2.83 9.63 -9.60
N GLU A 9 -1.66 9.36 -9.02
CA GLU A 9 -1.50 9.44 -7.58
C GLU A 9 -1.68 10.88 -7.12
N GLU A 10 -1.15 11.84 -7.89
CA GLU A 10 -1.25 13.24 -7.54
C GLU A 10 -2.71 13.65 -7.40
N LEU A 11 -3.56 13.07 -8.23
CA LEU A 11 -4.98 13.37 -8.22
C LEU A 11 -5.67 12.63 -7.08
N LEU A 12 -5.30 11.38 -6.89
CA LEU A 12 -5.92 10.55 -5.86
C LEU A 12 -5.56 11.06 -4.46
N ARG A 13 -4.30 11.49 -4.29
CA ARG A 13 -3.83 11.97 -3.00
C ARG A 13 -4.61 13.20 -2.54
N GLU A 14 -5.13 13.95 -3.50
CA GLU A 14 -5.96 15.11 -3.19
C GLU A 14 -7.20 14.69 -2.40
N LYS A 15 -7.69 13.48 -2.66
CA LYS A 15 -8.91 13.00 -2.03
C LYS A 15 -8.62 12.10 -0.84
N LEU A 16 -7.34 11.81 -0.61
CA LEU A 16 -6.94 10.92 0.48
C LEU A 16 -6.66 11.70 1.76
N SER A 17 -6.59 11.00 2.87
CA SER A 17 -6.27 11.61 4.15
C SER A 17 -4.76 11.68 4.34
N GLU A 18 -4.32 12.26 5.46
CA GLU A 18 -2.90 12.47 5.72
C GLU A 18 -2.14 11.15 5.68
N ASP A 19 -2.68 10.17 6.39
CA ASP A 19 -2.10 8.84 6.48
C ASP A 19 -1.96 8.22 5.10
N GLN A 20 -3.07 8.20 4.37
CA GLN A 20 -3.17 7.48 3.11
C GLN A 20 -2.24 8.06 2.05
N LYS A 21 -1.89 9.34 2.17
CA LYS A 21 -0.98 9.97 1.22
C LYS A 21 0.42 9.37 1.33
N THR A 22 0.90 9.22 2.56
CA THR A 22 2.24 8.71 2.79
C THR A 22 2.29 7.20 2.61
N HIS A 23 1.23 6.50 3.01
CA HIS A 23 1.14 5.07 2.79
C HIS A 23 1.04 4.75 1.30
N LEU A 24 0.57 5.72 0.53
CA LEU A 24 0.48 5.57 -0.91
C LEU A 24 1.89 5.58 -1.51
N ASP A 25 2.76 6.43 -0.96
CA ASP A 25 4.17 6.42 -1.33
C ASP A 25 4.81 5.08 -1.02
N TRP A 26 4.55 4.57 0.20
CA TRP A 26 5.03 3.27 0.61
C TRP A 26 4.62 2.20 -0.39
N LEU A 27 3.34 2.23 -0.76
CA LEU A 27 2.81 1.30 -1.74
C LEU A 27 3.56 1.40 -3.06
N LYS A 28 3.73 2.62 -3.53
CA LYS A 28 4.44 2.88 -4.78
C LYS A 28 5.85 2.31 -4.74
N GLU A 29 6.57 2.62 -3.68
CA GLU A 29 7.93 2.11 -3.49
C GLU A 29 7.93 0.59 -3.43
N ALA A 30 6.88 0.02 -2.85
CA ALA A 30 6.74 -1.43 -2.76
C ALA A 30 6.61 -2.04 -4.15
N LEU A 31 5.62 -1.56 -4.90
CA LEU A 31 5.37 -2.03 -6.25
C LEU A 31 6.55 -1.77 -7.17
N GLY A 32 7.08 -0.56 -7.15
CA GLY A 32 8.23 -0.23 -7.96
C GLY A 32 7.85 0.33 -9.31
N ASN A 33 7.18 -0.47 -10.13
CA ASN A 33 6.80 -0.05 -11.47
C ASN A 33 5.61 0.89 -11.43
N ASP A 34 5.72 1.99 -12.15
CA ASP A 34 4.62 2.94 -12.29
C ASP A 34 3.41 2.26 -12.90
N GLY A 35 3.68 1.31 -13.79
CA GLY A 35 2.62 0.58 -14.47
C GLY A 35 1.76 -0.21 -13.51
N GLU A 36 2.37 -0.78 -12.48
CA GLU A 36 1.64 -1.57 -11.51
C GLU A 36 0.93 -0.66 -10.52
N PHE A 37 1.63 0.40 -10.12
CA PHE A 37 1.07 1.39 -9.20
C PHE A 37 -0.12 2.08 -9.85
N ASP A 38 -0.02 2.27 -11.16
CA ASP A 38 -1.08 2.83 -11.98
C ASP A 38 -2.39 2.08 -11.77
N LYS A 39 -2.31 0.77 -11.88
CA LYS A 39 -3.49 -0.10 -11.79
C LYS A 39 -4.26 0.16 -10.49
N PHE A 40 -3.52 0.37 -9.40
CA PHE A 40 -4.13 0.63 -8.10
C PHE A 40 -4.82 2.00 -8.07
N LEU A 41 -4.18 2.98 -8.68
CA LEU A 41 -4.67 4.37 -8.65
C LEU A 41 -5.99 4.52 -9.39
N GLY A 42 -6.31 3.56 -10.24
CA GLY A 42 -7.53 3.63 -11.03
C GLY A 42 -8.63 2.73 -10.51
N TYR A 43 -8.65 2.50 -9.20
CA TYR A 43 -9.66 1.67 -8.59
C TYR A 43 -10.73 2.48 -7.90
N ASP A 44 -11.67 1.79 -7.28
CA ASP A 44 -12.70 2.40 -6.47
C ASP A 44 -12.10 3.03 -5.23
N GLU A 45 -12.49 4.27 -4.92
CA GLU A 45 -11.96 4.97 -3.77
C GLU A 45 -12.20 4.19 -2.47
N SER A 46 -13.39 3.62 -2.33
CA SER A 46 -13.75 2.86 -1.14
C SER A 46 -12.86 1.64 -1.00
N LYS A 47 -12.29 1.18 -2.11
CA LYS A 47 -11.40 0.04 -2.09
C LYS A 47 -9.96 0.51 -1.88
N ILE A 48 -9.61 1.60 -2.54
CA ILE A 48 -8.28 2.19 -2.42
C ILE A 48 -7.98 2.62 -0.99
N LYS A 49 -8.88 3.41 -0.42
CA LYS A 49 -8.68 3.94 0.91
C LYS A 49 -8.66 2.83 1.96
N THR A 50 -9.51 1.82 1.77
CA THR A 50 -9.52 0.68 2.66
C THR A 50 -8.22 -0.13 2.53
N ALA A 51 -7.75 -0.28 1.30
CA ALA A 51 -6.50 -0.98 1.04
C ALA A 51 -5.34 -0.30 1.77
N LEU A 52 -5.27 1.02 1.62
CA LEU A 52 -4.20 1.80 2.23
C LEU A 52 -4.28 1.76 3.76
N ASP A 53 -5.48 1.88 4.30
CA ASP A 53 -5.67 1.88 5.75
C ASP A 53 -5.46 0.47 6.32
N HIS A 54 -5.75 -0.55 5.53
CA HIS A 54 -5.47 -1.93 5.93
C HIS A 54 -3.97 -2.15 5.99
N ILE A 55 -3.25 -1.63 5.00
CA ILE A 55 -1.80 -1.65 5.01
C ILE A 55 -1.29 -1.00 6.30
N LYS A 56 -1.83 0.17 6.59
CA LYS A 56 -1.55 0.90 7.81
C LYS A 56 -1.87 0.05 9.06
N SER A 57 -2.96 -0.70 8.99
CA SER A 57 -3.37 -1.56 10.09
C SER A 57 -2.33 -2.65 10.35
N GLU A 58 -1.87 -3.30 9.28
CA GLU A 58 -0.90 -4.38 9.41
C GLU A 58 0.47 -3.84 9.82
N LEU A 59 0.87 -2.71 9.23
CA LEU A 59 2.17 -2.11 9.51
C LEU A 59 2.32 -1.72 10.98
N ASP A 60 1.18 -1.47 11.62
CA ASP A 60 1.15 -1.08 13.03
C ASP A 60 1.57 -2.23 13.94
N LYS A 61 1.37 -3.46 13.48
CA LYS A 61 1.67 -4.64 14.27
C LYS A 61 3.17 -4.92 14.38
N CYS A 62 3.92 -4.52 13.37
CA CYS A 62 5.35 -4.86 13.33
C CYS A 62 6.20 -3.62 13.55
N ASN A 63 6.57 -3.38 14.80
CA ASN A 63 7.39 -2.22 15.13
C ASN A 63 8.41 -2.56 16.21
N GLY A 64 8.85 -3.82 16.25
CA GLY A 64 9.86 -4.21 17.20
C GLY A 64 11.23 -4.25 16.55
N ASN A 65 11.96 -5.34 16.76
CA ASN A 65 13.26 -5.54 16.10
C ASN A 65 13.04 -6.08 14.69
N ASP A 66 11.78 -6.38 14.41
CA ASP A 66 11.38 -6.94 13.14
C ASP A 66 10.85 -5.86 12.22
N ALA A 67 10.71 -4.66 12.76
CA ALA A 67 9.97 -3.59 12.12
C ALA A 67 10.46 -3.30 10.72
N ASP A 68 11.71 -2.89 10.61
CA ASP A 68 12.29 -2.46 9.34
C ASP A 68 12.28 -3.60 8.32
N GLN A 69 12.41 -4.82 8.80
CA GLN A 69 12.44 -5.99 7.92
C GLN A 69 11.04 -6.37 7.46
N GLN A 70 10.10 -6.42 8.40
CA GLN A 70 8.72 -6.78 8.08
C GLN A 70 8.05 -5.72 7.23
N LYS A 71 8.36 -4.46 7.48
CA LYS A 71 7.83 -3.36 6.66
C LYS A 71 8.38 -3.48 5.23
N THR A 72 9.53 -4.14 5.10
CA THR A 72 10.12 -4.41 3.80
C THR A 72 9.50 -5.65 3.17
N THR A 73 9.25 -6.66 3.99
CA THR A 73 8.66 -7.91 3.53
C THR A 73 7.21 -7.69 3.10
N PHE A 74 6.51 -6.82 3.83
CA PHE A 74 5.11 -6.54 3.57
C PHE A 74 4.93 -5.89 2.20
N LYS A 75 5.96 -5.19 1.74
CA LYS A 75 5.96 -4.59 0.41
C LYS A 75 5.70 -5.65 -0.66
N GLN A 76 6.33 -6.80 -0.50
CA GLN A 76 6.24 -7.88 -1.44
C GLN A 76 4.86 -8.53 -1.40
N THR A 77 4.29 -8.59 -0.20
CA THR A 77 2.96 -9.14 -0.01
C THR A 77 1.91 -8.27 -0.69
N VAL A 78 1.90 -6.98 -0.35
CA VAL A 78 0.95 -6.05 -0.92
C VAL A 78 1.11 -5.94 -2.42
N GLN A 79 2.36 -6.01 -2.89
CA GLN A 79 2.67 -6.00 -4.29
C GLN A 79 1.81 -6.98 -5.09
N GLY A 80 1.72 -8.22 -4.61
CA GLY A 80 1.00 -9.25 -5.32
C GLY A 80 -0.51 -9.07 -5.23
N ALA A 81 -0.95 -8.30 -4.25
CA ALA A 81 -2.37 -8.09 -4.02
C ALA A 81 -2.99 -7.24 -5.12
N LEU A 82 -2.45 -6.04 -5.33
CA LEU A 82 -3.04 -5.09 -6.26
C LEU A 82 -2.68 -5.40 -7.70
N SER A 83 -1.83 -6.38 -7.87
CA SER A 83 -1.47 -6.85 -9.20
C SER A 83 -2.59 -7.71 -9.76
N GLY A 84 -3.17 -8.53 -8.88
CA GLY A 84 -4.27 -9.39 -9.27
C GLY A 84 -5.61 -8.70 -9.20
N GLY A 85 -5.83 -7.92 -8.16
CA GLY A 85 -7.07 -7.21 -8.01
C GLY A 85 -7.25 -6.68 -6.61
N ILE A 86 -7.85 -5.50 -6.50
CA ILE A 86 -8.08 -4.88 -5.20
C ILE A 86 -9.39 -5.37 -4.62
N ASP A 87 -10.18 -6.03 -5.47
CA ASP A 87 -11.49 -6.54 -5.09
C ASP A 87 -11.36 -7.61 -4.01
N GLY A 88 -10.18 -8.21 -3.93
CA GLY A 88 -9.90 -9.20 -2.91
C GLY A 88 -8.78 -8.79 -1.99
N PHE A 89 -8.57 -7.49 -1.86
CA PHE A 89 -7.52 -6.98 -1.00
C PHE A 89 -7.99 -6.96 0.44
N GLY A 90 -7.12 -7.39 1.32
CA GLY A 90 -7.44 -7.42 2.73
C GLY A 90 -6.60 -8.43 3.45
N SER A 91 -7.11 -8.94 4.56
CA SER A 91 -6.40 -9.92 5.38
C SER A 91 -6.30 -11.26 4.65
N ASN A 92 -6.92 -11.32 3.48
CA ASN A 92 -6.87 -12.51 2.63
C ASN A 92 -5.47 -12.64 2.06
N ASN A 93 -4.88 -11.51 1.68
CA ASN A 93 -3.55 -11.52 1.06
C ASN A 93 -2.56 -10.78 1.94
N ALA A 94 -2.85 -9.52 2.20
CA ALA A 94 -1.92 -8.64 2.88
C ALA A 94 -2.07 -8.72 4.38
N VAL A 95 -1.23 -9.52 5.00
CA VAL A 95 -1.15 -9.59 6.44
C VAL A 95 0.29 -9.57 6.89
N THR A 96 0.57 -8.80 7.93
CA THR A 96 1.90 -8.80 8.49
C THR A 96 2.07 -10.01 9.40
N THR A 97 2.80 -11.00 8.90
CA THR A 97 3.10 -12.19 9.67
C THR A 97 4.10 -11.89 10.78
N CYS A 98 3.68 -11.07 11.73
CA CYS A 98 4.49 -10.69 12.86
C CYS A 98 3.82 -11.18 14.14
N GLY A 99 4.29 -12.31 14.64
CA GLY A 99 3.69 -12.89 15.82
C GLY A 99 4.75 -13.41 16.76
N ASN A 100 4.44 -13.43 18.04
CA ASN A 100 5.39 -13.89 19.02
C ASN A 100 4.79 -14.97 19.90
N GLY A 101 5.61 -15.90 20.32
CA GLY A 101 5.16 -16.93 21.24
C GLY A 101 5.71 -16.71 22.63
N SER A 102 5.60 -15.48 23.11
CA SER A 102 6.13 -15.12 24.41
C SER A 102 4.99 -14.95 25.42
N GLY A 1 12.95 19.28 -8.02
CA GLY A 1 12.54 18.43 -9.15
C GLY A 1 11.45 17.46 -8.77
N ALA A 2 10.89 16.79 -9.77
CA ALA A 2 9.81 15.84 -9.56
C ALA A 2 9.67 14.93 -10.79
N MET A 3 8.60 14.15 -10.83
CA MET A 3 8.32 13.32 -11.99
C MET A 3 7.81 14.16 -13.15
N GLY A 4 7.39 15.38 -12.83
CA GLY A 4 6.86 16.28 -13.83
C GLY A 4 5.54 16.88 -13.40
N PRO A 5 4.50 16.77 -14.23
CA PRO A 5 3.15 17.21 -13.87
C PRO A 5 2.50 16.23 -12.91
N LYS A 6 1.51 16.70 -12.17
CA LYS A 6 0.84 15.85 -11.21
C LYS A 6 -0.06 14.83 -11.89
N SER A 7 0.00 13.61 -11.40
CA SER A 7 -0.70 12.50 -12.02
C SER A 7 -1.73 11.91 -11.06
N LYS A 8 -2.18 10.70 -11.35
CA LYS A 8 -3.21 10.02 -10.57
C LYS A 8 -2.84 10.00 -9.09
N GLU A 9 -1.58 9.69 -8.80
CA GLU A 9 -1.10 9.60 -7.43
C GLU A 9 -1.30 10.93 -6.70
N GLU A 10 -1.17 12.03 -7.43
CA GLU A 10 -1.30 13.35 -6.84
C GLU A 10 -2.76 13.68 -6.63
N LEU A 11 -3.57 13.42 -7.65
CA LEU A 11 -5.00 13.71 -7.59
C LEU A 11 -5.67 12.84 -6.53
N LEU A 12 -5.23 11.59 -6.43
CA LEU A 12 -5.79 10.66 -5.48
C LEU A 12 -5.40 11.02 -4.05
N ARG A 13 -4.15 11.40 -3.84
CA ARG A 13 -3.67 11.71 -2.50
C ARG A 13 -4.34 12.98 -1.97
N GLU A 14 -4.91 13.77 -2.88
CA GLU A 14 -5.69 14.94 -2.48
C GLU A 14 -6.94 14.50 -1.73
N LYS A 15 -7.55 13.42 -2.19
CA LYS A 15 -8.79 12.93 -1.61
C LYS A 15 -8.52 11.90 -0.51
N LEU A 16 -7.26 11.54 -0.35
CA LEU A 16 -6.85 10.61 0.68
C LEU A 16 -6.48 11.37 1.95
N SER A 17 -6.58 10.68 3.08
CA SER A 17 -6.16 11.25 4.35
C SER A 17 -4.64 11.29 4.40
N GLU A 18 -4.07 12.05 5.33
CA GLU A 18 -2.63 12.23 5.34
C GLU A 18 -1.93 10.98 5.81
N ASP A 19 -2.65 10.21 6.61
CA ASP A 19 -2.19 8.90 7.04
C ASP A 19 -2.20 7.92 5.87
N GLN A 20 -3.07 8.18 4.91
CA GLN A 20 -3.20 7.32 3.73
C GLN A 20 -2.17 7.73 2.66
N LYS A 21 -1.83 9.01 2.63
CA LYS A 21 -0.89 9.53 1.63
C LYS A 21 0.48 8.88 1.80
N THR A 22 0.86 8.60 3.04
CA THR A 22 2.14 7.98 3.33
C THR A 22 2.24 6.58 2.72
N HIS A 23 1.14 5.84 2.80
CA HIS A 23 1.13 4.46 2.32
C HIS A 23 0.95 4.41 0.81
N LEU A 24 0.50 5.51 0.24
CA LEU A 24 0.39 5.62 -1.21
C LEU A 24 1.78 5.59 -1.82
N ASP A 25 2.67 6.41 -1.28
CA ASP A 25 4.06 6.43 -1.73
C ASP A 25 4.77 5.15 -1.31
N TRP A 26 4.35 4.57 -0.19
CA TRP A 26 4.88 3.30 0.27
C TRP A 26 4.61 2.22 -0.77
N LEU A 27 3.39 2.21 -1.29
CA LEU A 27 2.99 1.23 -2.30
C LEU A 27 3.78 1.41 -3.58
N LYS A 28 4.15 2.65 -3.88
CA LYS A 28 4.98 2.95 -5.04
C LYS A 28 6.31 2.21 -4.95
N GLU A 29 6.94 2.32 -3.79
CA GLU A 29 8.19 1.62 -3.53
C GLU A 29 7.96 0.12 -3.43
N ALA A 30 6.83 -0.26 -2.85
CA ALA A 30 6.48 -1.67 -2.67
C ALA A 30 6.37 -2.38 -4.02
N LEU A 31 5.64 -1.77 -4.94
CA LEU A 31 5.47 -2.33 -6.28
C LEU A 31 6.75 -2.17 -7.10
N GLY A 32 7.51 -1.12 -6.81
CA GLY A 32 8.78 -0.91 -7.47
C GLY A 32 8.61 -0.45 -8.91
N ASN A 33 7.37 -0.21 -9.30
CA ASN A 33 7.06 0.23 -10.66
C ASN A 33 5.91 1.20 -10.62
N ASP A 34 6.16 2.42 -11.08
CA ASP A 34 5.14 3.45 -11.12
C ASP A 34 4.02 3.09 -12.09
N GLY A 35 4.34 2.24 -13.05
CA GLY A 35 3.35 1.77 -14.01
C GLY A 35 2.37 0.80 -13.39
N GLU A 36 2.87 -0.09 -12.54
CA GLU A 36 1.99 -1.03 -11.86
C GLU A 36 1.32 -0.35 -10.67
N PHE A 37 1.98 0.64 -10.13
CA PHE A 37 1.40 1.47 -9.08
C PHE A 37 0.27 2.32 -9.66
N ASP A 38 0.37 2.58 -10.96
CA ASP A 38 -0.65 3.32 -11.69
C ASP A 38 -1.97 2.60 -11.67
N LYS A 39 -1.91 1.28 -11.86
CA LYS A 39 -3.12 0.45 -11.91
C LYS A 39 -3.95 0.62 -10.63
N PHE A 40 -3.27 0.78 -9.50
CA PHE A 40 -3.93 0.97 -8.22
C PHE A 40 -4.62 2.33 -8.18
N LEU A 41 -3.99 3.31 -8.81
CA LEU A 41 -4.49 4.68 -8.84
C LEU A 41 -5.72 4.82 -9.73
N GLY A 42 -6.04 3.75 -10.44
CA GLY A 42 -7.19 3.77 -11.33
C GLY A 42 -8.35 2.97 -10.79
N TYR A 43 -8.25 2.57 -9.52
CA TYR A 43 -9.31 1.80 -8.88
C TYR A 43 -10.33 2.71 -8.22
N ASP A 44 -11.35 2.10 -7.64
CA ASP A 44 -12.38 2.86 -6.93
C ASP A 44 -11.84 3.42 -5.63
N GLU A 45 -12.24 4.64 -5.29
CA GLU A 45 -11.80 5.28 -4.06
C GLU A 45 -12.13 4.42 -2.85
N SER A 46 -13.29 3.78 -2.88
CA SER A 46 -13.73 2.96 -1.76
C SER A 46 -12.83 1.73 -1.64
N LYS A 47 -12.33 1.23 -2.76
CA LYS A 47 -11.45 0.07 -2.73
C LYS A 47 -10.05 0.52 -2.34
N ILE A 48 -9.63 1.65 -2.89
CA ILE A 48 -8.31 2.22 -2.62
C ILE A 48 -8.12 2.52 -1.13
N LYS A 49 -9.07 3.25 -0.55
CA LYS A 49 -8.96 3.61 0.86
C LYS A 49 -8.95 2.38 1.75
N THR A 50 -9.77 1.38 1.39
CA THR A 50 -9.81 0.14 2.14
C THR A 50 -8.45 -0.56 2.11
N ALA A 51 -7.84 -0.59 0.93
CA ALA A 51 -6.53 -1.21 0.76
C ALA A 51 -5.46 -0.49 1.58
N LEU A 52 -5.38 0.82 1.40
CA LEU A 52 -4.35 1.62 2.06
C LEU A 52 -4.53 1.62 3.58
N ASP A 53 -5.77 1.75 4.03
CA ASP A 53 -6.03 1.79 5.47
C ASP A 53 -5.71 0.45 6.11
N HIS A 54 -5.93 -0.62 5.35
CA HIS A 54 -5.58 -1.97 5.78
C HIS A 54 -4.06 -2.09 5.90
N ILE A 55 -3.35 -1.64 4.87
CA ILE A 55 -1.90 -1.61 4.89
C ILE A 55 -1.39 -0.87 6.13
N LYS A 56 -1.99 0.29 6.40
CA LYS A 56 -1.66 1.08 7.58
C LYS A 56 -1.89 0.27 8.86
N SER A 57 -3.02 -0.42 8.92
CA SER A 57 -3.36 -1.23 10.08
C SER A 57 -2.33 -2.35 10.29
N GLU A 58 -1.97 -3.02 9.20
CA GLU A 58 -0.96 -4.06 9.25
C GLU A 58 0.41 -3.50 9.62
N LEU A 59 0.79 -2.40 8.98
CA LEU A 59 2.08 -1.77 9.22
C LEU A 59 2.20 -1.26 10.65
N ASP A 60 1.08 -0.85 11.22
CA ASP A 60 1.02 -0.37 12.60
C ASP A 60 1.41 -1.47 13.59
N LYS A 61 1.26 -2.72 13.15
CA LYS A 61 1.61 -3.87 13.99
C LYS A 61 3.13 -4.04 14.09
N CYS A 62 3.84 -3.41 13.18
CA CYS A 62 5.29 -3.57 13.11
C CYS A 62 6.02 -2.26 13.35
N ASN A 63 6.39 -2.04 14.61
CA ASN A 63 7.18 -0.88 14.99
C ASN A 63 8.42 -1.32 15.75
N GLY A 64 9.51 -1.49 15.02
CA GLY A 64 10.75 -1.92 15.62
C GLY A 64 11.81 -2.20 14.58
N ASN A 65 12.92 -2.77 15.01
CA ASN A 65 14.05 -3.03 14.11
C ASN A 65 13.74 -4.18 13.17
N ASP A 66 13.39 -5.31 13.76
CA ASP A 66 13.06 -6.51 13.00
C ASP A 66 11.80 -6.27 12.18
N ALA A 67 10.96 -5.39 12.71
CA ALA A 67 9.69 -5.06 12.11
C ALA A 67 9.88 -4.43 10.73
N ASP A 68 11.01 -3.78 10.51
CA ASP A 68 11.30 -3.15 9.23
C ASP A 68 11.37 -4.20 8.13
N GLN A 69 12.03 -5.31 8.42
CA GLN A 69 12.15 -6.40 7.46
C GLN A 69 10.79 -7.01 7.18
N GLN A 70 9.98 -7.14 8.23
CA GLN A 70 8.63 -7.67 8.10
C GLN A 70 7.80 -6.78 7.18
N LYS A 71 7.92 -5.47 7.35
CA LYS A 71 7.20 -4.51 6.53
C LYS A 71 7.74 -4.50 5.10
N THR A 72 9.06 -4.67 4.97
CA THR A 72 9.68 -4.74 3.66
C THR A 72 9.24 -5.99 2.91
N THR A 73 9.08 -7.09 3.65
CA THR A 73 8.56 -8.33 3.08
C THR A 73 7.08 -8.18 2.75
N PHE A 74 6.40 -7.36 3.53
CA PHE A 74 4.98 -7.11 3.36
C PHE A 74 4.72 -6.43 2.03
N LYS A 75 5.71 -5.69 1.55
CA LYS A 75 5.65 -5.07 0.24
C LYS A 75 5.40 -6.11 -0.85
N GLN A 76 6.02 -7.27 -0.69
CA GLN A 76 5.89 -8.34 -1.64
C GLN A 76 4.56 -9.07 -1.45
N THR A 77 4.07 -9.06 -0.22
CA THR A 77 2.75 -9.58 0.08
C THR A 77 1.69 -8.73 -0.61
N VAL A 78 1.83 -7.41 -0.48
CA VAL A 78 0.98 -6.47 -1.17
C VAL A 78 1.14 -6.61 -2.69
N GLN A 79 2.36 -6.91 -3.12
CA GLN A 79 2.66 -7.20 -4.51
C GLN A 79 1.78 -8.33 -5.05
N GLY A 80 1.52 -9.31 -4.20
CA GLY A 80 0.70 -10.45 -4.60
C GLY A 80 -0.78 -10.17 -4.44
N ALA A 81 -1.11 -8.97 -3.97
CA ALA A 81 -2.50 -8.59 -3.77
C ALA A 81 -3.05 -7.82 -4.97
N LEU A 82 -2.50 -6.63 -5.22
CA LEU A 82 -3.05 -5.73 -6.24
C LEU A 82 -2.71 -6.18 -7.65
N SER A 83 -1.97 -7.25 -7.75
CA SER A 83 -1.65 -7.83 -9.04
C SER A 83 -2.87 -8.59 -9.57
N GLY A 84 -3.57 -9.24 -8.65
CA GLY A 84 -4.77 -9.96 -9.01
C GLY A 84 -6.00 -9.07 -8.98
N GLY A 85 -6.05 -8.19 -7.99
CA GLY A 85 -7.20 -7.32 -7.87
C GLY A 85 -7.26 -6.68 -6.50
N ILE A 86 -7.87 -5.52 -6.44
CA ILE A 86 -7.98 -4.77 -5.20
C ILE A 86 -9.23 -5.19 -4.43
N ASP A 87 -10.19 -5.77 -5.14
CA ASP A 87 -11.44 -6.20 -4.51
C ASP A 87 -11.20 -7.49 -3.74
N GLY A 88 -10.04 -8.09 -3.95
CA GLY A 88 -9.66 -9.27 -3.21
C GLY A 88 -8.61 -8.97 -2.17
N PHE A 89 -8.39 -7.67 -1.94
CA PHE A 89 -7.38 -7.22 -0.99
C PHE A 89 -7.95 -7.26 0.42
N GLY A 90 -7.32 -8.04 1.28
CA GLY A 90 -7.76 -8.14 2.65
C GLY A 90 -6.82 -8.97 3.49
N SER A 91 -7.31 -9.43 4.63
CA SER A 91 -6.51 -10.19 5.58
C SER A 91 -6.25 -11.61 5.07
N ASN A 92 -6.83 -11.95 3.92
CA ASN A 92 -6.65 -13.26 3.32
C ASN A 92 -5.35 -13.30 2.53
N ASN A 93 -5.01 -12.19 1.89
CA ASN A 93 -3.85 -12.18 0.99
C ASN A 93 -2.81 -11.14 1.41
N ALA A 94 -3.18 -10.24 2.31
CA ALA A 94 -2.25 -9.21 2.77
C ALA A 94 -2.35 -9.01 4.28
N VAL A 95 -1.36 -9.52 5.01
CA VAL A 95 -1.30 -9.33 6.46
C VAL A 95 0.13 -9.22 6.93
N THR A 96 0.35 -8.55 8.04
CA THR A 96 1.65 -8.52 8.67
C THR A 96 1.69 -9.48 9.84
N THR A 97 2.49 -10.52 9.70
CA THR A 97 2.70 -11.47 10.78
C THR A 97 3.64 -10.90 11.86
N CYS A 98 3.30 -9.71 12.34
CA CYS A 98 4.11 -9.02 13.33
C CYS A 98 3.84 -9.56 14.74
N GLY A 99 3.86 -10.87 14.87
CA GLY A 99 3.65 -11.49 16.17
C GLY A 99 4.96 -11.78 16.86
N ASN A 100 5.68 -10.74 17.18
CA ASN A 100 7.00 -10.88 17.78
C ASN A 100 6.90 -11.29 19.24
N GLY A 101 7.72 -12.26 19.63
CA GLY A 101 7.72 -12.74 20.99
C GLY A 101 8.25 -14.16 21.08
N SER A 102 8.55 -14.61 22.28
CA SER A 102 9.05 -15.95 22.49
C SER A 102 8.39 -16.57 23.72
N GLY A 1 4.58 16.31 -9.70
CA GLY A 1 5.24 15.16 -10.36
C GLY A 1 6.66 15.47 -10.75
N ALA A 2 7.42 14.43 -11.04
CA ALA A 2 8.83 14.59 -11.40
C ALA A 2 8.95 15.23 -12.79
N MET A 3 8.57 14.48 -13.82
CA MET A 3 8.58 14.99 -15.18
C MET A 3 7.16 15.13 -15.70
N GLY A 4 6.73 16.36 -15.89
CA GLY A 4 5.37 16.62 -16.35
C GLY A 4 4.51 17.15 -15.23
N PRO A 5 3.19 16.92 -15.29
CA PRO A 5 2.26 17.36 -14.26
C PRO A 5 2.16 16.36 -13.12
N LYS A 6 1.51 16.76 -12.04
CA LYS A 6 1.23 15.85 -10.95
C LYS A 6 0.29 14.73 -11.41
N SER A 7 0.64 13.51 -11.05
CA SER A 7 -0.02 12.34 -11.59
C SER A 7 -1.14 11.84 -10.69
N LYS A 8 -1.72 10.68 -11.05
CA LYS A 8 -2.89 10.15 -10.37
C LYS A 8 -2.67 9.98 -8.88
N GLU A 9 -1.48 9.52 -8.48
CA GLU A 9 -1.19 9.35 -7.07
C GLU A 9 -1.22 10.70 -6.36
N GLU A 10 -0.71 11.73 -7.03
CA GLU A 10 -0.65 13.05 -6.44
C GLU A 10 -2.04 13.66 -6.35
N LEU A 11 -2.90 13.27 -7.27
CA LEU A 11 -4.29 13.72 -7.25
C LEU A 11 -5.06 12.96 -6.17
N LEU A 12 -4.75 11.68 -6.03
CA LEU A 12 -5.42 10.80 -5.08
C LEU A 12 -5.08 11.19 -3.64
N ARG A 13 -3.80 11.52 -3.40
CA ARG A 13 -3.34 11.85 -2.07
C ARG A 13 -3.94 13.16 -1.57
N GLU A 14 -4.48 13.95 -2.48
CA GLU A 14 -5.17 15.19 -2.12
C GLU A 14 -6.51 14.86 -1.45
N LYS A 15 -7.08 13.74 -1.86
CA LYS A 15 -8.34 13.27 -1.31
C LYS A 15 -8.13 12.23 -0.23
N LEU A 16 -6.87 11.97 0.08
CA LEU A 16 -6.50 10.97 1.07
C LEU A 16 -6.24 11.63 2.42
N SER A 17 -6.06 10.80 3.43
CA SER A 17 -5.65 11.27 4.75
C SER A 17 -4.15 11.50 4.76
N GLU A 18 -3.64 12.09 5.84
CA GLU A 18 -2.22 12.37 5.95
C GLU A 18 -1.43 11.07 6.01
N ASP A 19 -2.01 10.08 6.69
CA ASP A 19 -1.40 8.75 6.79
C ASP A 19 -1.41 8.08 5.42
N GLN A 20 -2.59 8.12 4.79
CA GLN A 20 -2.81 7.46 3.51
C GLN A 20 -1.84 7.98 2.43
N LYS A 21 -1.48 9.27 2.53
CA LYS A 21 -0.54 9.88 1.58
C LYS A 21 0.78 9.14 1.57
N THR A 22 1.25 8.76 2.75
CA THR A 22 2.52 8.07 2.88
C THR A 22 2.41 6.64 2.37
N HIS A 23 1.30 5.98 2.67
CA HIS A 23 1.08 4.60 2.25
C HIS A 23 0.89 4.50 0.75
N LEU A 24 0.37 5.56 0.15
CA LEU A 24 0.21 5.62 -1.29
C LEU A 24 1.56 5.56 -1.98
N ASP A 25 2.47 6.41 -1.56
CA ASP A 25 3.82 6.43 -2.12
C ASP A 25 4.59 5.19 -1.69
N TRP A 26 4.27 4.69 -0.50
CA TRP A 26 4.83 3.45 0.01
C TRP A 26 4.54 2.30 -0.98
N LEU A 27 3.30 2.22 -1.43
CA LEU A 27 2.89 1.22 -2.41
C LEU A 27 3.65 1.41 -3.72
N LYS A 28 3.89 2.66 -4.07
CA LYS A 28 4.67 2.99 -5.25
C LYS A 28 6.05 2.37 -5.16
N GLU A 29 6.69 2.55 -4.01
CA GLU A 29 8.01 2.00 -3.78
C GLU A 29 7.95 0.47 -3.71
N ALA A 30 6.86 -0.04 -3.16
CA ALA A 30 6.66 -1.48 -3.04
C ALA A 30 6.63 -2.14 -4.41
N LEU A 31 5.88 -1.54 -5.32
CA LEU A 31 5.78 -2.05 -6.67
C LEU A 31 7.04 -1.72 -7.47
N GLY A 32 7.49 -0.48 -7.37
CA GLY A 32 8.68 -0.07 -8.09
C GLY A 32 8.41 0.15 -9.57
N ASN A 33 7.14 0.19 -9.93
CA ASN A 33 6.72 0.35 -11.31
C ASN A 33 5.54 1.30 -11.37
N ASP A 34 5.67 2.37 -12.15
CA ASP A 34 4.61 3.35 -12.29
C ASP A 34 3.39 2.72 -12.96
N GLY A 35 3.66 1.82 -13.89
CA GLY A 35 2.59 1.14 -14.61
C GLY A 35 1.78 0.22 -13.72
N GLU A 36 2.44 -0.53 -12.85
CA GLU A 36 1.74 -1.45 -11.95
C GLU A 36 0.99 -0.68 -10.89
N PHE A 37 1.62 0.39 -10.39
CA PHE A 37 1.00 1.25 -9.39
C PHE A 37 -0.15 2.04 -10.02
N ASP A 38 -0.01 2.30 -11.31
CA ASP A 38 -1.05 2.96 -12.11
C ASP A 38 -2.36 2.18 -12.06
N LYS A 39 -2.24 0.86 -12.20
CA LYS A 39 -3.39 -0.03 -12.20
C LYS A 39 -4.19 0.11 -10.89
N PHE A 40 -3.48 0.27 -9.78
CA PHE A 40 -4.11 0.45 -8.48
C PHE A 40 -4.86 1.78 -8.43
N LEU A 41 -4.27 2.78 -9.06
CA LEU A 41 -4.85 4.12 -9.10
C LEU A 41 -6.07 4.16 -10.03
N GLY A 42 -6.28 3.07 -10.76
CA GLY A 42 -7.42 2.99 -11.65
C GLY A 42 -8.57 2.22 -11.04
N TYR A 43 -8.58 2.13 -9.72
CA TYR A 43 -9.64 1.43 -9.01
C TYR A 43 -10.63 2.41 -8.39
N ASP A 44 -11.60 1.85 -7.67
CA ASP A 44 -12.56 2.63 -6.90
C ASP A 44 -11.87 3.20 -5.68
N GLU A 45 -12.01 4.50 -5.46
CA GLU A 45 -11.44 5.12 -4.29
C GLU A 45 -11.93 4.46 -3.02
N SER A 46 -13.18 4.01 -3.04
CA SER A 46 -13.77 3.33 -1.90
C SER A 46 -12.97 2.07 -1.58
N LYS A 47 -12.48 1.42 -2.63
CA LYS A 47 -11.66 0.24 -2.48
C LYS A 47 -10.21 0.64 -2.19
N ILE A 48 -9.80 1.74 -2.80
CA ILE A 48 -8.46 2.27 -2.63
C ILE A 48 -8.20 2.71 -1.18
N LYS A 49 -9.14 3.45 -0.59
CA LYS A 49 -8.97 3.88 0.80
C LYS A 49 -8.81 2.67 1.70
N THR A 50 -9.65 1.67 1.47
CA THR A 50 -9.63 0.45 2.24
C THR A 50 -8.30 -0.28 2.08
N ALA A 51 -7.84 -0.41 0.84
CA ALA A 51 -6.56 -1.05 0.56
C ALA A 51 -5.42 -0.33 1.27
N LEU A 52 -5.38 0.98 1.13
CA LEU A 52 -4.35 1.81 1.75
C LEU A 52 -4.41 1.71 3.27
N ASP A 53 -5.61 1.74 3.81
CA ASP A 53 -5.81 1.73 5.26
C ASP A 53 -5.58 0.34 5.82
N HIS A 54 -5.73 -0.68 4.99
CA HIS A 54 -5.42 -2.05 5.39
C HIS A 54 -3.90 -2.23 5.46
N ILE A 55 -3.20 -1.69 4.47
CA ILE A 55 -1.74 -1.64 4.51
C ILE A 55 -1.30 -0.97 5.79
N LYS A 56 -1.87 0.19 6.02
CA LYS A 56 -1.69 0.96 7.25
C LYS A 56 -2.00 0.11 8.49
N SER A 57 -3.04 -0.71 8.41
CA SER A 57 -3.46 -1.56 9.53
C SER A 57 -2.38 -2.61 9.84
N GLU A 58 -1.99 -3.38 8.84
CA GLU A 58 -0.98 -4.42 9.04
C GLU A 58 0.36 -3.80 9.42
N LEU A 59 0.71 -2.67 8.82
CA LEU A 59 1.96 -1.99 9.14
C LEU A 59 2.03 -1.60 10.61
N ASP A 60 0.85 -1.44 11.22
CA ASP A 60 0.73 -1.13 12.65
C ASP A 60 1.13 -2.33 13.50
N LYS A 61 0.95 -3.53 12.93
CA LYS A 61 1.18 -4.76 13.67
C LYS A 61 2.68 -4.95 13.94
N CYS A 62 3.49 -4.45 13.02
CA CYS A 62 4.93 -4.54 13.15
C CYS A 62 5.49 -3.25 13.75
N ASN A 63 5.77 -3.28 15.05
CA ASN A 63 6.31 -2.13 15.75
C ASN A 63 7.31 -2.60 16.80
N GLY A 64 8.58 -2.42 16.49
CA GLY A 64 9.63 -2.88 17.37
C GLY A 64 10.96 -2.98 16.65
N ASN A 65 11.83 -3.86 17.14
CA ASN A 65 13.19 -4.01 16.60
C ASN A 65 13.20 -4.39 15.12
N ASP A 66 12.48 -5.45 14.78
CA ASP A 66 12.50 -5.99 13.42
C ASP A 66 11.38 -5.41 12.56
N ALA A 67 10.78 -4.33 13.03
CA ALA A 67 9.57 -3.79 12.40
C ALA A 67 9.83 -3.29 10.98
N ASP A 68 10.86 -2.48 10.80
CA ASP A 68 11.11 -1.84 9.51
C ASP A 68 11.33 -2.88 8.41
N GLN A 69 12.03 -3.96 8.75
CA GLN A 69 12.31 -5.01 7.78
C GLN A 69 11.05 -5.79 7.44
N GLN A 70 10.20 -6.01 8.42
CA GLN A 70 8.92 -6.65 8.18
C GLN A 70 8.03 -5.74 7.32
N LYS A 71 8.13 -4.44 7.55
CA LYS A 71 7.45 -3.46 6.72
C LYS A 71 7.97 -3.53 5.29
N THR A 72 9.28 -3.76 5.17
CA THR A 72 9.91 -3.92 3.85
C THR A 72 9.45 -5.22 3.19
N THR A 73 9.28 -6.26 3.99
CA THR A 73 8.80 -7.54 3.50
C THR A 73 7.35 -7.42 3.04
N PHE A 74 6.59 -6.57 3.72
CA PHE A 74 5.17 -6.39 3.44
C PHE A 74 4.96 -5.85 2.03
N LYS A 75 5.97 -5.12 1.53
CA LYS A 75 5.94 -4.62 0.16
C LYS A 75 5.71 -5.76 -0.83
N GLN A 76 6.40 -6.87 -0.60
CA GLN A 76 6.36 -8.01 -1.49
C GLN A 76 5.02 -8.73 -1.41
N THR A 77 4.41 -8.67 -0.24
CA THR A 77 3.10 -9.26 -0.04
C THR A 77 2.05 -8.47 -0.83
N VAL A 78 2.12 -7.15 -0.73
CA VAL A 78 1.20 -6.28 -1.43
C VAL A 78 1.36 -6.41 -2.95
N GLN A 79 2.58 -6.67 -3.41
CA GLN A 79 2.84 -6.94 -4.81
C GLN A 79 1.93 -8.06 -5.32
N GLY A 80 1.83 -9.12 -4.52
CA GLY A 80 0.99 -10.24 -4.86
C GLY A 80 -0.38 -10.15 -4.23
N ALA A 81 -0.83 -8.94 -3.96
CA ALA A 81 -2.16 -8.72 -3.39
C ALA A 81 -3.08 -8.10 -4.43
N LEU A 82 -2.61 -7.06 -5.12
CA LEU A 82 -3.42 -6.35 -6.09
C LEU A 82 -3.47 -7.09 -7.42
N SER A 83 -2.98 -8.31 -7.43
CA SER A 83 -3.00 -9.14 -8.62
C SER A 83 -4.32 -9.91 -8.69
N GLY A 84 -4.85 -10.26 -7.52
CA GLY A 84 -6.10 -10.98 -7.47
C GLY A 84 -7.30 -10.04 -7.49
N GLY A 85 -7.04 -8.76 -7.39
CA GLY A 85 -8.10 -7.78 -7.37
C GLY A 85 -8.10 -7.01 -6.07
N ILE A 86 -8.47 -5.74 -6.14
CA ILE A 86 -8.50 -4.90 -4.95
C ILE A 86 -9.70 -5.26 -4.08
N ASP A 87 -10.68 -5.92 -4.70
CA ASP A 87 -11.85 -6.43 -3.99
C ASP A 87 -11.42 -7.47 -2.98
N GLY A 88 -10.48 -8.33 -3.39
CA GLY A 88 -10.00 -9.38 -2.51
C GLY A 88 -8.79 -8.95 -1.72
N PHE A 89 -8.43 -7.68 -1.85
CA PHE A 89 -7.32 -7.12 -1.10
C PHE A 89 -7.71 -7.01 0.37
N GLY A 90 -6.95 -7.67 1.21
CA GLY A 90 -7.21 -7.66 2.62
C GLY A 90 -6.36 -8.67 3.32
N SER A 91 -6.91 -9.29 4.36
CA SER A 91 -6.16 -10.22 5.18
C SER A 91 -6.07 -11.58 4.47
N ASN A 92 -6.62 -11.62 3.26
CA ASN A 92 -6.55 -12.80 2.41
C ASN A 92 -5.16 -12.89 1.80
N ASN A 93 -4.62 -11.74 1.43
CA ASN A 93 -3.30 -11.67 0.80
C ASN A 93 -2.34 -10.88 1.68
N ALA A 94 -2.66 -9.61 1.86
CA ALA A 94 -1.74 -8.68 2.49
C ALA A 94 -1.82 -8.79 4.01
N VAL A 95 -0.87 -9.50 4.59
CA VAL A 95 -0.79 -9.63 6.02
C VAL A 95 0.63 -9.47 6.51
N THR A 96 0.78 -8.81 7.64
CA THR A 96 2.05 -8.74 8.31
C THR A 96 2.24 -9.95 9.21
N THR A 97 3.24 -10.74 8.87
CA THR A 97 3.60 -11.94 9.62
C THR A 97 4.01 -11.63 11.06
N CYS A 98 4.00 -10.36 11.43
CA CYS A 98 4.24 -9.94 12.81
C CYS A 98 3.02 -10.30 13.68
N GLY A 99 1.91 -10.58 13.02
CA GLY A 99 0.69 -10.90 13.72
C GLY A 99 -0.12 -11.97 13.02
N ASN A 100 -0.49 -11.72 11.77
CA ASN A 100 -1.33 -12.64 11.03
C ASN A 100 -0.51 -13.37 9.96
N GLY A 101 -1.18 -14.00 9.01
CA GLY A 101 -0.51 -14.82 8.02
C GLY A 101 -0.71 -16.28 8.32
N SER A 102 -0.49 -16.63 9.59
CA SER A 102 -0.81 -17.93 10.12
C SER A 102 -1.19 -17.79 11.58
N GLY A 1 13.20 13.12 -9.70
CA GLY A 1 13.13 14.55 -10.09
C GLY A 1 11.79 14.89 -10.70
N ALA A 2 11.67 16.11 -11.22
CA ALA A 2 10.44 16.56 -11.84
C ALA A 2 10.34 16.02 -13.25
N MET A 3 9.23 15.37 -13.56
CA MET A 3 9.02 14.83 -14.89
C MET A 3 8.09 15.72 -15.70
N GLY A 4 7.28 16.51 -15.00
CA GLY A 4 6.37 17.41 -15.67
C GLY A 4 5.10 17.62 -14.88
N PRO A 5 3.96 17.30 -15.48
CA PRO A 5 2.64 17.42 -14.85
C PRO A 5 2.47 16.49 -13.66
N LYS A 6 1.28 16.52 -13.06
CA LYS A 6 0.97 15.69 -11.92
C LYS A 6 0.52 14.31 -12.38
N SER A 7 0.56 13.35 -11.47
CA SER A 7 0.18 11.99 -11.79
C SER A 7 -1.15 11.65 -11.13
N LYS A 8 -1.74 10.52 -11.51
CA LYS A 8 -3.00 10.08 -10.90
C LYS A 8 -2.83 9.90 -9.40
N GLU A 9 -1.63 9.50 -8.99
CA GLU A 9 -1.30 9.34 -7.58
C GLU A 9 -1.43 10.69 -6.85
N GLU A 10 -1.07 11.75 -7.55
CA GLU A 10 -1.11 13.09 -7.00
C GLU A 10 -2.56 13.55 -6.87
N LEU A 11 -3.34 13.26 -7.89
CA LEU A 11 -4.75 13.62 -7.89
C LEU A 11 -5.53 12.80 -6.88
N LEU A 12 -5.10 11.55 -6.71
CA LEU A 12 -5.74 10.63 -5.78
C LEU A 12 -5.44 10.99 -4.33
N ARG A 13 -4.18 11.30 -4.05
CA ARG A 13 -3.73 11.58 -2.68
C ARG A 13 -4.43 12.81 -2.11
N GLU A 14 -4.98 13.65 -2.97
CA GLU A 14 -5.76 14.81 -2.54
C GLU A 14 -7.02 14.35 -1.81
N LYS A 15 -7.63 13.28 -2.32
CA LYS A 15 -8.85 12.73 -1.76
C LYS A 15 -8.56 11.75 -0.63
N LEU A 16 -7.28 11.47 -0.44
CA LEU A 16 -6.83 10.58 0.61
C LEU A 16 -6.48 11.37 1.87
N SER A 17 -6.50 10.71 3.00
CA SER A 17 -6.11 11.34 4.25
C SER A 17 -4.60 11.31 4.39
N GLU A 18 -4.07 11.93 5.44
CA GLU A 18 -2.63 12.11 5.60
C GLU A 18 -1.93 10.77 5.72
N ASP A 19 -2.59 9.86 6.41
CA ASP A 19 -2.06 8.52 6.60
C ASP A 19 -2.04 7.76 5.29
N GLN A 20 -3.11 7.91 4.51
CA GLN A 20 -3.25 7.21 3.24
C GLN A 20 -2.26 7.75 2.21
N LYS A 21 -1.99 9.05 2.26
CA LYS A 21 -0.99 9.67 1.38
C LYS A 21 0.37 9.04 1.62
N THR A 22 0.67 8.79 2.88
CA THR A 22 1.95 8.22 3.27
C THR A 22 2.09 6.79 2.76
N HIS A 23 1.05 5.99 2.97
CA HIS A 23 1.06 4.59 2.52
C HIS A 23 0.91 4.52 1.00
N LEU A 24 0.42 5.60 0.41
CA LEU A 24 0.34 5.70 -1.05
C LEU A 24 1.75 5.68 -1.64
N ASP A 25 2.62 6.53 -1.09
CA ASP A 25 4.02 6.56 -1.52
C ASP A 25 4.71 5.25 -1.17
N TRP A 26 4.36 4.70 0.00
CA TRP A 26 4.89 3.42 0.43
C TRP A 26 4.54 2.31 -0.56
N LEU A 27 3.29 2.31 -1.02
CA LEU A 27 2.81 1.27 -1.94
C LEU A 27 3.53 1.40 -3.28
N LYS A 28 3.91 2.63 -3.62
CA LYS A 28 4.71 2.86 -4.81
C LYS A 28 5.98 2.01 -4.78
N GLU A 29 6.65 2.03 -3.63
CA GLU A 29 7.84 1.21 -3.43
C GLU A 29 7.45 -0.27 -3.31
N ALA A 30 6.26 -0.52 -2.78
CA ALA A 30 5.78 -1.87 -2.59
C ALA A 30 5.68 -2.62 -3.91
N LEU A 31 5.01 -2.00 -4.88
CA LEU A 31 4.84 -2.62 -6.19
C LEU A 31 6.08 -2.38 -7.06
N GLY A 32 6.76 -1.27 -6.83
CA GLY A 32 7.96 -0.96 -7.58
C GLY A 32 7.65 -0.46 -8.98
N ASN A 33 6.96 -1.28 -9.75
CA ASN A 33 6.57 -0.94 -11.11
C ASN A 33 5.51 0.16 -11.11
N ASP A 34 5.80 1.26 -11.78
CA ASP A 34 4.89 2.39 -11.84
C ASP A 34 3.61 1.98 -12.55
N GLY A 35 3.72 1.05 -13.48
CA GLY A 35 2.57 0.57 -14.23
C GLY A 35 1.54 -0.13 -13.37
N GLU A 36 2.01 -1.00 -12.47
CA GLU A 36 1.11 -1.72 -11.57
C GLU A 36 0.54 -0.79 -10.51
N PHE A 37 1.36 0.15 -10.07
CA PHE A 37 0.92 1.13 -9.08
C PHE A 37 -0.06 2.11 -9.73
N ASP A 38 0.18 2.38 -11.02
CA ASP A 38 -0.73 3.18 -11.85
C ASP A 38 -2.12 2.58 -11.84
N LYS A 39 -2.16 1.26 -11.97
CA LYS A 39 -3.39 0.48 -11.92
C LYS A 39 -4.18 0.76 -10.64
N PHE A 40 -3.47 0.79 -9.51
CA PHE A 40 -4.07 1.04 -8.21
C PHE A 40 -4.72 2.42 -8.16
N LEU A 41 -4.11 3.37 -8.85
CA LEU A 41 -4.56 4.76 -8.82
C LEU A 41 -5.87 4.95 -9.57
N GLY A 42 -6.26 3.94 -10.34
CA GLY A 42 -7.47 4.03 -11.12
C GLY A 42 -8.57 3.11 -10.63
N TYR A 43 -8.58 2.85 -9.33
CA TYR A 43 -9.59 1.98 -8.74
C TYR A 43 -10.67 2.78 -8.02
N ASP A 44 -11.61 2.04 -7.44
CA ASP A 44 -12.69 2.64 -6.65
C ASP A 44 -12.13 3.44 -5.50
N GLU A 45 -12.61 4.66 -5.40
CA GLU A 45 -12.19 5.60 -4.40
C GLU A 45 -12.31 5.00 -3.01
N SER A 46 -13.38 4.26 -2.79
CA SER A 46 -13.64 3.65 -1.50
C SER A 46 -12.73 2.43 -1.28
N LYS A 47 -12.41 1.73 -2.37
CA LYS A 47 -11.56 0.54 -2.29
C LYS A 47 -10.12 0.95 -2.04
N ILE A 48 -9.72 2.02 -2.70
CA ILE A 48 -8.38 2.55 -2.56
C ILE A 48 -8.10 2.94 -1.10
N LYS A 49 -8.99 3.75 -0.52
CA LYS A 49 -8.89 4.10 0.89
C LYS A 49 -8.86 2.87 1.78
N THR A 50 -9.73 1.91 1.51
CA THR A 50 -9.78 0.68 2.30
C THR A 50 -8.46 -0.08 2.20
N ALA A 51 -7.92 -0.20 0.98
CA ALA A 51 -6.65 -0.89 0.77
C ALA A 51 -5.53 -0.20 1.55
N LEU A 52 -5.45 1.12 1.42
CA LEU A 52 -4.41 1.90 2.09
C LEU A 52 -4.55 1.84 3.60
N ASP A 53 -5.78 1.90 4.09
CA ASP A 53 -6.02 1.87 5.52
C ASP A 53 -5.69 0.50 6.09
N HIS A 54 -6.00 -0.55 5.33
CA HIS A 54 -5.64 -1.92 5.70
C HIS A 54 -4.13 -2.04 5.85
N ILE A 55 -3.40 -1.46 4.89
CA ILE A 55 -1.95 -1.43 4.94
C ILE A 55 -1.47 -0.85 6.27
N LYS A 56 -2.03 0.29 6.65
CA LYS A 56 -1.68 0.93 7.92
C LYS A 56 -1.94 0.01 9.09
N SER A 57 -3.06 -0.71 9.04
CA SER A 57 -3.44 -1.61 10.12
C SER A 57 -2.41 -2.73 10.31
N GLU A 58 -2.08 -3.42 9.22
CA GLU A 58 -1.09 -4.48 9.27
C GLU A 58 0.30 -3.92 9.57
N LEU A 59 0.71 -2.91 8.82
CA LEU A 59 2.06 -2.38 8.91
C LEU A 59 2.36 -1.83 10.31
N ASP A 60 1.32 -1.45 11.04
CA ASP A 60 1.47 -0.96 12.40
C ASP A 60 1.84 -2.10 13.35
N LYS A 61 1.29 -3.29 13.08
CA LYS A 61 1.48 -4.45 13.95
C LYS A 61 2.95 -4.83 14.04
N CYS A 62 3.72 -4.51 13.01
CA CYS A 62 5.15 -4.75 13.02
C CYS A 62 5.89 -3.54 13.55
N ASN A 63 6.23 -3.55 14.83
CA ASN A 63 6.89 -2.44 15.46
C ASN A 63 7.87 -2.95 16.51
N GLY A 64 9.15 -2.82 16.20
CA GLY A 64 10.19 -3.29 17.09
C GLY A 64 11.51 -3.41 16.36
N ASN A 65 12.37 -4.29 16.85
CA ASN A 65 13.70 -4.48 16.27
C ASN A 65 13.61 -5.08 14.87
N ASP A 66 12.62 -5.93 14.66
CA ASP A 66 12.46 -6.63 13.39
C ASP A 66 11.60 -5.84 12.41
N ALA A 67 11.02 -4.74 12.88
CA ALA A 67 10.01 -4.02 12.12
C ALA A 67 10.57 -3.43 10.84
N ASP A 68 11.81 -2.95 10.92
CA ASP A 68 12.47 -2.33 9.78
C ASP A 68 12.56 -3.28 8.59
N GLN A 69 12.70 -4.56 8.89
CA GLN A 69 12.80 -5.57 7.86
C GLN A 69 11.41 -6.03 7.45
N GLN A 70 10.52 -6.19 8.43
CA GLN A 70 9.16 -6.61 8.18
C GLN A 70 8.40 -5.58 7.33
N LYS A 71 8.58 -4.30 7.66
CA LYS A 71 7.93 -3.22 6.92
C LYS A 71 8.40 -3.21 5.48
N THR A 72 9.65 -3.62 5.26
CA THR A 72 10.20 -3.69 3.92
C THR A 72 9.70 -4.94 3.20
N THR A 73 9.54 -6.02 3.94
CA THR A 73 9.06 -7.28 3.37
C THR A 73 7.56 -7.23 3.08
N PHE A 74 6.85 -6.40 3.83
CA PHE A 74 5.41 -6.22 3.62
C PHE A 74 5.15 -5.61 2.25
N LYS A 75 6.13 -4.85 1.75
CA LYS A 75 6.08 -4.30 0.41
C LYS A 75 5.94 -5.43 -0.62
N GLN A 76 6.62 -6.53 -0.35
CA GLN A 76 6.63 -7.68 -1.23
C GLN A 76 5.30 -8.42 -1.18
N THR A 77 4.62 -8.29 -0.05
CA THR A 77 3.30 -8.87 0.12
C THR A 77 2.26 -8.18 -0.76
N VAL A 78 2.30 -6.85 -0.76
CA VAL A 78 1.37 -6.04 -1.54
C VAL A 78 1.51 -6.33 -3.04
N GLN A 79 2.70 -6.79 -3.44
CA GLN A 79 2.96 -7.21 -4.81
C GLN A 79 1.97 -8.28 -5.27
N GLY A 80 1.71 -9.24 -4.39
CA GLY A 80 0.82 -10.34 -4.73
C GLY A 80 -0.63 -10.02 -4.42
N ALA A 81 -0.90 -8.77 -4.11
CA ALA A 81 -2.26 -8.35 -3.75
C ALA A 81 -2.95 -7.66 -4.93
N LEU A 82 -2.39 -6.52 -5.36
CA LEU A 82 -3.02 -5.70 -6.39
C LEU A 82 -2.85 -6.29 -7.77
N SER A 83 -2.16 -7.41 -7.83
CA SER A 83 -1.97 -8.12 -9.08
C SER A 83 -3.16 -9.04 -9.34
N GLY A 84 -3.94 -9.28 -8.29
CA GLY A 84 -5.13 -10.10 -8.41
C GLY A 84 -6.40 -9.31 -8.21
N GLY A 85 -6.27 -7.98 -8.17
CA GLY A 85 -7.42 -7.13 -7.99
C GLY A 85 -7.48 -6.52 -6.61
N ILE A 86 -7.89 -5.27 -6.55
CA ILE A 86 -8.00 -4.55 -5.29
C ILE A 86 -9.23 -5.00 -4.52
N ASP A 87 -10.18 -5.58 -5.25
CA ASP A 87 -11.42 -6.08 -4.66
C ASP A 87 -11.11 -7.23 -3.70
N GLY A 88 -10.04 -7.95 -3.98
CA GLY A 88 -9.64 -9.06 -3.13
C GLY A 88 -8.51 -8.68 -2.19
N PHE A 89 -8.21 -7.40 -2.11
CA PHE A 89 -7.15 -6.91 -1.24
C PHE A 89 -7.64 -6.88 0.20
N GLY A 90 -6.99 -7.65 1.06
CA GLY A 90 -7.35 -7.68 2.45
C GLY A 90 -6.51 -8.66 3.22
N SER A 91 -7.02 -9.15 4.33
CA SER A 91 -6.28 -10.09 5.17
C SER A 91 -6.27 -11.49 4.54
N ASN A 92 -6.70 -11.58 3.30
CA ASN A 92 -6.73 -12.85 2.57
C ASN A 92 -5.49 -12.99 1.72
N ASN A 93 -4.73 -11.91 1.58
CA ASN A 93 -3.53 -11.94 0.73
C ASN A 93 -2.48 -10.95 1.21
N ALA A 94 -2.92 -9.84 1.80
CA ALA A 94 -1.99 -8.85 2.35
C ALA A 94 -2.06 -8.83 3.87
N VAL A 95 -1.11 -9.49 4.51
CA VAL A 95 -1.07 -9.56 5.97
C VAL A 95 0.35 -9.41 6.50
N THR A 96 0.46 -8.85 7.69
CA THR A 96 1.72 -8.81 8.40
C THR A 96 1.83 -9.99 9.36
N THR A 97 2.77 -10.88 9.08
CA THR A 97 2.98 -12.05 9.92
C THR A 97 3.89 -11.71 11.11
N CYS A 98 3.63 -10.58 11.73
CA CYS A 98 4.42 -10.13 12.88
C CYS A 98 3.69 -10.45 14.19
N GLY A 99 2.56 -11.14 14.08
CA GLY A 99 1.77 -11.45 15.24
C GLY A 99 1.38 -12.91 15.29
N ASN A 100 2.15 -13.70 16.02
CA ASN A 100 1.85 -15.11 16.18
C ASN A 100 1.08 -15.35 17.47
N GLY A 101 1.26 -14.46 18.43
CA GLY A 101 0.63 -14.63 19.73
C GLY A 101 1.41 -15.60 20.59
N SER A 102 1.27 -16.87 20.28
CA SER A 102 2.01 -17.91 20.98
C SER A 102 3.21 -18.33 20.15
#